data_1FSH
#
_entry.id   1FSH
#
_cell.length_a   1.000
_cell.length_b   1.000
_cell.length_c   1.000
_cell.angle_alpha   90.00
_cell.angle_beta   90.00
_cell.angle_gamma   90.00
#
_symmetry.space_group_name_H-M   'P 1'
#
_entity_poly.entity_id   1
_entity_poly.type   'polypeptide(L)'
_entity_poly.pdbx_seq_one_letter_code
;TSSVPGAPQLEEAPLTVKSDMSAIVRVMQLPDSGLEIRDRMWLKITIANAVIGADVVDWLYTHVEGFKERREARKYASSM
LKHGFLRHTVNKITFSEQCYYVFGD
;
_entity_poly.pdbx_strand_id   A
#
# COMPACT_ATOMS: atom_id res chain seq x y z
N GLU A 12 -16.87 -4.31 6.71
CA GLU A 12 -15.49 -4.41 6.30
C GLU A 12 -15.38 -4.20 4.80
N ALA A 13 -14.25 -3.64 4.35
CA ALA A 13 -14.02 -3.38 2.94
C ALA A 13 -14.41 -4.62 2.13
N PRO A 14 -14.42 -4.47 0.80
CA PRO A 14 -14.75 -5.53 -0.12
C PRO A 14 -13.62 -6.55 -0.17
N LEU A 15 -12.58 -6.32 0.62
CA LEU A 15 -11.44 -7.21 0.67
C LEU A 15 -11.27 -7.77 2.07
N THR A 16 -10.27 -8.64 2.26
CA THR A 16 -10.02 -9.24 3.56
C THR A 16 -8.53 -9.35 3.79
N VAL A 17 -7.80 -9.87 2.79
CA VAL A 17 -6.36 -10.03 2.89
C VAL A 17 -5.86 -10.90 1.76
N LYS A 18 -6.69 -11.87 1.34
CA LYS A 18 -6.33 -12.77 0.25
C LYS A 18 -6.97 -12.31 -1.05
N SER A 19 -7.44 -11.07 -1.06
CA SER A 19 -8.08 -10.51 -2.24
C SER A 19 -7.05 -10.31 -3.34
N ASP A 20 -7.47 -10.43 -4.60
CA ASP A 20 -6.58 -10.26 -5.73
C ASP A 20 -5.62 -9.10 -5.46
N MET A 21 -4.34 -9.41 -5.29
CA MET A 21 -3.33 -8.40 -5.02
C MET A 21 -3.57 -7.19 -5.91
N SER A 22 -3.75 -7.43 -7.22
CA SER A 22 -3.98 -6.36 -8.16
C SER A 22 -5.25 -5.60 -7.79
N ALA A 23 -6.23 -6.32 -7.24
CA ALA A 23 -7.48 -5.72 -6.84
C ALA A 23 -7.27 -4.86 -5.61
N ILE A 24 -6.34 -5.27 -4.74
CA ILE A 24 -6.04 -4.53 -3.52
C ILE A 24 -5.43 -3.18 -3.88
N VAL A 25 -4.31 -3.22 -4.61
CA VAL A 25 -3.62 -2.00 -5.00
C VAL A 25 -4.59 -1.08 -5.73
N ARG A 26 -5.42 -1.66 -6.61
CA ARG A 26 -6.38 -0.88 -7.37
C ARG A 26 -7.31 -0.14 -6.40
N VAL A 27 -7.81 -0.85 -5.39
CA VAL A 27 -8.70 -0.25 -4.41
C VAL A 27 -8.04 0.98 -3.80
N MET A 28 -6.92 0.78 -3.12
CA MET A 28 -6.20 1.88 -2.49
C MET A 28 -6.11 3.06 -3.45
N GLN A 29 -5.85 2.77 -4.73
CA GLN A 29 -5.73 3.80 -5.74
C GLN A 29 -7.05 4.57 -5.83
N LEU A 30 -8.16 3.84 -5.88
CA LEU A 30 -9.47 4.45 -5.97
C LEU A 30 -9.52 5.71 -5.12
N PRO A 31 -10.08 6.79 -5.67
CA PRO A 31 -10.21 8.07 -5.00
C PRO A 31 -11.28 7.98 -3.92
N ASP A 32 -11.88 6.80 -3.76
CA ASP A 32 -12.90 6.58 -2.77
C ASP A 32 -12.60 5.32 -1.98
N SER A 33 -11.31 5.08 -1.70
CA SER A 33 -10.90 3.91 -0.96
C SER A 33 -10.61 4.28 0.49
N GLY A 34 -9.75 5.28 0.68
CA GLY A 34 -9.41 5.74 2.01
C GLY A 34 -7.94 6.16 2.06
N LEU A 35 -7.09 5.42 1.36
CA LEU A 35 -5.67 5.73 1.32
C LEU A 35 -5.40 6.81 0.29
N GLU A 36 -5.86 6.60 -0.94
CA GLU A 36 -5.67 7.56 -2.00
C GLU A 36 -4.19 7.69 -2.32
N ILE A 37 -3.81 7.28 -3.54
CA ILE A 37 -2.43 7.34 -3.97
C ILE A 37 -2.27 8.41 -5.04
N ARG A 38 -1.76 9.58 -4.66
CA ARG A 38 -1.56 10.68 -5.59
C ARG A 38 -0.99 11.87 -4.85
N ASP A 39 -1.40 12.06 -3.59
CA ASP A 39 -0.93 13.17 -2.79
C ASP A 39 -0.81 12.74 -1.34
N ARG A 40 0.34 13.04 -0.72
CA ARG A 40 0.58 12.68 0.66
C ARG A 40 1.51 13.69 1.31
N MET A 41 1.85 13.48 2.58
CA MET A 41 2.72 14.38 3.31
C MET A 41 3.83 13.59 3.98
N TRP A 42 5.03 14.16 4.01
CA TRP A 42 6.17 13.51 4.64
C TRP A 42 7.29 14.51 4.85
N LEU A 43 7.96 14.42 6.01
CA LEU A 43 9.04 15.33 6.34
C LEU A 43 8.51 16.74 6.54
N LYS A 44 7.18 16.86 6.65
CA LYS A 44 6.55 18.15 6.85
C LYS A 44 6.36 18.85 5.51
N ILE A 45 6.45 18.07 4.42
CA ILE A 45 6.29 18.61 3.08
C ILE A 45 5.10 17.95 2.40
N THR A 46 4.80 18.37 1.17
CA THR A 46 3.70 17.81 0.42
C THR A 46 4.20 17.27 -0.91
N ILE A 47 3.81 16.04 -1.24
CA ILE A 47 4.21 15.41 -2.48
C ILE A 47 2.98 15.06 -3.31
N ALA A 48 3.16 14.97 -4.63
CA ALA A 48 2.06 14.66 -5.53
C ALA A 48 2.14 13.20 -5.93
N ASN A 49 2.30 12.31 -4.95
CA ASN A 49 2.39 10.88 -5.22
C ASN A 49 3.23 10.20 -4.15
N ALA A 50 2.57 9.69 -3.11
CA ALA A 50 3.27 9.02 -2.02
C ALA A 50 2.31 8.09 -1.29
N VAL A 51 2.85 7.08 -0.60
CA VAL A 51 2.05 6.14 0.13
C VAL A 51 2.93 5.04 0.69
N ILE A 52 3.70 4.38 -0.17
CA ILE A 52 4.60 3.32 0.24
C ILE A 52 3.80 2.23 0.97
N GLY A 53 4.46 1.11 1.26
CA GLY A 53 3.80 0.01 1.94
C GLY A 53 3.25 0.47 3.29
N ALA A 54 3.93 1.43 3.92
CA ALA A 54 3.52 1.96 5.20
C ALA A 54 2.05 2.38 5.13
N ASP A 55 1.74 3.32 4.23
CA ASP A 55 0.38 3.81 4.07
C ASP A 55 -0.50 2.69 3.54
N VAL A 56 -0.04 1.99 2.51
CA VAL A 56 -0.80 0.90 1.92
C VAL A 56 -1.30 -0.02 3.01
N VAL A 57 -0.48 -0.23 4.05
CA VAL A 57 -0.85 -1.09 5.16
C VAL A 57 -1.92 -0.42 6.00
N ASP A 58 -1.57 0.71 6.63
CA ASP A 58 -2.50 1.44 7.47
C ASP A 58 -3.89 1.40 6.83
N TRP A 59 -3.94 1.37 5.50
CA TRP A 59 -5.21 1.33 4.80
C TRP A 59 -5.83 -0.05 4.93
N LEU A 60 -5.19 -1.05 4.31
CA LEU A 60 -5.69 -2.42 4.35
C LEU A 60 -6.29 -2.71 5.73
N TYR A 61 -5.49 -2.48 6.78
CA TYR A 61 -5.95 -2.72 8.14
C TYR A 61 -7.14 -1.82 8.45
N THR A 62 -7.09 -0.58 7.98
CA THR A 62 -8.16 0.37 8.21
C THR A 62 -9.37 0.01 7.36
N HIS A 63 -9.28 0.23 6.05
CA HIS A 63 -10.36 -0.07 5.14
C HIS A 63 -10.97 -1.43 5.49
N VAL A 64 -10.16 -2.49 5.38
CA VAL A 64 -10.62 -3.83 5.68
C VAL A 64 -9.71 -4.46 6.73
N GLU A 65 -9.68 -5.79 6.78
CA GLU A 65 -8.86 -6.50 7.73
C GLU A 65 -8.89 -8.00 7.42
N GLY A 66 -8.10 -8.77 8.17
CA GLY A 66 -8.05 -10.21 7.98
C GLY A 66 -6.69 -10.75 8.44
N PHE A 67 -5.69 -9.87 8.52
CA PHE A 67 -4.36 -10.27 8.96
C PHE A 67 -4.34 -10.45 10.46
N LYS A 68 -3.50 -11.37 10.94
CA LYS A 68 -3.39 -11.63 12.36
C LYS A 68 -3.07 -10.35 13.10
N GLU A 69 -1.91 -9.75 12.80
CA GLU A 69 -1.50 -8.52 13.45
C GLU A 69 -0.61 -7.71 12.50
N ARG A 70 0.14 -6.76 13.06
CA ARG A 70 1.02 -5.93 12.26
C ARG A 70 1.93 -6.80 11.41
N ARG A 71 2.13 -8.06 11.84
CA ARG A 71 2.98 -8.99 11.12
C ARG A 71 2.30 -9.40 9.82
N GLU A 72 1.23 -10.20 9.93
CA GLU A 72 0.50 -10.66 8.77
C GLU A 72 0.18 -9.48 7.86
N ALA A 73 -0.15 -8.34 8.46
CA ALA A 73 -0.48 -7.15 7.70
C ALA A 73 0.69 -6.75 6.83
N ARG A 74 1.85 -6.55 7.45
CA ARG A 74 3.05 -6.16 6.73
C ARG A 74 3.43 -7.25 5.73
N LYS A 75 3.00 -8.48 6.00
CA LYS A 75 3.30 -9.61 5.13
C LYS A 75 2.53 -9.46 3.83
N TYR A 76 1.26 -9.03 3.92
CA TYR A 76 0.43 -8.86 2.75
C TYR A 76 0.95 -7.69 1.92
N ALA A 77 1.19 -6.55 2.57
CA ALA A 77 1.68 -5.37 1.90
C ALA A 77 2.94 -5.71 1.12
N SER A 78 3.90 -6.38 1.77
CA SER A 78 5.14 -6.76 1.14
C SER A 78 4.86 -7.64 -0.07
N SER A 79 3.99 -8.63 0.11
CA SER A 79 3.63 -9.54 -0.98
C SER A 79 2.97 -8.75 -2.10
N MET A 80 2.29 -7.65 -1.75
CA MET A 80 1.61 -6.84 -2.74
C MET A 80 2.63 -6.10 -3.59
N LEU A 81 3.70 -5.60 -2.95
CA LEU A 81 4.74 -4.89 -3.65
C LEU A 81 5.51 -5.84 -4.55
N LYS A 82 6.03 -6.92 -3.98
CA LYS A 82 6.78 -7.90 -4.74
C LYS A 82 6.03 -8.24 -6.02
N HIS A 83 4.74 -8.56 -5.89
CA HIS A 83 3.93 -8.90 -7.04
C HIS A 83 4.20 -7.94 -8.18
N GLY A 84 4.60 -6.71 -7.84
CA GLY A 84 4.89 -5.69 -8.84
C GLY A 84 3.75 -4.68 -8.91
N PHE A 85 2.95 -4.60 -7.84
CA PHE A 85 1.83 -3.69 -7.79
C PHE A 85 2.27 -2.37 -7.16
N LEU A 86 3.55 -2.27 -6.82
CA LEU A 86 4.10 -1.06 -6.22
C LEU A 86 5.48 -0.77 -6.81
N ARG A 87 5.85 0.51 -6.84
CA ARG A 87 7.13 0.92 -7.37
C ARG A 87 7.94 1.63 -6.29
N HIS A 88 9.21 1.24 -6.15
CA HIS A 88 10.08 1.84 -5.15
C HIS A 88 11.21 2.60 -5.83
N THR A 89 12.19 3.04 -5.04
CA THR A 89 13.32 3.78 -5.58
C THR A 89 14.60 3.02 -5.30
N VAL A 90 14.57 1.69 -5.44
CA VAL A 90 15.73 0.86 -5.20
C VAL A 90 16.06 0.07 -6.45
N ASN A 91 16.94 -0.92 -6.31
CA ASN A 91 17.33 -1.76 -7.44
C ASN A 91 16.11 -2.11 -8.28
N LYS A 92 15.11 -2.72 -7.65
CA LYS A 92 13.90 -3.12 -8.34
C LYS A 92 12.69 -2.66 -7.54
N ILE A 93 12.46 -3.28 -6.39
CA ILE A 93 11.35 -2.95 -5.53
C ILE A 93 11.71 -3.20 -4.07
N THR A 94 11.83 -4.47 -3.70
CA THR A 94 12.18 -4.85 -2.34
C THR A 94 11.45 -3.94 -1.36
N PHE A 95 10.28 -4.39 -0.89
CA PHE A 95 9.49 -3.61 0.05
C PHE A 95 10.40 -2.99 1.10
N SER A 96 9.88 -1.99 1.82
CA SER A 96 10.64 -1.31 2.84
C SER A 96 9.70 -0.58 3.79
N GLU A 97 8.77 0.20 3.23
CA GLU A 97 7.82 0.93 4.04
C GLU A 97 8.53 2.06 4.79
N GLN A 98 9.67 2.50 4.25
CA GLN A 98 10.43 3.57 4.88
C GLN A 98 10.69 4.68 3.86
N CYS A 99 11.02 4.31 2.62
CA CYS A 99 11.28 5.26 1.57
C CYS A 99 10.02 5.47 0.75
N TYR A 100 9.30 6.56 1.02
CA TYR A 100 8.08 6.88 0.29
C TYR A 100 8.19 6.36 -1.14
N TYR A 101 7.25 5.49 -1.52
CA TYR A 101 7.24 4.94 -2.86
C TYR A 101 5.94 5.29 -3.56
N VAL A 102 5.74 4.77 -4.78
CA VAL A 102 4.55 5.04 -5.54
C VAL A 102 4.18 3.81 -6.37
N PHE A 103 2.88 3.53 -6.48
CA PHE A 103 2.40 2.40 -7.23
C PHE A 103 3.22 2.24 -8.51
N GLY A 104 3.14 1.07 -9.14
CA GLY A 104 3.87 0.81 -10.37
C GLY A 104 3.01 0.01 -11.33
N ASP A 105 3.61 -0.43 -12.44
CA ASP A 105 2.91 -1.21 -13.44
C ASP A 105 3.88 -1.70 -14.49
N GLU A 12 -13.91 -0.99 4.51
CA GLU A 12 -13.49 -2.36 4.32
C GLU A 12 -14.71 -3.27 4.21
N ALA A 13 -14.58 -4.34 3.42
CA ALA A 13 -15.67 -5.28 3.23
C ALA A 13 -15.42 -6.12 1.99
N PRO A 14 -15.15 -5.46 0.86
CA PRO A 14 -14.88 -6.08 -0.41
C PRO A 14 -13.52 -6.74 -0.38
N LEU A 15 -12.82 -6.63 0.76
CA LEU A 15 -11.50 -7.21 0.91
C LEU A 15 -11.42 -7.95 2.23
N THR A 16 -10.32 -8.70 2.42
CA THR A 16 -10.13 -9.46 3.65
C THR A 16 -8.64 -9.65 3.90
N VAL A 17 -7.89 -9.99 2.85
CA VAL A 17 -6.46 -10.19 2.97
C VAL A 17 -5.94 -10.86 1.70
N LYS A 18 -6.76 -11.68 1.06
CA LYS A 18 -6.38 -12.36 -0.16
C LYS A 18 -7.31 -11.97 -1.29
N SER A 19 -7.77 -10.71 -1.28
CA SER A 19 -8.66 -10.21 -2.30
C SER A 19 -7.85 -9.80 -3.52
N ASP A 20 -6.99 -10.70 -4.01
CA ASP A 20 -6.17 -10.42 -5.17
C ASP A 20 -5.34 -9.17 -4.93
N MET A 21 -4.05 -9.34 -4.69
CA MET A 21 -3.15 -8.22 -4.45
C MET A 21 -3.41 -7.13 -5.48
N SER A 22 -3.95 -7.52 -6.64
CA SER A 22 -4.24 -6.58 -7.70
C SER A 22 -5.47 -5.75 -7.34
N ALA A 23 -6.48 -6.41 -6.76
CA ALA A 23 -7.71 -5.74 -6.38
C ALA A 23 -7.45 -4.86 -5.17
N ILE A 24 -6.51 -5.26 -4.31
CA ILE A 24 -6.17 -4.51 -3.12
C ILE A 24 -5.48 -3.21 -3.51
N VAL A 25 -4.37 -3.33 -4.25
CA VAL A 25 -3.63 -2.16 -4.68
C VAL A 25 -4.51 -1.26 -5.52
N ARG A 26 -5.28 -1.86 -6.44
CA ARG A 26 -6.17 -1.12 -7.31
C ARG A 26 -7.11 -0.25 -6.46
N VAL A 27 -7.67 -0.85 -5.41
CA VAL A 27 -8.58 -0.13 -4.53
C VAL A 27 -7.88 1.08 -3.95
N MET A 28 -6.84 0.84 -3.14
CA MET A 28 -6.10 1.91 -2.52
C MET A 28 -5.91 3.06 -3.51
N GLN A 29 -5.58 2.72 -4.76
CA GLN A 29 -5.39 3.72 -5.79
C GLN A 29 -6.67 4.50 -6.01
N LEU A 30 -7.80 3.80 -6.15
CA LEU A 30 -9.08 4.43 -6.35
C LEU A 30 -9.19 5.67 -5.48
N PRO A 31 -9.73 6.75 -6.05
CA PRO A 31 -9.93 8.02 -5.37
C PRO A 31 -11.06 7.89 -4.36
N ASP A 32 -11.65 6.70 -4.28
CA ASP A 32 -12.75 6.45 -3.35
C ASP A 32 -12.49 5.17 -2.58
N SER A 33 -11.23 4.92 -2.22
CA SER A 33 -10.86 3.73 -1.49
C SER A 33 -10.62 4.09 -0.03
N GLY A 34 -9.85 5.15 0.21
CA GLY A 34 -9.54 5.58 1.56
C GLY A 34 -8.10 6.05 1.65
N LEU A 35 -7.19 5.29 1.05
CA LEU A 35 -5.77 5.63 1.06
C LEU A 35 -5.52 6.79 0.12
N GLU A 36 -5.86 6.62 -1.17
CA GLU A 36 -5.66 7.65 -2.15
C GLU A 36 -4.18 7.80 -2.47
N ILE A 37 -3.74 7.20 -3.58
CA ILE A 37 -2.35 7.26 -3.99
C ILE A 37 -2.18 8.33 -5.07
N ARG A 38 -1.66 9.49 -4.69
CA ARG A 38 -1.44 10.57 -5.63
C ARG A 38 -0.86 11.78 -4.90
N ASP A 39 -1.29 11.99 -3.66
CA ASP A 39 -0.80 13.11 -2.86
C ASP A 39 -0.74 12.70 -1.40
N ARG A 40 0.36 13.04 -0.72
CA ARG A 40 0.53 12.72 0.67
C ARG A 40 1.51 13.69 1.31
N MET A 41 1.79 13.50 2.60
CA MET A 41 2.70 14.36 3.33
C MET A 41 3.74 13.53 4.05
N TRP A 42 5.01 13.96 4.00
CA TRP A 42 6.08 13.25 4.65
C TRP A 42 7.25 14.19 4.89
N LEU A 43 7.88 14.08 6.07
CA LEU A 43 9.00 14.93 6.42
C LEU A 43 8.54 16.37 6.59
N LYS A 44 7.22 16.57 6.71
CA LYS A 44 6.66 17.89 6.86
C LYS A 44 6.55 18.59 5.51
N ILE A 45 6.63 17.80 4.43
CA ILE A 45 6.55 18.34 3.09
C ILE A 45 5.34 17.74 2.37
N THR A 46 5.13 18.14 1.12
CA THR A 46 4.02 17.64 0.33
C THR A 46 4.53 17.04 -0.97
N ILE A 47 4.06 15.84 -1.29
CA ILE A 47 4.46 15.16 -2.51
C ILE A 47 3.23 14.80 -3.34
N ALA A 48 3.38 14.83 -4.67
CA ALA A 48 2.29 14.51 -5.56
C ALA A 48 2.35 13.05 -5.96
N ASN A 49 2.53 12.16 -4.98
CA ASN A 49 2.61 10.74 -5.24
C ASN A 49 3.42 10.06 -4.15
N ALA A 50 2.75 9.53 -3.13
CA ALA A 50 3.41 8.85 -2.03
C ALA A 50 2.41 7.97 -1.30
N VAL A 51 2.92 6.94 -0.62
CA VAL A 51 2.08 6.02 0.12
C VAL A 51 2.93 4.89 0.69
N ILE A 52 3.66 4.19 -0.19
CA ILE A 52 4.50 3.09 0.22
C ILE A 52 3.69 2.08 1.00
N GLY A 53 4.29 0.93 1.33
CA GLY A 53 3.62 -0.11 2.07
C GLY A 53 3.08 0.44 3.38
N ALA A 54 3.81 1.40 3.97
CA ALA A 54 3.41 1.99 5.23
C ALA A 54 1.94 2.40 5.17
N ASP A 55 1.63 3.33 4.27
CA ASP A 55 0.26 3.80 4.11
C ASP A 55 -0.62 2.66 3.63
N VAL A 56 -0.18 1.97 2.57
CA VAL A 56 -0.93 0.86 2.02
C VAL A 56 -1.40 -0.06 3.14
N VAL A 57 -0.60 -0.15 4.22
CA VAL A 57 -0.94 -1.00 5.35
C VAL A 57 -1.98 -0.29 6.22
N ASP A 58 -1.59 0.84 6.81
CA ASP A 58 -2.49 1.60 7.65
C ASP A 58 -3.89 1.62 7.05
N TRP A 59 -3.97 1.53 5.73
CA TRP A 59 -5.23 1.53 5.03
C TRP A 59 -5.84 0.13 5.03
N LEU A 60 -5.07 -0.85 4.55
CA LEU A 60 -5.52 -2.22 4.51
C LEU A 60 -6.27 -2.57 5.80
N TYR A 61 -5.68 -2.20 6.94
CA TYR A 61 -6.28 -2.47 8.23
C TYR A 61 -7.43 -1.50 8.48
N THR A 62 -7.16 -0.20 8.29
CA THR A 62 -8.18 0.81 8.49
C THR A 62 -9.36 0.57 7.57
N HIS A 63 -9.17 -0.31 6.58
CA HIS A 63 -10.22 -0.63 5.63
C HIS A 63 -10.87 -1.95 6.00
N VAL A 64 -10.18 -3.06 5.73
CA VAL A 64 -10.68 -4.39 6.03
C VAL A 64 -9.78 -5.06 7.04
N GLU A 65 -9.95 -6.38 7.21
CA GLU A 65 -9.15 -7.13 8.14
C GLU A 65 -8.92 -8.54 7.61
N GLY A 66 -8.17 -9.35 8.36
CA GLY A 66 -7.87 -10.71 7.96
C GLY A 66 -6.46 -11.09 8.37
N PHE A 67 -5.65 -10.09 8.72
CA PHE A 67 -4.28 -10.32 9.13
C PHE A 67 -4.21 -10.45 10.65
N LYS A 68 -3.50 -11.48 11.14
CA LYS A 68 -3.36 -11.69 12.57
C LYS A 68 -3.16 -10.35 13.27
N GLU A 69 -2.12 -9.62 12.88
CA GLU A 69 -1.82 -8.33 13.47
C GLU A 69 -0.95 -7.52 12.54
N ARG A 70 -0.11 -6.64 13.12
CA ARG A 70 0.78 -5.81 12.33
C ARG A 70 1.70 -6.67 11.50
N ARG A 71 1.92 -7.91 11.94
CA ARG A 71 2.79 -8.84 11.24
C ARG A 71 2.13 -9.26 9.93
N GLU A 72 1.05 -10.04 10.02
CA GLU A 72 0.34 -10.50 8.85
C GLU A 72 0.05 -9.33 7.92
N ALA A 73 -0.29 -8.18 8.50
CA ALA A 73 -0.59 -6.98 7.72
C ALA A 73 0.61 -6.62 6.88
N ARG A 74 1.77 -6.43 7.52
CA ARG A 74 2.98 -6.07 6.82
C ARG A 74 3.36 -7.17 5.84
N LYS A 75 2.91 -8.40 6.11
CA LYS A 75 3.20 -9.53 5.25
C LYS A 75 2.46 -9.38 3.93
N TYR A 76 1.20 -8.94 4.00
CA TYR A 76 0.39 -8.75 2.81
C TYR A 76 0.94 -7.60 1.98
N ALA A 77 1.19 -6.46 2.64
CA ALA A 77 1.72 -5.29 1.95
C ALA A 77 2.98 -5.65 1.21
N SER A 78 3.96 -6.24 1.92
CA SER A 78 5.22 -6.63 1.32
C SER A 78 4.95 -7.48 0.08
N SER A 79 4.02 -8.41 0.18
CA SER A 79 3.68 -9.28 -0.93
C SER A 79 2.99 -8.47 -2.02
N MET A 80 2.37 -7.35 -1.64
CA MET A 80 1.68 -6.50 -2.59
C MET A 80 2.70 -5.73 -3.44
N LEU A 81 3.83 -5.37 -2.82
CA LEU A 81 4.87 -4.63 -3.51
C LEU A 81 5.64 -5.58 -4.43
N LYS A 82 6.17 -6.66 -3.85
CA LYS A 82 6.93 -7.64 -4.62
C LYS A 82 6.14 -8.06 -5.85
N HIS A 83 4.81 -8.03 -5.75
CA HIS A 83 3.96 -8.40 -6.85
C HIS A 83 4.24 -7.52 -8.06
N GLY A 84 4.87 -6.37 -7.82
CA GLY A 84 5.20 -5.44 -8.88
C GLY A 84 4.09 -4.40 -9.04
N PHE A 85 3.27 -4.25 -8.00
CA PHE A 85 2.18 -3.29 -8.03
C PHE A 85 2.60 -2.00 -7.36
N LEU A 86 3.89 -1.88 -7.04
CA LEU A 86 4.43 -0.70 -6.40
C LEU A 86 5.84 -0.43 -6.90
N ARG A 87 6.16 0.86 -7.11
CA ARG A 87 7.47 1.25 -7.59
C ARG A 87 8.15 2.14 -6.56
N HIS A 88 9.46 1.97 -6.39
CA HIS A 88 10.22 2.75 -5.43
C HIS A 88 11.29 3.56 -6.16
N THR A 89 12.52 3.05 -6.15
CA THR A 89 13.63 3.73 -6.81
C THR A 89 14.72 2.72 -7.15
N VAL A 90 14.91 1.74 -6.28
CA VAL A 90 15.93 0.72 -6.49
C VAL A 90 15.75 0.09 -7.86
N ASN A 91 16.85 -0.35 -8.48
CA ASN A 91 16.80 -0.96 -9.78
C ASN A 91 15.59 -1.88 -9.88
N LYS A 92 15.28 -2.58 -8.79
CA LYS A 92 14.15 -3.49 -8.77
C LYS A 92 13.01 -2.87 -7.97
N ILE A 93 12.72 -3.45 -6.81
CA ILE A 93 11.65 -2.95 -5.95
C ILE A 93 12.09 -3.02 -4.49
N THR A 94 12.16 -4.23 -3.94
CA THR A 94 12.56 -4.42 -2.56
C THR A 94 11.66 -3.60 -1.65
N PHE A 95 10.82 -4.28 -0.86
CA PHE A 95 9.92 -3.60 0.06
C PHE A 95 10.69 -3.16 1.29
N SER A 96 10.04 -2.35 2.14
CA SER A 96 10.66 -1.87 3.35
C SER A 96 9.59 -1.32 4.29
N GLU A 97 8.77 -0.40 3.79
CA GLU A 97 7.70 0.20 4.58
C GLU A 97 8.29 1.22 5.54
N GLN A 98 9.26 2.02 5.06
CA GLN A 98 9.89 3.02 5.88
C GLN A 98 9.95 4.34 5.12
N CYS A 99 10.34 4.28 3.84
CA CYS A 99 10.44 5.46 3.01
C CYS A 99 9.07 5.78 2.43
N TYR A 100 9.05 6.28 1.18
CA TYR A 100 7.81 6.62 0.53
C TYR A 100 7.85 6.15 -0.93
N TYR A 101 6.89 5.30 -1.31
CA TYR A 101 6.83 4.78 -2.65
C TYR A 101 5.54 5.25 -3.32
N VAL A 102 5.29 4.76 -4.54
CA VAL A 102 4.10 5.13 -5.28
C VAL A 102 3.69 3.99 -6.20
N PHE A 103 2.39 3.67 -6.22
CA PHE A 103 1.89 2.60 -7.06
C PHE A 103 2.66 2.57 -8.37
N GLY A 104 2.69 1.39 -9.02
CA GLY A 104 3.40 1.24 -10.28
C GLY A 104 2.58 0.39 -11.23
N ASP A 105 3.26 -0.31 -12.14
CA ASP A 105 2.59 -1.15 -13.12
C ASP A 105 3.62 -1.87 -13.97
N GLU A 12 -16.39 -3.88 7.11
CA GLU A 12 -15.02 -4.09 6.66
C GLU A 12 -14.96 -4.07 5.13
N ALA A 13 -13.86 -3.55 4.59
CA ALA A 13 -13.68 -3.47 3.15
C ALA A 13 -14.13 -4.77 2.51
N PRO A 14 -14.29 -4.75 1.18
CA PRO A 14 -14.70 -5.89 0.39
C PRO A 14 -13.56 -6.91 0.32
N LEU A 15 -12.46 -6.62 1.04
CA LEU A 15 -11.31 -7.51 1.05
C LEU A 15 -11.18 -8.16 2.42
N THR A 16 -10.07 -8.87 2.64
CA THR A 16 -9.83 -9.54 3.90
C THR A 16 -8.34 -9.61 4.19
N VAL A 17 -7.57 -10.07 3.20
CA VAL A 17 -6.13 -10.19 3.33
C VAL A 17 -5.58 -11.02 2.19
N LYS A 18 -6.37 -11.98 1.71
CA LYS A 18 -5.94 -12.84 0.62
C LYS A 18 -6.39 -12.26 -0.71
N SER A 19 -7.26 -11.25 -0.65
CA SER A 19 -7.76 -10.61 -1.85
C SER A 19 -6.62 -10.39 -2.85
N ASP A 20 -6.87 -10.68 -4.12
CA ASP A 20 -5.87 -10.52 -5.15
C ASP A 20 -5.08 -9.23 -4.90
N MET A 21 -3.78 -9.39 -4.63
CA MET A 21 -2.92 -8.24 -4.37
C MET A 21 -3.21 -7.14 -5.40
N SER A 22 -3.65 -7.53 -6.59
CA SER A 22 -3.95 -6.59 -7.64
C SER A 22 -5.21 -5.80 -7.27
N ALA A 23 -6.20 -6.48 -6.71
CA ALA A 23 -7.44 -5.85 -6.31
C ALA A 23 -7.19 -4.92 -5.13
N ILE A 24 -6.24 -5.31 -4.27
CA ILE A 24 -5.92 -4.51 -3.10
C ILE A 24 -5.35 -3.17 -3.53
N VAL A 25 -4.28 -3.21 -4.34
CA VAL A 25 -3.65 -2.00 -4.82
C VAL A 25 -4.66 -1.15 -5.59
N ARG A 26 -5.52 -1.81 -6.36
CA ARG A 26 -6.53 -1.13 -7.14
C ARG A 26 -7.42 -0.31 -6.22
N VAL A 27 -7.86 -0.92 -5.11
CA VAL A 27 -8.72 -0.26 -4.16
C VAL A 27 -8.03 1.00 -3.63
N MET A 28 -6.89 0.82 -2.97
CA MET A 28 -6.14 1.94 -2.41
C MET A 28 -5.96 3.01 -3.50
N GLN A 29 -5.85 2.58 -4.75
CA GLN A 29 -5.66 3.50 -5.86
C GLN A 29 -6.90 4.37 -6.01
N LEU A 30 -8.08 3.75 -5.98
CA LEU A 30 -9.33 4.47 -6.13
C LEU A 30 -9.24 5.80 -5.37
N PRO A 31 -9.78 6.86 -5.97
CA PRO A 31 -9.79 8.20 -5.41
C PRO A 31 -10.79 8.25 -4.27
N ASP A 32 -11.44 7.12 -3.98
CA ASP A 32 -12.42 7.05 -2.91
C ASP A 32 -12.29 5.72 -2.18
N SER A 33 -11.06 5.34 -1.84
CA SER A 33 -10.81 4.10 -1.15
C SER A 33 -10.54 4.37 0.32
N GLY A 34 -9.56 5.26 0.59
CA GLY A 34 -9.21 5.61 1.95
C GLY A 34 -7.76 6.06 2.02
N LEU A 35 -6.89 5.39 1.25
CA LEU A 35 -5.48 5.72 1.22
C LEU A 35 -5.22 6.76 0.14
N GLU A 36 -5.60 6.44 -1.10
CA GLU A 36 -5.40 7.34 -2.22
C GLU A 36 -3.92 7.47 -2.52
N ILE A 37 -3.51 7.03 -3.71
CA ILE A 37 -2.12 7.09 -4.12
C ILE A 37 -1.96 8.15 -5.20
N ARG A 38 -1.41 9.31 -4.83
CA ARG A 38 -1.21 10.39 -5.77
C ARG A 38 -0.62 11.60 -5.05
N ASP A 39 -1.04 11.81 -3.80
CA ASP A 39 -0.55 12.92 -3.00
C ASP A 39 -0.64 12.57 -1.53
N ARG A 40 0.46 12.79 -0.79
CA ARG A 40 0.50 12.50 0.62
C ARG A 40 1.38 13.52 1.33
N MET A 41 1.50 13.39 2.65
CA MET A 41 2.31 14.30 3.44
C MET A 41 3.39 13.52 4.17
N TRP A 42 4.57 14.13 4.32
CA TRP A 42 5.68 13.49 5.00
C TRP A 42 6.75 14.52 5.32
N LEU A 43 7.36 14.41 6.51
CA LEU A 43 8.40 15.33 6.93
C LEU A 43 7.80 16.71 7.14
N LYS A 44 6.47 16.80 7.14
CA LYS A 44 5.79 18.06 7.33
C LYS A 44 5.66 18.79 5.99
N ILE A 45 5.85 18.06 4.90
CA ILE A 45 5.75 18.63 3.57
C ILE A 45 4.64 17.93 2.79
N THR A 46 4.40 18.38 1.56
CA THR A 46 3.37 17.80 0.73
C THR A 46 3.98 17.25 -0.55
N ILE A 47 3.60 16.03 -0.93
CA ILE A 47 4.11 15.40 -2.12
C ILE A 47 2.95 15.10 -3.09
N ALA A 48 3.29 14.79 -4.34
CA ALA A 48 2.28 14.50 -5.34
C ALA A 48 2.49 13.08 -5.87
N ASN A 49 2.63 12.12 -4.95
CA ASN A 49 2.83 10.74 -5.33
C ASN A 49 3.63 10.02 -4.26
N ALA A 50 2.94 9.26 -3.40
CA ALA A 50 3.59 8.53 -2.32
C ALA A 50 2.57 7.63 -1.63
N VAL A 51 3.06 6.59 -0.95
CA VAL A 51 2.19 5.66 -0.25
C VAL A 51 3.02 4.51 0.32
N ILE A 52 3.71 3.79 -0.55
CA ILE A 52 4.54 2.67 -0.14
C ILE A 52 3.72 1.71 0.70
N GLY A 53 4.31 0.56 1.04
CA GLY A 53 3.63 -0.44 1.85
C GLY A 53 3.17 0.18 3.17
N ALA A 54 3.93 1.15 3.67
CA ALA A 54 3.60 1.82 4.92
C ALA A 54 2.15 2.27 4.89
N ASP A 55 1.82 3.18 3.97
CA ASP A 55 0.47 3.70 3.86
C ASP A 55 -0.46 2.58 3.39
N VAL A 56 -0.05 1.85 2.34
CA VAL A 56 -0.85 0.77 1.81
C VAL A 56 -1.30 -0.15 2.94
N VAL A 57 -0.49 -0.22 4.01
CA VAL A 57 -0.81 -1.07 5.14
C VAL A 57 -1.82 -0.36 6.04
N ASP A 58 -1.43 0.78 6.62
CA ASP A 58 -2.30 1.54 7.48
C ASP A 58 -3.70 1.57 6.90
N TRP A 59 -3.79 1.48 5.57
CA TRP A 59 -5.08 1.52 4.89
C TRP A 59 -5.70 0.13 4.92
N LEU A 60 -4.99 -0.86 4.39
CA LEU A 60 -5.48 -2.23 4.35
C LEU A 60 -6.24 -2.54 5.63
N TYR A 61 -5.79 -1.96 6.75
CA TYR A 61 -6.43 -2.18 8.04
C TYR A 61 -7.52 -1.14 8.25
N THR A 62 -7.22 0.12 7.93
CA THR A 62 -8.17 1.20 8.09
C THR A 62 -9.30 1.04 7.08
N HIS A 63 -9.19 0.05 6.20
CA HIS A 63 -10.19 -0.19 5.18
C HIS A 63 -10.85 -1.54 5.42
N VAL A 64 -10.06 -2.61 5.36
CA VAL A 64 -10.56 -3.95 5.56
C VAL A 64 -9.79 -4.63 6.68
N GLU A 65 -10.20 -5.85 7.05
CA GLU A 65 -9.54 -6.59 8.10
C GLU A 65 -9.45 -8.06 7.72
N GLY A 66 -8.63 -8.82 8.44
CA GLY A 66 -8.45 -10.24 8.18
C GLY A 66 -7.07 -10.69 8.59
N PHE A 67 -6.13 -9.74 8.71
CA PHE A 67 -4.77 -10.05 9.10
C PHE A 67 -4.67 -10.09 10.61
N LYS A 68 -3.88 -11.04 11.13
CA LYS A 68 -3.71 -11.18 12.57
C LYS A 68 -3.45 -9.82 13.19
N GLU A 69 -2.29 -9.22 12.90
CA GLU A 69 -1.93 -7.92 13.43
C GLU A 69 -1.01 -7.20 12.46
N ARG A 70 -0.44 -6.08 12.89
CA ARG A 70 0.46 -5.30 12.06
C ARG A 70 1.38 -6.22 11.28
N ARG A 71 1.65 -7.40 11.85
CA ARG A 71 2.52 -8.37 11.20
C ARG A 71 1.88 -8.85 9.91
N GLU A 72 0.88 -9.73 10.03
CA GLU A 72 0.19 -10.26 8.86
C GLU A 72 -0.06 -9.14 7.86
N ALA A 73 -0.44 -7.97 8.36
CA ALA A 73 -0.71 -6.82 7.51
C ALA A 73 0.50 -6.51 6.65
N ARG A 74 1.67 -6.34 7.30
CA ARG A 74 2.90 -6.05 6.60
C ARG A 74 3.26 -7.20 5.68
N LYS A 75 2.83 -8.41 6.04
CA LYS A 75 3.11 -9.59 5.24
C LYS A 75 2.40 -9.49 3.90
N TYR A 76 1.15 -9.01 3.90
CA TYR A 76 0.38 -8.88 2.69
C TYR A 76 0.97 -7.76 1.84
N ALA A 77 1.18 -6.59 2.44
CA ALA A 77 1.74 -5.46 1.73
C ALA A 77 2.99 -5.88 0.98
N SER A 78 3.94 -6.49 1.68
CA SER A 78 5.18 -6.94 1.07
C SER A 78 4.87 -7.76 -0.18
N SER A 79 3.88 -8.64 -0.08
CA SER A 79 3.48 -9.48 -1.21
C SER A 79 2.85 -8.62 -2.28
N MET A 80 2.29 -7.48 -1.89
CA MET A 80 1.65 -6.58 -2.83
C MET A 80 2.69 -5.87 -3.67
N LEU A 81 3.84 -5.55 -3.06
CA LEU A 81 4.92 -4.88 -3.76
C LEU A 81 5.66 -5.87 -4.63
N LYS A 82 6.08 -7.00 -4.04
CA LYS A 82 6.81 -8.01 -4.78
C LYS A 82 6.03 -8.41 -6.02
N HIS A 83 4.70 -8.34 -5.94
CA HIS A 83 3.84 -8.69 -7.06
C HIS A 83 4.17 -7.83 -8.26
N GLY A 84 4.82 -6.69 -8.02
CA GLY A 84 5.19 -5.78 -9.08
C GLY A 84 4.13 -4.71 -9.27
N PHE A 85 3.40 -4.40 -8.18
CA PHE A 85 2.36 -3.39 -8.23
C PHE A 85 2.82 -2.13 -7.51
N LEU A 86 4.12 -2.06 -7.21
CA LEU A 86 4.69 -0.92 -6.54
C LEU A 86 6.12 -0.69 -7.01
N ARG A 87 6.54 0.57 -7.09
CA ARG A 87 7.88 0.90 -7.53
C ARG A 87 8.43 2.03 -6.66
N HIS A 88 9.73 1.98 -6.36
CA HIS A 88 10.37 2.98 -5.54
C HIS A 88 11.52 3.63 -6.31
N THR A 89 12.75 3.37 -5.88
CA THR A 89 13.92 3.93 -6.53
C THR A 89 15.02 2.87 -6.61
N VAL A 90 14.67 1.63 -6.31
CA VAL A 90 15.62 0.54 -6.35
C VAL A 90 15.64 -0.09 -7.74
N ASN A 91 16.82 -0.53 -8.19
CA ASN A 91 16.96 -1.13 -9.50
C ASN A 91 15.85 -2.16 -9.71
N LYS A 92 15.38 -2.77 -8.62
CA LYS A 92 14.32 -3.76 -8.70
C LYS A 92 13.09 -3.27 -7.95
N ILE A 93 12.88 -3.82 -6.75
CA ILE A 93 11.74 -3.44 -5.93
C ILE A 93 12.11 -3.54 -4.45
N THR A 94 12.14 -4.75 -3.92
CA THR A 94 12.48 -4.97 -2.53
C THR A 94 11.55 -4.16 -1.63
N PHE A 95 10.74 -4.85 -0.83
CA PHE A 95 9.81 -4.19 0.06
C PHE A 95 10.58 -3.44 1.14
N SER A 96 9.85 -2.70 1.99
CA SER A 96 10.47 -1.94 3.05
C SER A 96 9.41 -1.51 4.06
N GLU A 97 8.48 -0.65 3.63
CA GLU A 97 7.43 -0.17 4.49
C GLU A 97 7.99 0.81 5.51
N GLN A 98 8.62 1.87 5.02
CA GLN A 98 9.20 2.88 5.90
C GLN A 98 9.34 4.20 5.14
N CYS A 99 9.82 4.13 3.90
CA CYS A 99 9.99 5.31 3.07
C CYS A 99 8.72 5.58 2.29
N TYR A 100 8.87 6.13 1.08
CA TYR A 100 7.73 6.43 0.24
C TYR A 100 7.93 5.83 -1.15
N TYR A 101 6.93 5.11 -1.64
CA TYR A 101 7.01 4.50 -2.95
C TYR A 101 5.92 5.06 -3.87
N VAL A 102 5.77 4.46 -5.05
CA VAL A 102 4.77 4.92 -6.00
C VAL A 102 4.29 3.74 -6.84
N PHE A 103 2.99 3.46 -6.78
CA PHE A 103 2.41 2.36 -7.53
C PHE A 103 3.12 2.23 -8.88
N GLY A 104 3.09 1.03 -9.45
CA GLY A 104 3.72 0.78 -10.74
C GLY A 104 2.96 1.48 -11.85
N ASP A 105 3.30 1.17 -13.10
CA ASP A 105 2.65 1.77 -14.24
C ASP A 105 2.88 3.28 -14.23
N GLU A 12 -13.49 -1.06 4.01
CA GLU A 12 -13.16 -2.47 3.93
C GLU A 12 -14.44 -3.29 3.82
N ALA A 13 -14.36 -4.42 3.10
CA ALA A 13 -15.51 -5.28 2.92
C ALA A 13 -15.27 -6.22 1.74
N PRO A 14 -14.91 -5.64 0.59
CA PRO A 14 -14.64 -6.36 -0.64
C PRO A 14 -13.32 -7.09 -0.51
N LEU A 15 -12.61 -6.88 0.60
CA LEU A 15 -11.34 -7.53 0.83
C LEU A 15 -11.30 -8.12 2.23
N THR A 16 -10.23 -8.85 2.55
CA THR A 16 -10.09 -9.46 3.86
C THR A 16 -8.62 -9.56 4.23
N VAL A 17 -7.79 -10.00 3.28
CA VAL A 17 -6.36 -10.12 3.51
C VAL A 17 -5.73 -10.94 2.40
N LYS A 18 -6.48 -11.90 1.85
CA LYS A 18 -6.00 -12.75 0.78
C LYS A 18 -6.41 -12.16 -0.57
N SER A 19 -7.28 -11.16 -0.54
CA SER A 19 -7.74 -10.51 -1.75
C SER A 19 -6.59 -10.32 -2.71
N ASP A 20 -6.82 -10.60 -4.00
CA ASP A 20 -5.80 -10.46 -5.01
C ASP A 20 -4.96 -9.22 -4.73
N MET A 21 -3.67 -9.40 -4.46
CA MET A 21 -2.78 -8.29 -4.17
C MET A 21 -3.04 -7.16 -5.15
N SER A 22 -3.27 -7.51 -6.41
CA SER A 22 -3.53 -6.52 -7.44
C SER A 22 -4.85 -5.81 -7.17
N ALA A 23 -5.83 -6.56 -6.63
CA ALA A 23 -7.12 -6.00 -6.31
C ALA A 23 -7.01 -5.07 -5.12
N ILE A 24 -6.12 -5.41 -4.18
CA ILE A 24 -5.92 -4.61 -2.99
C ILE A 24 -5.34 -3.26 -3.37
N VAL A 25 -4.18 -3.28 -4.04
CA VAL A 25 -3.51 -2.06 -4.46
C VAL A 25 -4.48 -1.20 -5.27
N ARG A 26 -5.27 -1.85 -6.13
CA ARG A 26 -6.22 -1.15 -6.96
C ARG A 26 -7.17 -0.34 -6.09
N VAL A 27 -7.76 -0.98 -5.08
CA VAL A 27 -8.68 -0.33 -4.18
C VAL A 27 -8.02 0.91 -3.58
N MET A 28 -6.90 0.71 -2.89
CA MET A 28 -6.19 1.81 -2.27
C MET A 28 -5.95 2.91 -3.30
N GLN A 29 -5.78 2.52 -4.57
CA GLN A 29 -5.54 3.47 -5.63
C GLN A 29 -6.78 4.33 -5.85
N LEU A 30 -7.96 3.70 -5.83
CA LEU A 30 -9.21 4.41 -6.01
C LEU A 30 -9.16 5.75 -5.30
N PRO A 31 -9.73 6.79 -5.92
CA PRO A 31 -9.78 8.12 -5.39
C PRO A 31 -10.77 8.18 -4.23
N ASP A 32 -11.41 7.06 -3.94
CA ASP A 32 -12.38 6.98 -2.87
C ASP A 32 -12.28 5.63 -2.17
N SER A 33 -11.05 5.25 -1.78
CA SER A 33 -10.83 3.99 -1.11
C SER A 33 -10.49 4.22 0.35
N GLY A 34 -9.62 5.20 0.61
CA GLY A 34 -9.22 5.52 1.97
C GLY A 34 -7.74 5.91 2.01
N LEU A 35 -6.95 5.29 1.13
CA LEU A 35 -5.53 5.58 1.07
C LEU A 35 -5.26 6.70 0.08
N GLU A 36 -5.67 6.50 -1.17
CA GLU A 36 -5.48 7.50 -2.21
C GLU A 36 -3.99 7.61 -2.55
N ILE A 37 -3.60 7.01 -3.66
CA ILE A 37 -2.21 7.05 -4.10
C ILE A 37 -2.04 8.09 -5.20
N ARG A 38 -1.49 9.25 -4.84
CA ARG A 38 -1.27 10.32 -5.79
C ARG A 38 -0.70 11.54 -5.08
N ASP A 39 -1.11 11.74 -3.82
CA ASP A 39 -0.64 12.87 -3.04
C ASP A 39 -0.59 12.49 -1.57
N ARG A 40 0.47 12.91 -0.87
CA ARG A 40 0.63 12.61 0.54
C ARG A 40 1.56 13.63 1.18
N MET A 41 1.81 13.47 2.48
CA MET A 41 2.68 14.39 3.21
C MET A 41 3.77 13.61 3.92
N TRP A 42 4.97 14.18 3.96
CA TRP A 42 6.10 13.54 4.62
C TRP A 42 7.19 14.55 4.88
N LEU A 43 7.76 14.53 6.09
CA LEU A 43 8.81 15.45 6.47
C LEU A 43 8.26 16.87 6.55
N LYS A 44 6.96 16.98 6.78
CA LYS A 44 6.32 18.28 6.89
C LYS A 44 6.25 18.94 5.53
N ILE A 45 6.37 18.13 4.47
CA ILE A 45 6.30 18.62 3.10
C ILE A 45 5.15 17.97 2.37
N THR A 46 4.97 18.34 1.09
CA THR A 46 3.91 17.78 0.28
C THR A 46 4.48 17.11 -0.96
N ILE A 47 3.84 16.02 -1.40
CA ILE A 47 4.29 15.29 -2.56
C ILE A 47 3.09 14.97 -3.46
N ALA A 48 3.36 14.68 -4.73
CA ALA A 48 2.31 14.35 -5.67
C ALA A 48 2.44 12.90 -6.11
N ASN A 49 2.60 11.99 -5.15
CA ASN A 49 2.74 10.58 -5.44
C ASN A 49 3.56 9.91 -4.36
N ALA A 50 2.88 9.34 -3.35
CA ALA A 50 3.55 8.66 -2.27
C ALA A 50 2.55 7.82 -1.49
N VAL A 51 3.05 6.77 -0.83
CA VAL A 51 2.20 5.89 -0.05
C VAL A 51 3.01 4.72 0.48
N ILE A 52 3.71 4.02 -0.41
CA ILE A 52 4.53 2.89 -0.04
C ILE A 52 3.71 1.91 0.77
N GLY A 53 4.29 0.75 1.09
CA GLY A 53 3.60 -0.27 1.86
C GLY A 53 3.12 0.31 3.19
N ALA A 54 3.91 1.22 3.77
CA ALA A 54 3.56 1.83 5.02
C ALA A 54 2.10 2.28 5.00
N ASP A 55 1.78 3.20 4.09
CA ASP A 55 0.42 3.69 3.97
C ASP A 55 -0.51 2.57 3.56
N VAL A 56 -0.10 1.79 2.55
CA VAL A 56 -0.91 0.69 2.06
C VAL A 56 -1.33 -0.19 3.23
N VAL A 57 -0.53 -0.20 4.30
CA VAL A 57 -0.82 -0.99 5.47
C VAL A 57 -1.83 -0.26 6.35
N ASP A 58 -1.42 0.87 6.94
CA ASP A 58 -2.28 1.65 7.79
C ASP A 58 -3.69 1.68 7.21
N TRP A 59 -3.79 1.61 5.88
CA TRP A 59 -5.08 1.62 5.21
C TRP A 59 -5.71 0.24 5.27
N LEU A 60 -5.06 -0.75 4.64
CA LEU A 60 -5.56 -2.11 4.63
C LEU A 60 -6.20 -2.44 5.97
N TYR A 61 -5.54 -2.05 7.07
CA TYR A 61 -6.05 -2.31 8.40
C TYR A 61 -7.17 -1.34 8.72
N THR A 62 -6.98 -0.07 8.35
CA THR A 62 -7.98 0.96 8.60
C THR A 62 -9.09 0.87 7.56
N HIS A 63 -9.05 -0.19 6.74
CA HIS A 63 -10.05 -0.38 5.71
C HIS A 63 -10.85 -1.65 5.99
N VAL A 64 -10.23 -2.80 5.75
CA VAL A 64 -10.88 -4.08 5.98
C VAL A 64 -10.17 -4.83 7.09
N GLU A 65 -10.51 -6.11 7.27
CA GLU A 65 -9.90 -6.93 8.30
C GLU A 65 -9.76 -8.36 7.81
N GLY A 66 -9.02 -9.18 8.55
CA GLY A 66 -8.79 -10.56 8.18
C GLY A 66 -7.35 -10.96 8.46
N PHE A 67 -6.50 -9.97 8.73
CA PHE A 67 -5.10 -10.22 9.01
C PHE A 67 -4.91 -10.44 10.50
N LYS A 68 -4.24 -11.55 10.86
CA LYS A 68 -3.99 -11.87 12.25
C LYS A 68 -3.64 -10.61 13.02
N GLU A 69 -2.56 -9.94 12.61
CA GLU A 69 -2.12 -8.72 13.26
C GLU A 69 -1.17 -7.95 12.36
N ARG A 70 -0.26 -7.19 12.95
CA ARG A 70 0.70 -6.41 12.20
C ARG A 70 1.51 -7.33 11.30
N ARG A 71 1.58 -8.61 11.65
CA ARG A 71 2.32 -9.58 10.87
C ARG A 71 1.63 -9.81 9.53
N GLU A 72 0.47 -10.47 9.58
CA GLU A 72 -0.29 -10.74 8.37
C GLU A 72 -0.42 -9.48 7.53
N ALA A 73 -0.63 -8.34 8.21
CA ALA A 73 -0.78 -7.07 7.53
C ALA A 73 0.47 -6.77 6.71
N ARG A 74 1.64 -6.85 7.35
CA ARG A 74 2.90 -6.59 6.69
C ARG A 74 3.15 -7.66 5.62
N LYS A 75 2.56 -8.84 5.81
CA LYS A 75 2.72 -9.93 4.88
C LYS A 75 2.05 -9.59 3.56
N TYR A 76 0.85 -9.00 3.63
CA TYR A 76 0.11 -8.62 2.44
C TYR A 76 0.80 -7.46 1.75
N ALA A 77 0.97 -6.35 2.48
CA ALA A 77 1.62 -5.16 1.94
C ALA A 77 2.89 -5.56 1.21
N SER A 78 3.80 -6.23 1.92
CA SER A 78 5.06 -6.66 1.33
C SER A 78 4.80 -7.40 0.03
N SER A 79 3.77 -8.25 0.03
CA SER A 79 3.42 -9.02 -1.14
C SER A 79 3.11 -8.07 -2.30
N MET A 80 2.44 -6.96 -2.00
CA MET A 80 2.08 -5.99 -3.02
C MET A 80 3.35 -5.38 -3.61
N LEU A 81 4.32 -5.08 -2.75
CA LEU A 81 5.58 -4.49 -3.19
C LEU A 81 6.33 -5.48 -4.06
N LYS A 82 6.23 -6.77 -3.74
CA LYS A 82 6.90 -7.81 -4.50
C LYS A 82 6.14 -8.07 -5.79
N HIS A 83 4.83 -8.31 -5.68
CA HIS A 83 4.01 -8.58 -6.84
C HIS A 83 4.35 -7.60 -7.97
N GLY A 84 4.76 -6.39 -7.59
CA GLY A 84 5.10 -5.37 -8.56
C GLY A 84 4.03 -4.29 -8.60
N PHE A 85 3.22 -4.21 -7.53
CA PHE A 85 2.16 -3.22 -7.46
C PHE A 85 2.69 -1.94 -6.85
N LEU A 86 4.00 -1.91 -6.57
CA LEU A 86 4.62 -0.74 -5.99
C LEU A 86 6.06 -0.63 -6.47
N ARG A 87 6.53 0.60 -6.71
CA ARG A 87 7.88 0.83 -7.17
C ARG A 87 8.32 2.23 -6.78
N HIS A 88 9.63 2.44 -6.64
CA HIS A 88 10.17 3.73 -6.27
C HIS A 88 11.69 3.71 -6.34
N THR A 89 12.35 4.50 -5.51
CA THR A 89 13.80 4.57 -5.49
C THR A 89 14.38 3.17 -5.67
N VAL A 90 13.64 2.16 -5.22
CA VAL A 90 14.08 0.78 -5.33
C VAL A 90 14.36 0.44 -6.79
N ASN A 91 15.48 -0.21 -7.05
CA ASN A 91 15.86 -0.60 -8.39
C ASN A 91 14.69 -1.29 -9.08
N LYS A 92 14.17 -2.35 -8.46
CA LYS A 92 13.07 -3.10 -9.01
C LYS A 92 11.85 -2.98 -8.10
N ILE A 93 11.95 -3.57 -6.90
CA ILE A 93 10.86 -3.53 -5.94
C ILE A 93 11.43 -3.51 -4.53
N THR A 94 11.63 -4.69 -3.95
CA THR A 94 12.16 -4.80 -2.61
C THR A 94 11.33 -3.97 -1.65
N PHE A 95 10.57 -4.65 -0.78
CA PHE A 95 9.73 -3.97 0.19
C PHE A 95 10.58 -3.42 1.32
N SER A 96 10.18 -2.27 1.87
CA SER A 96 10.91 -1.66 2.96
C SER A 96 9.93 -1.00 3.93
N GLU A 97 9.07 -0.13 3.41
CA GLU A 97 8.09 0.55 4.23
C GLU A 97 8.73 1.74 4.93
N GLN A 98 9.65 2.42 4.24
CA GLN A 98 10.33 3.57 4.78
C GLN A 98 10.40 4.68 3.75
N CYS A 99 11.13 4.43 2.66
CA CYS A 99 11.27 5.42 1.59
C CYS A 99 10.00 5.43 0.75
N TYR A 100 9.07 6.33 1.09
CA TYR A 100 7.82 6.44 0.37
C TYR A 100 8.00 5.96 -1.07
N TYR A 101 7.07 5.16 -1.56
CA TYR A 101 7.13 4.64 -2.90
C TYR A 101 5.92 5.10 -3.70
N VAL A 102 5.78 4.58 -4.92
CA VAL A 102 4.67 4.95 -5.78
C VAL A 102 4.21 3.73 -6.56
N PHE A 103 2.89 3.49 -6.57
CA PHE A 103 2.34 2.35 -7.28
C PHE A 103 3.04 2.18 -8.62
N GLY A 104 2.89 1.01 -9.24
CA GLY A 104 3.52 0.73 -10.52
C GLY A 104 2.49 0.83 -11.64
N ASP A 105 2.94 0.64 -12.87
CA ASP A 105 2.07 0.72 -14.03
C ASP A 105 2.89 0.54 -15.31
N GLU A 12 -16.36 -5.04 6.66
CA GLU A 12 -14.97 -4.96 6.22
C GLU A 12 -14.90 -4.86 4.71
N ALA A 13 -13.84 -4.23 4.20
CA ALA A 13 -13.67 -4.07 2.77
C ALA A 13 -14.02 -5.36 2.06
N PRO A 14 -14.17 -5.29 0.74
CA PRO A 14 -14.50 -6.42 -0.11
C PRO A 14 -13.29 -7.34 -0.23
N LEU A 15 -12.23 -7.03 0.53
CA LEU A 15 -11.02 -7.84 0.50
C LEU A 15 -10.80 -8.49 1.85
N THR A 16 -9.68 -9.19 2.02
CA THR A 16 -9.37 -9.86 3.26
C THR A 16 -7.86 -9.86 3.49
N VAL A 17 -7.11 -10.25 2.46
CA VAL A 17 -5.67 -10.31 2.54
C VAL A 17 -5.10 -11.07 1.35
N LYS A 18 -5.85 -12.07 0.87
CA LYS A 18 -5.42 -12.87 -0.26
C LYS A 18 -6.16 -12.42 -1.51
N SER A 19 -6.79 -11.25 -1.45
CA SER A 19 -7.53 -10.72 -2.58
C SER A 19 -6.56 -10.39 -3.71
N ASP A 20 -7.06 -10.45 -4.95
CA ASP A 20 -6.25 -10.17 -6.12
C ASP A 20 -5.33 -8.99 -5.83
N MET A 21 -4.03 -9.24 -5.74
CA MET A 21 -3.07 -8.20 -5.47
C MET A 21 -3.40 -6.96 -6.28
N SER A 22 -3.63 -7.13 -7.58
CA SER A 22 -3.97 -6.02 -8.45
C SER A 22 -5.26 -5.37 -7.98
N ALA A 23 -6.18 -6.17 -7.44
CA ALA A 23 -7.45 -5.67 -6.96
C ALA A 23 -7.22 -4.84 -5.71
N ILE A 24 -6.28 -5.26 -4.86
CA ILE A 24 -5.97 -4.55 -3.64
C ILE A 24 -5.43 -3.16 -3.96
N VAL A 25 -4.34 -3.11 -4.72
CA VAL A 25 -3.74 -1.85 -5.11
C VAL A 25 -4.78 -0.95 -5.76
N ARG A 26 -5.64 -1.54 -6.58
CA ARG A 26 -6.69 -0.79 -7.25
C ARG A 26 -7.55 -0.06 -6.23
N VAL A 27 -7.99 -0.77 -5.20
CA VAL A 27 -8.81 -0.19 -4.16
C VAL A 27 -8.11 1.01 -3.56
N MET A 28 -6.90 0.80 -3.03
CA MET A 28 -6.13 1.87 -2.42
C MET A 28 -6.09 3.06 -3.36
N GLN A 29 -6.02 2.80 -4.66
CA GLN A 29 -5.97 3.86 -5.65
C GLN A 29 -7.24 4.68 -5.60
N LEU A 30 -8.39 3.99 -5.53
CA LEU A 30 -9.68 4.67 -5.46
C LEU A 30 -9.73 5.57 -4.25
N PRO A 31 -10.22 6.80 -4.44
CA PRO A 31 -10.35 7.80 -3.40
C PRO A 31 -11.49 7.41 -2.47
N ASP A 32 -12.08 6.25 -2.69
CA ASP A 32 -13.18 5.78 -1.88
C ASP A 32 -12.74 4.57 -1.07
N SER A 33 -11.43 4.34 -0.99
CA SER A 33 -10.89 3.22 -0.26
C SER A 33 -10.51 3.65 1.14
N GLY A 34 -9.49 4.50 1.25
CA GLY A 34 -9.04 4.99 2.55
C GLY A 34 -7.53 5.13 2.56
N LEU A 35 -6.96 5.66 1.48
CA LEU A 35 -5.52 5.85 1.36
C LEU A 35 -5.22 6.96 0.37
N GLU A 36 -5.87 6.91 -0.80
CA GLU A 36 -5.67 7.91 -1.82
C GLU A 36 -4.20 7.95 -2.22
N ILE A 37 -3.90 7.51 -3.45
CA ILE A 37 -2.54 7.51 -3.94
C ILE A 37 -2.39 8.53 -5.06
N ARG A 38 -1.77 9.67 -4.75
CA ARG A 38 -1.57 10.73 -5.72
C ARG A 38 -0.94 11.94 -5.04
N ASP A 39 -1.30 12.17 -3.78
CA ASP A 39 -0.77 13.29 -3.03
C ASP A 39 -0.63 12.90 -1.56
N ARG A 40 0.50 13.27 -0.95
CA ARG A 40 0.77 12.96 0.44
C ARG A 40 1.80 13.94 0.99
N MET A 41 2.15 13.77 2.27
CA MET A 41 3.12 14.63 2.91
C MET A 41 4.24 13.79 3.52
N TRP A 42 5.46 14.35 3.52
CA TRP A 42 6.60 13.65 4.07
C TRP A 42 7.75 14.63 4.28
N LEU A 43 8.42 14.52 5.43
CA LEU A 43 9.53 15.39 5.76
C LEU A 43 9.03 16.81 6.00
N LYS A 44 7.71 16.96 6.10
CA LYS A 44 7.10 18.26 6.33
C LYS A 44 6.89 18.98 5.00
N ILE A 45 6.93 18.22 3.91
CA ILE A 45 6.74 18.78 2.58
C ILE A 45 5.52 18.15 1.92
N THR A 46 5.23 18.55 0.69
CA THR A 46 4.08 18.03 -0.03
C THR A 46 4.55 17.33 -1.31
N ILE A 47 3.93 16.20 -1.63
CA ILE A 47 4.29 15.44 -2.82
C ILE A 47 3.04 15.18 -3.65
N ALA A 48 3.23 14.87 -4.94
CA ALA A 48 2.13 14.61 -5.83
C ALA A 48 2.12 13.12 -6.23
N ASN A 49 2.30 12.24 -5.24
CA ASN A 49 2.32 10.82 -5.49
C ASN A 49 3.17 10.12 -4.44
N ALA A 50 2.54 9.71 -3.33
CA ALA A 50 3.25 9.04 -2.26
C ALA A 50 2.28 8.14 -1.50
N VAL A 51 2.82 7.12 -0.82
CA VAL A 51 2.00 6.20 -0.07
C VAL A 51 2.88 5.10 0.52
N ILE A 52 3.64 4.42 -0.34
CA ILE A 52 4.52 3.35 0.09
C ILE A 52 3.72 2.30 0.86
N GLY A 53 4.36 1.18 1.18
CA GLY A 53 3.70 0.11 1.90
C GLY A 53 3.13 0.63 3.20
N ALA A 54 3.82 1.58 3.83
CA ALA A 54 3.38 2.16 5.08
C ALA A 54 1.90 2.53 4.98
N ASP A 55 1.58 3.46 4.08
CA ASP A 55 0.21 3.90 3.89
C ASP A 55 -0.64 2.72 3.44
N VAL A 56 -0.16 1.98 2.44
CA VAL A 56 -0.89 0.83 1.92
C VAL A 56 -1.32 -0.06 3.07
N VAL A 57 -0.53 -0.08 4.15
CA VAL A 57 -0.84 -0.90 5.31
C VAL A 57 -1.97 -0.25 6.10
N ASP A 58 -1.71 0.95 6.63
CA ASP A 58 -2.70 1.67 7.42
C ASP A 58 -4.06 1.56 6.75
N TRP A 59 -4.07 1.39 5.42
CA TRP A 59 -5.31 1.28 4.68
C TRP A 59 -5.90 -0.11 4.88
N LEU A 60 -5.25 -1.14 4.32
CA LEU A 60 -5.72 -2.50 4.44
C LEU A 60 -6.32 -2.72 5.82
N TYR A 61 -5.73 -2.09 6.84
CA TYR A 61 -6.21 -2.22 8.20
C TYR A 61 -7.39 -1.30 8.43
N THR A 62 -7.28 -0.05 7.98
CA THR A 62 -8.35 0.92 8.13
C THR A 62 -9.36 0.75 7.01
N HIS A 63 -9.29 -0.38 6.30
CA HIS A 63 -10.20 -0.66 5.20
C HIS A 63 -10.91 -1.98 5.44
N VAL A 64 -10.16 -3.08 5.33
CA VAL A 64 -10.73 -4.41 5.53
C VAL A 64 -9.94 -5.14 6.60
N GLU A 65 -10.26 -6.43 6.81
CA GLU A 65 -9.58 -7.23 7.80
C GLU A 65 -9.36 -8.64 7.27
N GLY A 66 -8.65 -9.47 8.03
CA GLY A 66 -8.37 -10.84 7.63
C GLY A 66 -7.00 -11.27 8.12
N PHE A 67 -6.16 -10.30 8.50
CA PHE A 67 -4.83 -10.58 8.97
C PHE A 67 -4.85 -10.72 10.50
N LYS A 68 -3.76 -11.25 11.06
CA LYS A 68 -3.67 -11.43 12.50
C LYS A 68 -3.53 -10.07 13.18
N GLU A 69 -2.49 -9.32 12.82
CA GLU A 69 -2.25 -8.01 13.40
C GLU A 69 -1.29 -7.22 12.51
N ARG A 70 -0.86 -6.05 13.00
CA ARG A 70 0.05 -5.21 12.27
C ARG A 70 1.07 -6.07 11.53
N ARG A 71 1.48 -7.18 12.15
CA ARG A 71 2.45 -8.08 11.56
C ARG A 71 1.92 -8.60 10.23
N GLU A 72 0.94 -9.51 10.29
CA GLU A 72 0.36 -10.09 9.09
C GLU A 72 0.09 -8.99 8.07
N ALA A 73 -0.39 -7.84 8.54
CA ALA A 73 -0.68 -6.71 7.66
C ALA A 73 0.54 -6.40 6.81
N ARG A 74 1.68 -6.17 7.45
CA ARG A 74 2.91 -5.86 6.75
C ARG A 74 3.28 -7.01 5.83
N LYS A 75 2.97 -8.24 6.25
CA LYS A 75 3.28 -9.42 5.45
C LYS A 75 2.59 -9.32 4.10
N TYR A 76 1.33 -8.89 4.09
CA TYR A 76 0.57 -8.75 2.86
C TYR A 76 1.14 -7.61 2.03
N ALA A 77 1.18 -6.41 2.60
CA ALA A 77 1.69 -5.25 1.91
C ALA A 77 2.93 -5.63 1.11
N SER A 78 3.85 -6.36 1.75
CA SER A 78 5.07 -6.79 1.09
C SER A 78 4.73 -7.59 -0.15
N SER A 79 3.80 -8.55 -0.02
CA SER A 79 3.39 -9.39 -1.12
C SER A 79 2.75 -8.53 -2.20
N MET A 80 2.07 -7.46 -1.79
CA MET A 80 1.42 -6.56 -2.72
C MET A 80 2.46 -5.84 -3.57
N LEU A 81 3.58 -5.46 -2.95
CA LEU A 81 4.64 -4.76 -3.64
C LEU A 81 5.30 -5.70 -4.64
N LYS A 82 5.78 -6.85 -4.17
CA LYS A 82 6.43 -7.82 -5.03
C LYS A 82 5.63 -7.99 -6.31
N HIS A 83 4.33 -8.21 -6.18
CA HIS A 83 3.47 -8.40 -7.34
C HIS A 83 3.87 -7.42 -8.44
N GLY A 84 4.41 -6.26 -8.05
CA GLY A 84 4.83 -5.26 -9.02
C GLY A 84 3.77 -4.18 -9.15
N PHE A 85 2.96 -4.00 -8.10
CA PHE A 85 1.91 -3.00 -8.12
C PHE A 85 2.39 -1.75 -7.36
N LEU A 86 3.66 -1.74 -6.97
CA LEU A 86 4.22 -0.62 -6.25
C LEU A 86 5.59 -0.26 -6.82
N ARG A 87 5.99 1.00 -6.68
CA ARG A 87 7.27 1.46 -7.18
C ARG A 87 8.12 1.98 -6.03
N HIS A 88 9.28 1.36 -5.80
CA HIS A 88 10.17 1.77 -4.74
C HIS A 88 11.42 2.39 -5.32
N THR A 89 12.41 2.66 -4.46
CA THR A 89 13.67 3.24 -4.89
C THR A 89 14.81 2.27 -4.67
N VAL A 90 14.83 1.18 -5.43
CA VAL A 90 15.87 0.17 -5.31
C VAL A 90 16.03 -0.55 -6.64
N ASN A 91 17.15 -1.26 -6.80
CA ASN A 91 17.43 -2.01 -8.01
C ASN A 91 16.15 -2.64 -8.53
N LYS A 92 15.25 -3.01 -7.62
CA LYS A 92 14.00 -3.63 -7.99
C LYS A 92 12.86 -3.02 -7.19
N ILE A 93 12.32 -3.79 -6.23
CA ILE A 93 11.24 -3.31 -5.39
C ILE A 93 11.55 -3.60 -3.93
N THR A 94 11.69 -4.87 -3.58
CA THR A 94 11.99 -5.26 -2.22
C THR A 94 11.28 -4.34 -1.25
N PHE A 95 10.07 -4.73 -0.83
CA PHE A 95 9.29 -3.93 0.09
C PHE A 95 10.12 -3.64 1.34
N SER A 96 9.69 -2.64 2.12
CA SER A 96 10.39 -2.27 3.33
C SER A 96 9.48 -1.42 4.22
N GLU A 97 8.95 -0.33 3.66
CA GLU A 97 8.06 0.54 4.41
C GLU A 97 8.87 1.56 5.18
N GLN A 98 9.62 2.42 4.46
CA GLN A 98 10.44 3.43 5.08
C GLN A 98 10.75 4.54 4.08
N CYS A 99 11.08 4.15 2.86
CA CYS A 99 11.41 5.10 1.81
C CYS A 99 10.16 5.39 0.99
N TYR A 100 9.48 6.50 1.29
CA TYR A 100 8.28 6.88 0.58
C TYR A 100 8.34 6.39 -0.86
N TYR A 101 7.31 5.66 -1.28
CA TYR A 101 7.26 5.13 -2.64
C TYR A 101 5.96 5.55 -3.30
N VAL A 102 5.74 5.09 -4.54
CA VAL A 102 4.54 5.42 -5.28
C VAL A 102 4.11 4.21 -6.11
N PHE A 103 2.81 3.95 -6.16
CA PHE A 103 2.28 2.84 -6.93
C PHE A 103 3.00 2.74 -8.26
N GLY A 104 2.85 1.60 -8.95
CA GLY A 104 3.49 1.40 -10.23
C GLY A 104 2.54 0.70 -11.19
N ASP A 105 3.10 0.05 -12.21
CA ASP A 105 2.29 -0.65 -13.20
C ASP A 105 3.20 -1.44 -14.13
N GLU A 12 -16.34 -4.36 7.02
CA GLU A 12 -14.95 -4.46 6.60
C GLU A 12 -14.85 -4.31 5.09
N ALA A 13 -13.71 -3.79 4.61
CA ALA A 13 -13.50 -3.60 3.20
C ALA A 13 -13.96 -4.83 2.43
N PRO A 14 -14.07 -4.71 1.11
CA PRO A 14 -14.50 -5.77 0.23
C PRO A 14 -13.40 -6.81 0.10
N LEU A 15 -12.30 -6.61 0.83
CA LEU A 15 -11.18 -7.53 0.81
C LEU A 15 -11.08 -8.25 2.14
N THR A 16 -9.93 -8.88 2.40
CA THR A 16 -9.71 -9.60 3.63
C THR A 16 -8.23 -9.65 3.96
N VAL A 17 -7.41 -10.07 2.98
CA VAL A 17 -5.98 -10.16 3.16
C VAL A 17 -5.36 -10.96 2.03
N LYS A 18 -6.12 -11.92 1.48
CA LYS A 18 -5.65 -12.75 0.40
C LYS A 18 -6.22 -12.25 -0.92
N SER A 19 -6.93 -11.11 -0.88
CA SER A 19 -7.52 -10.54 -2.07
C SER A 19 -6.45 -10.31 -3.12
N ASP A 20 -6.78 -10.55 -4.39
CA ASP A 20 -5.84 -10.35 -5.48
C ASP A 20 -5.01 -9.10 -5.23
N MET A 21 -3.69 -9.26 -5.16
CA MET A 21 -2.80 -8.14 -4.93
C MET A 21 -3.21 -6.96 -5.80
N SER A 22 -3.49 -7.24 -7.07
CA SER A 22 -3.89 -6.20 -8.01
C SER A 22 -5.19 -5.56 -7.54
N ALA A 23 -6.06 -6.35 -6.89
CA ALA A 23 -7.32 -5.85 -6.39
C ALA A 23 -7.08 -4.95 -5.18
N ILE A 24 -6.06 -5.30 -4.38
CA ILE A 24 -5.73 -4.52 -3.20
C ILE A 24 -5.20 -3.15 -3.61
N VAL A 25 -4.12 -3.13 -4.39
CA VAL A 25 -3.53 -1.89 -4.85
C VAL A 25 -4.58 -1.04 -5.55
N ARG A 26 -5.46 -1.70 -6.33
CA ARG A 26 -6.50 -1.02 -7.05
C ARG A 26 -7.39 -0.24 -6.08
N VAL A 27 -7.89 -0.92 -5.05
CA VAL A 27 -8.74 -0.30 -4.07
C VAL A 27 -8.05 0.93 -3.49
N MET A 28 -6.85 0.74 -2.93
CA MET A 28 -6.09 1.83 -2.35
C MET A 28 -5.96 2.96 -3.36
N GLN A 29 -5.91 2.61 -4.64
CA GLN A 29 -5.79 3.60 -5.70
C GLN A 29 -7.06 4.41 -5.80
N LEU A 30 -8.21 3.73 -5.77
CA LEU A 30 -9.49 4.39 -5.86
C LEU A 30 -9.47 5.67 -5.04
N PRO A 31 -10.06 6.74 -5.60
CA PRO A 31 -10.13 8.04 -4.97
C PRO A 31 -11.13 8.00 -3.82
N ASP A 32 -11.76 6.84 -3.62
CA ASP A 32 -12.74 6.68 -2.56
C ASP A 32 -12.45 5.40 -1.79
N SER A 33 -11.15 5.13 -1.55
CA SER A 33 -10.75 3.96 -0.82
C SER A 33 -10.44 4.31 0.64
N GLY A 34 -9.50 5.24 0.83
CA GLY A 34 -9.12 5.65 2.16
C GLY A 34 -7.64 6.02 2.21
N LEU A 35 -6.87 5.46 1.27
CA LEU A 35 -5.44 5.72 1.21
C LEU A 35 -5.15 6.76 0.14
N GLU A 36 -5.73 6.57 -1.05
CA GLU A 36 -5.54 7.50 -2.15
C GLU A 36 -4.06 7.60 -2.48
N ILE A 37 -3.70 7.20 -3.71
CA ILE A 37 -2.32 7.24 -4.16
C ILE A 37 -2.17 8.30 -5.24
N ARG A 38 -1.60 9.45 -4.88
CA ARG A 38 -1.39 10.53 -5.83
C ARG A 38 -0.86 11.76 -5.11
N ASP A 39 -1.29 11.95 -3.85
CA ASP A 39 -0.86 13.08 -3.05
C ASP A 39 -0.80 12.68 -1.59
N ARG A 40 0.29 13.07 -0.92
CA ARG A 40 0.48 12.76 0.49
C ARG A 40 1.49 13.71 1.10
N MET A 41 1.77 13.53 2.39
CA MET A 41 2.73 14.37 3.09
C MET A 41 3.79 13.52 3.74
N TRP A 42 5.03 14.03 3.80
CA TRP A 42 6.13 13.31 4.41
C TRP A 42 7.29 14.25 4.66
N LEU A 43 7.96 14.10 5.81
CA LEU A 43 9.09 14.94 6.16
C LEU A 43 8.61 16.36 6.42
N LYS A 44 7.29 16.55 6.50
CA LYS A 44 6.71 17.86 6.74
C LYS A 44 6.53 18.59 5.42
N ILE A 45 6.62 17.86 4.31
CA ILE A 45 6.46 18.44 3.00
C ILE A 45 5.27 17.80 2.28
N THR A 46 5.00 18.24 1.05
CA THR A 46 3.90 17.70 0.28
C THR A 46 4.42 17.10 -1.01
N ILE A 47 3.89 15.94 -1.40
CA ILE A 47 4.30 15.27 -2.62
C ILE A 47 3.07 14.94 -3.47
N ALA A 48 3.26 14.85 -4.79
CA ALA A 48 2.18 14.54 -5.69
C ALA A 48 2.25 13.08 -6.10
N ASN A 49 2.41 12.18 -5.11
CA ASN A 49 2.50 10.76 -5.37
C ASN A 49 3.32 10.08 -4.29
N ALA A 50 2.65 9.64 -3.22
CA ALA A 50 3.32 8.97 -2.12
C ALA A 50 2.34 8.06 -1.39
N VAL A 51 2.87 7.05 -0.71
CA VAL A 51 2.04 6.10 0.03
C VAL A 51 2.90 4.99 0.59
N ILE A 52 3.68 4.34 -0.29
CA ILE A 52 4.56 3.26 0.13
C ILE A 52 3.74 2.20 0.87
N GLY A 53 4.37 1.07 1.17
CA GLY A 53 3.71 -0.01 1.87
C GLY A 53 3.18 0.49 3.22
N ALA A 54 3.88 1.45 3.82
CA ALA A 54 3.48 2.01 5.10
C ALA A 54 2.00 2.37 5.06
N ASP A 55 1.63 3.26 4.13
CA ASP A 55 0.25 3.69 3.99
C ASP A 55 -0.60 2.54 3.49
N VAL A 56 -0.12 1.85 2.45
CA VAL A 56 -0.84 0.73 1.87
C VAL A 56 -1.27 -0.23 2.98
N VAL A 57 -0.51 -0.27 4.07
CA VAL A 57 -0.82 -1.13 5.20
C VAL A 57 -1.86 -0.46 6.08
N ASP A 58 -1.46 0.64 6.74
CA ASP A 58 -2.35 1.37 7.61
C ASP A 58 -3.75 1.41 7.02
N TRP A 59 -3.83 1.41 5.68
CA TRP A 59 -5.11 1.45 5.00
C TRP A 59 -5.72 0.06 4.95
N LEU A 60 -5.00 -0.89 4.36
CA LEU A 60 -5.48 -2.26 4.27
C LEU A 60 -6.22 -2.64 5.53
N TYR A 61 -5.79 -2.09 6.68
CA TYR A 61 -6.42 -2.39 7.95
C TYR A 61 -7.59 -1.44 8.16
N THR A 62 -7.33 -0.13 8.12
CA THR A 62 -8.36 0.87 8.30
C THR A 62 -9.48 0.65 7.29
N HIS A 63 -9.21 -0.15 6.26
CA HIS A 63 -10.20 -0.43 5.24
C HIS A 63 -10.82 -1.79 5.48
N VAL A 64 -10.03 -2.84 5.32
CA VAL A 64 -10.51 -4.20 5.52
C VAL A 64 -9.73 -4.87 6.63
N GLU A 65 -10.05 -6.13 6.93
CA GLU A 65 -9.36 -6.87 7.98
C GLU A 65 -9.27 -8.34 7.60
N GLY A 66 -8.54 -9.12 8.39
CA GLY A 66 -8.37 -10.53 8.13
C GLY A 66 -6.96 -10.99 8.52
N PHE A 67 -6.05 -10.02 8.69
CA PHE A 67 -4.69 -10.32 9.05
C PHE A 67 -4.56 -10.39 10.56
N LYS A 68 -3.78 -11.35 11.05
CA LYS A 68 -3.58 -11.53 12.48
C LYS A 68 -3.40 -10.16 13.14
N GLU A 69 -2.34 -9.44 12.74
CA GLU A 69 -2.06 -8.13 13.30
C GLU A 69 -1.13 -7.36 12.37
N ARG A 70 -0.65 -6.21 12.84
CA ARG A 70 0.26 -5.38 12.05
C ARG A 70 1.22 -6.27 11.28
N ARG A 71 1.54 -7.43 11.85
CA ARG A 71 2.47 -8.36 11.22
C ARG A 71 1.89 -8.85 9.90
N GLU A 72 0.95 -9.79 9.98
CA GLU A 72 0.32 -10.34 8.79
C GLU A 72 0.05 -9.23 7.78
N ALA A 73 -0.41 -8.07 8.28
CA ALA A 73 -0.70 -6.94 7.42
C ALA A 73 0.52 -6.60 6.58
N ARG A 74 1.66 -6.37 7.25
CA ARG A 74 2.89 -6.03 6.57
C ARG A 74 3.28 -7.17 5.63
N LYS A 75 2.90 -8.40 5.98
CA LYS A 75 3.22 -9.56 5.17
C LYS A 75 2.50 -9.46 3.83
N TYR A 76 1.25 -8.98 3.85
CA TYR A 76 0.46 -8.85 2.65
C TYR A 76 1.03 -7.73 1.78
N ALA A 77 1.20 -6.55 2.36
CA ALA A 77 1.74 -5.41 1.65
C ALA A 77 3.02 -5.82 0.92
N SER A 78 3.91 -6.51 1.63
CA SER A 78 5.17 -6.96 1.06
C SER A 78 4.89 -7.76 -0.20
N SER A 79 3.90 -8.64 -0.14
CA SER A 79 3.54 -9.48 -1.28
C SER A 79 3.06 -8.60 -2.44
N MET A 80 2.37 -7.51 -2.11
CA MET A 80 1.87 -6.60 -3.12
C MET A 80 3.02 -5.93 -3.85
N LEU A 81 4.07 -5.59 -3.09
CA LEU A 81 5.24 -4.94 -3.67
C LEU A 81 5.89 -5.86 -4.70
N LYS A 82 6.21 -7.09 -4.29
CA LYS A 82 6.84 -8.06 -5.18
C LYS A 82 6.02 -8.17 -6.45
N HIS A 83 4.71 -8.41 -6.31
CA HIS A 83 3.83 -8.55 -7.46
C HIS A 83 4.22 -7.54 -8.54
N GLY A 84 4.75 -6.39 -8.12
CA GLY A 84 5.16 -5.36 -9.05
C GLY A 84 4.07 -4.29 -9.17
N PHE A 85 3.06 -4.36 -8.30
CA PHE A 85 1.97 -3.41 -8.32
C PHE A 85 2.40 -2.13 -7.63
N LEU A 86 3.66 -2.07 -7.20
CA LEU A 86 4.19 -0.90 -6.53
C LEU A 86 5.55 -0.53 -7.13
N ARG A 87 5.89 0.76 -7.05
CA ARG A 87 7.16 1.24 -7.59
C ARG A 87 7.99 1.85 -6.47
N HIS A 88 9.12 1.22 -6.15
CA HIS A 88 9.99 1.71 -5.09
C HIS A 88 11.28 2.25 -5.70
N THR A 89 12.10 2.89 -4.87
CA THR A 89 13.36 3.46 -5.32
C THR A 89 14.52 2.59 -4.85
N VAL A 90 14.53 1.33 -5.27
CA VAL A 90 15.58 0.40 -4.89
C VAL A 90 16.06 -0.37 -6.10
N ASN A 91 16.99 -1.30 -5.90
CA ASN A 91 17.53 -2.10 -6.98
C ASN A 91 16.40 -2.53 -7.91
N LYS A 92 15.35 -3.12 -7.34
CA LYS A 92 14.22 -3.59 -8.12
C LYS A 92 12.93 -3.11 -7.49
N ILE A 93 12.64 -3.60 -6.27
CA ILE A 93 11.43 -3.21 -5.56
C ILE A 93 11.58 -3.54 -4.08
N THR A 94 12.03 -4.76 -3.78
CA THR A 94 12.22 -5.18 -2.40
C THR A 94 11.40 -4.30 -1.48
N PHE A 95 10.19 -4.77 -1.11
CA PHE A 95 9.33 -4.02 -0.23
C PHE A 95 10.14 -3.43 0.92
N SER A 96 9.54 -2.49 1.64
CA SER A 96 10.20 -1.85 2.76
C SER A 96 9.16 -1.27 3.72
N GLU A 97 8.52 -0.18 3.29
CA GLU A 97 7.50 0.47 4.11
C GLU A 97 8.18 1.39 5.12
N GLN A 98 8.86 2.43 4.63
CA GLN A 98 9.53 3.37 5.49
C GLN A 98 9.75 4.69 4.76
N CYS A 99 10.29 4.60 3.54
CA CYS A 99 10.55 5.79 2.74
C CYS A 99 9.26 6.24 2.08
N TYR A 100 9.35 6.71 0.84
CA TYR A 100 8.19 7.17 0.10
C TYR A 100 8.21 6.61 -1.31
N TYR A 101 7.21 5.79 -1.64
CA TYR A 101 7.12 5.19 -2.96
C TYR A 101 5.80 5.59 -3.62
N VAL A 102 5.55 5.05 -4.81
CA VAL A 102 4.34 5.36 -5.54
C VAL A 102 3.92 4.15 -6.37
N PHE A 103 2.61 3.89 -6.44
CA PHE A 103 2.09 2.77 -7.20
C PHE A 103 2.81 2.68 -8.54
N GLY A 104 2.56 1.60 -9.28
CA GLY A 104 3.18 1.39 -10.57
C GLY A 104 2.12 1.23 -11.65
N ASP A 105 2.54 1.26 -12.92
CA ASP A 105 1.63 1.11 -14.04
C ASP A 105 2.26 0.24 -15.11
N GLU A 12 -13.31 -0.81 3.83
CA GLU A 12 -13.06 -2.24 3.80
C GLU A 12 -14.38 -2.99 3.76
N ALA A 13 -14.42 -4.10 3.02
CA ALA A 13 -15.61 -4.91 2.90
C ALA A 13 -15.51 -5.81 1.69
N PRO A 14 -15.18 -5.22 0.53
CA PRO A 14 -15.03 -5.92 -0.73
C PRO A 14 -13.76 -6.76 -0.71
N LEU A 15 -12.92 -6.53 0.30
CA LEU A 15 -11.68 -7.26 0.43
C LEU A 15 -11.58 -7.89 1.81
N THR A 16 -10.62 -8.80 1.99
CA THR A 16 -10.43 -9.46 3.28
C THR A 16 -8.96 -9.75 3.49
N VAL A 17 -8.27 -10.20 2.45
CA VAL A 17 -6.85 -10.50 2.53
C VAL A 17 -6.39 -11.15 1.24
N LYS A 18 -7.26 -11.94 0.62
CA LYS A 18 -6.94 -12.61 -0.62
C LYS A 18 -7.81 -12.07 -1.75
N SER A 19 -8.16 -10.78 -1.68
CA SER A 19 -8.99 -10.16 -2.68
C SER A 19 -8.13 -9.75 -3.87
N ASP A 20 -7.31 -10.68 -4.38
CA ASP A 20 -6.45 -10.40 -5.50
C ASP A 20 -5.56 -9.20 -5.19
N MET A 21 -4.27 -9.46 -4.94
CA MET A 21 -3.33 -8.41 -4.63
C MET A 21 -3.55 -7.23 -5.57
N SER A 22 -3.85 -7.52 -6.83
CA SER A 22 -4.08 -6.49 -7.82
C SER A 22 -5.34 -5.71 -7.47
N ALA A 23 -6.37 -6.41 -6.99
CA ALA A 23 -7.61 -5.78 -6.62
C ALA A 23 -7.40 -4.91 -5.39
N ILE A 24 -6.50 -5.34 -4.50
CA ILE A 24 -6.21 -4.60 -3.29
C ILE A 24 -5.57 -3.25 -3.64
N VAL A 25 -4.45 -3.30 -4.36
CA VAL A 25 -3.75 -2.10 -4.76
C VAL A 25 -4.68 -1.20 -5.57
N ARG A 26 -5.45 -1.79 -6.47
CA ARG A 26 -6.37 -1.05 -7.30
C ARG A 26 -7.31 -0.23 -6.42
N VAL A 27 -7.85 -0.86 -5.38
CA VAL A 27 -8.76 -0.20 -4.46
C VAL A 27 -8.07 1.02 -3.85
N MET A 28 -7.00 0.77 -3.08
CA MET A 28 -6.27 1.84 -2.44
C MET A 28 -6.10 3.00 -3.41
N GLN A 29 -5.85 2.69 -4.69
CA GLN A 29 -5.67 3.70 -5.70
C GLN A 29 -6.95 4.51 -5.87
N LEU A 30 -8.08 3.81 -5.97
CA LEU A 30 -9.37 4.45 -6.13
C LEU A 30 -9.42 5.71 -5.29
N PRO A 31 -9.99 6.79 -5.86
CA PRO A 31 -10.14 8.07 -5.21
C PRO A 31 -11.20 7.98 -4.13
N ASP A 32 -11.78 6.80 -3.95
CA ASP A 32 -12.81 6.59 -2.96
C ASP A 32 -12.59 5.27 -2.24
N SER A 33 -11.32 4.98 -1.91
CA SER A 33 -10.97 3.75 -1.23
C SER A 33 -10.70 4.03 0.24
N GLY A 34 -9.78 4.96 0.51
CA GLY A 34 -9.43 5.32 1.87
C GLY A 34 -7.99 5.81 1.94
N LEU A 35 -7.09 5.10 1.25
CA LEU A 35 -5.69 5.46 1.25
C LEU A 35 -5.45 6.55 0.22
N GLU A 36 -6.00 6.37 -0.99
CA GLU A 36 -5.83 7.35 -2.05
C GLU A 36 -4.35 7.53 -2.37
N ILE A 37 -3.93 7.06 -3.55
CA ILE A 37 -2.55 7.17 -3.96
C ILE A 37 -2.43 8.24 -5.04
N ARG A 38 -1.91 9.41 -4.67
CA ARG A 38 -1.74 10.51 -5.61
C ARG A 38 -1.09 11.69 -4.91
N ASP A 39 -1.44 11.90 -3.64
CA ASP A 39 -0.89 13.00 -2.88
C ASP A 39 -0.66 12.56 -1.44
N ARG A 40 0.54 12.83 -0.90
CA ARG A 40 0.87 12.45 0.45
C ARG A 40 1.86 13.45 1.03
N MET A 41 2.23 13.26 2.30
CA MET A 41 3.16 14.16 2.97
C MET A 41 4.33 13.35 3.54
N TRP A 42 5.51 13.95 3.57
CA TRP A 42 6.69 13.29 4.11
C TRP A 42 7.79 14.32 4.37
N LEU A 43 8.44 14.20 5.53
CA LEU A 43 9.50 15.11 5.90
C LEU A 43 8.92 16.50 6.18
N LYS A 44 7.59 16.58 6.28
CA LYS A 44 6.93 17.84 6.55
C LYS A 44 6.69 18.59 5.24
N ILE A 45 6.75 17.87 4.11
CA ILE A 45 6.55 18.47 2.82
C ILE A 45 5.35 17.83 2.14
N THR A 46 5.04 18.28 0.92
CA THR A 46 3.91 17.76 0.18
C THR A 46 4.39 17.14 -1.12
N ILE A 47 3.79 16.02 -1.52
CA ILE A 47 4.15 15.33 -2.74
C ILE A 47 2.90 14.98 -3.53
N ALA A 48 3.02 14.88 -4.85
CA ALA A 48 1.91 14.55 -5.71
C ALA A 48 1.98 13.09 -6.12
N ASN A 49 2.18 12.20 -5.14
CA ASN A 49 2.26 10.78 -5.40
C ASN A 49 3.14 10.11 -4.34
N ALA A 50 2.50 9.40 -3.41
CA ALA A 50 3.23 8.71 -2.36
C ALA A 50 2.29 7.79 -1.60
N VAL A 51 2.85 6.82 -0.87
CA VAL A 51 2.06 5.88 -0.11
C VAL A 51 2.96 4.81 0.48
N ILE A 52 3.67 4.08 -0.38
CA ILE A 52 4.57 3.04 0.05
C ILE A 52 3.83 2.05 0.94
N GLY A 53 4.48 0.94 1.30
CA GLY A 53 3.87 -0.06 2.15
C GLY A 53 3.38 0.56 3.44
N ALA A 54 4.09 1.60 3.91
CA ALA A 54 3.73 2.28 5.14
C ALA A 54 2.25 2.65 5.11
N ASP A 55 1.86 3.51 4.17
CA ASP A 55 0.48 3.93 4.05
C ASP A 55 -0.39 2.73 3.66
N VAL A 56 0.04 1.99 2.64
CA VAL A 56 -0.70 0.83 2.18
C VAL A 56 -1.11 -0.03 3.36
N VAL A 57 -0.26 -0.07 4.40
CA VAL A 57 -0.54 -0.85 5.58
C VAL A 57 -1.60 -0.15 6.41
N ASP A 58 -1.30 1.05 6.90
CA ASP A 58 -2.22 1.81 7.72
C ASP A 58 -3.63 1.67 7.15
N TRP A 59 -3.73 1.48 5.84
CA TRP A 59 -5.01 1.33 5.18
C TRP A 59 -5.55 -0.08 5.39
N LEU A 60 -4.98 -1.05 4.66
CA LEU A 60 -5.40 -2.43 4.79
C LEU A 60 -5.90 -2.70 6.20
N TYR A 61 -5.14 -2.26 7.20
CA TYR A 61 -5.50 -2.46 8.59
C TYR A 61 -6.77 -1.67 8.91
N THR A 62 -6.72 -0.36 8.65
CA THR A 62 -7.87 0.50 8.92
C THR A 62 -8.84 0.44 7.75
N HIS A 63 -8.75 -0.61 6.93
CA HIS A 63 -9.61 -0.78 5.79
C HIS A 63 -10.50 -2.00 5.98
N VAL A 64 -9.93 -3.19 5.79
CA VAL A 64 -10.67 -4.42 5.94
C VAL A 64 -9.98 -5.32 6.97
N GLU A 65 -10.49 -6.54 7.14
CA GLU A 65 -9.93 -7.47 8.08
C GLU A 65 -9.64 -8.80 7.39
N GLY A 66 -8.99 -9.72 8.11
CA GLY A 66 -8.66 -11.02 7.56
C GLY A 66 -7.23 -11.40 7.93
N PHE A 67 -6.48 -10.45 8.49
CA PHE A 67 -5.11 -10.70 8.88
C PHE A 67 -5.06 -11.07 10.36
N LYS A 68 -3.97 -11.72 10.77
CA LYS A 68 -3.81 -12.13 12.15
C LYS A 68 -3.53 -10.93 13.03
N GLU A 69 -2.47 -10.19 12.70
CA GLU A 69 -2.10 -9.01 13.46
C GLU A 69 -1.18 -8.12 12.62
N ARG A 70 -0.58 -7.12 13.26
CA ARG A 70 0.31 -6.19 12.57
C ARG A 70 1.28 -6.98 11.70
N ARG A 71 1.53 -8.24 12.05
CA ARG A 71 2.42 -9.09 11.30
C ARG A 71 1.83 -9.38 9.93
N GLU A 72 0.77 -10.20 9.90
CA GLU A 72 0.11 -10.56 8.66
C GLU A 72 -0.09 -9.31 7.81
N ALA A 73 -0.46 -8.20 8.45
CA ALA A 73 -0.70 -6.96 7.75
C ALA A 73 0.56 -6.56 6.99
N ARG A 74 1.68 -6.44 7.71
CA ARG A 74 2.95 -6.06 7.10
C ARG A 74 3.35 -7.11 6.07
N LYS A 75 2.89 -8.34 6.26
CA LYS A 75 3.22 -9.43 5.35
C LYS A 75 2.48 -9.23 4.03
N TYR A 76 1.27 -8.67 4.09
CA TYR A 76 0.48 -8.43 2.91
C TYR A 76 1.06 -7.27 2.12
N ALA A 77 1.33 -6.16 2.81
CA ALA A 77 1.87 -4.98 2.18
C ALA A 77 3.18 -5.33 1.48
N SER A 78 4.08 -6.00 2.20
CA SER A 78 5.37 -6.39 1.65
C SER A 78 5.15 -7.26 0.41
N SER A 79 4.26 -8.24 0.51
CA SER A 79 3.97 -9.12 -0.60
C SER A 79 3.51 -8.30 -1.80
N MET A 80 2.80 -7.19 -1.54
CA MET A 80 2.32 -6.33 -2.60
C MET A 80 3.48 -5.63 -3.27
N LEU A 81 4.44 -5.14 -2.47
CA LEU A 81 5.60 -4.45 -2.99
C LEU A 81 6.34 -5.35 -3.96
N LYS A 82 6.56 -6.61 -3.57
CA LYS A 82 7.26 -7.57 -4.41
C LYS A 82 6.45 -7.84 -5.67
N HIS A 83 5.18 -8.22 -5.49
CA HIS A 83 4.31 -8.52 -6.61
C HIS A 83 4.53 -7.50 -7.71
N GLY A 84 4.92 -6.28 -7.34
CA GLY A 84 5.15 -5.23 -8.30
C GLY A 84 4.04 -4.20 -8.24
N PHE A 85 3.22 -4.26 -7.19
CA PHE A 85 2.12 -3.34 -7.02
C PHE A 85 2.63 -2.05 -6.40
N LEU A 86 3.94 -1.94 -6.22
CA LEU A 86 4.55 -0.76 -5.63
C LEU A 86 5.99 -0.64 -6.10
N ARG A 87 6.42 0.58 -6.42
CA ARG A 87 7.78 0.82 -6.87
C ARG A 87 8.37 2.01 -6.13
N HIS A 88 9.70 2.12 -6.11
CA HIS A 88 10.37 3.20 -5.44
C HIS A 88 11.39 3.84 -6.36
N THR A 89 12.67 3.75 -6.00
CA THR A 89 13.74 4.32 -6.80
C THR A 89 14.74 3.24 -7.18
N VAL A 90 14.52 2.02 -6.67
CA VAL A 90 15.40 0.91 -6.96
C VAL A 90 15.00 0.24 -8.26
N ASN A 91 15.97 -0.08 -9.11
CA ASN A 91 15.71 -0.72 -10.38
C ASN A 91 14.69 -1.84 -10.20
N LYS A 92 14.90 -2.68 -9.19
CA LYS A 92 14.01 -3.78 -8.92
C LYS A 92 12.81 -3.29 -8.10
N ILE A 93 12.56 -3.93 -6.95
CA ILE A 93 11.45 -3.56 -6.10
C ILE A 93 11.96 -3.32 -4.68
N THR A 94 12.22 -4.41 -3.95
CA THR A 94 12.72 -4.31 -2.59
C THR A 94 11.75 -3.50 -1.75
N PHE A 95 11.19 -4.12 -0.71
CA PHE A 95 10.26 -3.46 0.17
C PHE A 95 11.00 -2.79 1.32
N SER A 96 10.37 -1.77 1.93
CA SER A 96 10.98 -1.06 3.03
C SER A 96 9.91 -0.66 4.04
N GLU A 97 8.99 0.21 3.63
CA GLU A 97 7.93 0.66 4.51
C GLU A 97 8.47 1.66 5.52
N GLN A 98 9.52 2.39 5.14
CA GLN A 98 10.13 3.37 6.02
C GLN A 98 10.12 4.74 5.35
N CYS A 99 10.38 4.76 4.03
CA CYS A 99 10.40 6.00 3.29
C CYS A 99 9.08 6.17 2.54
N TYR A 100 9.13 6.80 1.36
CA TYR A 100 7.93 7.02 0.58
C TYR A 100 8.10 6.38 -0.80
N TYR A 101 7.11 5.61 -1.24
CA TYR A 101 7.15 4.95 -2.52
C TYR A 101 6.01 5.46 -3.40
N VAL A 102 5.82 4.81 -4.56
CA VAL A 102 4.77 5.21 -5.48
C VAL A 102 4.23 3.97 -6.18
N PHE A 103 2.91 3.74 -6.07
CA PHE A 103 2.28 2.60 -6.68
C PHE A 103 2.93 2.31 -8.03
N GLY A 104 2.83 1.06 -8.49
CA GLY A 104 3.41 0.67 -9.76
C GLY A 104 2.39 -0.08 -10.60
N ASP A 105 2.84 -0.68 -11.71
CA ASP A 105 1.97 -1.41 -12.60
C ASP A 105 2.79 -2.15 -13.63
N GLU A 12 -14.26 -1.58 4.88
CA GLU A 12 -13.78 -2.90 4.53
C GLU A 12 -14.96 -3.84 4.32
N ALA A 13 -14.78 -4.83 3.44
CA ALA A 13 -15.82 -5.78 3.14
C ALA A 13 -15.50 -6.50 1.83
N PRO A 14 -15.22 -5.74 0.78
CA PRO A 14 -14.90 -6.24 -0.54
C PRO A 14 -13.50 -6.85 -0.51
N LEU A 15 -12.83 -6.77 0.63
CA LEU A 15 -11.49 -7.32 0.78
C LEU A 15 -11.38 -8.08 2.10
N THR A 16 -10.22 -8.68 2.35
CA THR A 16 -9.99 -9.42 3.57
C THR A 16 -8.51 -9.46 3.89
N VAL A 17 -7.69 -9.74 2.89
CA VAL A 17 -6.25 -9.80 3.06
C VAL A 17 -5.59 -10.41 1.83
N LYS A 18 -6.31 -11.34 1.17
CA LYS A 18 -5.80 -11.98 -0.02
C LYS A 18 -6.79 -11.81 -1.16
N SER A 19 -7.45 -10.65 -1.22
CA SER A 19 -8.42 -10.38 -2.27
C SER A 19 -7.70 -9.90 -3.52
N ASP A 20 -6.85 -10.75 -4.09
CA ASP A 20 -6.10 -10.40 -5.29
C ASP A 20 -5.34 -9.11 -5.06
N MET A 21 -4.03 -9.21 -4.83
CA MET A 21 -3.20 -8.05 -4.61
C MET A 21 -3.54 -6.97 -5.62
N SER A 22 -4.07 -7.37 -6.78
CA SER A 22 -4.44 -6.43 -7.82
C SER A 22 -5.67 -5.65 -7.40
N ALA A 23 -6.64 -6.34 -6.79
CA ALA A 23 -7.86 -5.72 -6.34
C ALA A 23 -7.58 -4.83 -5.14
N ILE A 24 -6.59 -5.22 -4.32
CA ILE A 24 -6.22 -4.48 -3.15
C ILE A 24 -5.57 -3.15 -3.56
N VAL A 25 -4.51 -3.23 -4.34
CA VAL A 25 -3.80 -2.04 -4.80
C VAL A 25 -4.76 -1.15 -5.55
N ARG A 26 -5.59 -1.73 -6.41
CA ARG A 26 -6.55 -0.98 -7.19
C ARG A 26 -7.45 -0.17 -6.27
N VAL A 27 -7.94 -0.81 -5.20
CA VAL A 27 -8.80 -0.15 -4.24
C VAL A 27 -8.09 1.08 -3.67
N MET A 28 -7.00 0.85 -2.94
CA MET A 28 -6.25 1.93 -2.35
C MET A 28 -6.15 3.10 -3.32
N GLN A 29 -5.90 2.79 -4.60
CA GLN A 29 -5.78 3.80 -5.63
C GLN A 29 -7.08 4.59 -5.73
N LEU A 30 -8.21 3.86 -5.79
CA LEU A 30 -9.51 4.49 -5.89
C LEU A 30 -9.56 5.73 -5.02
N PRO A 31 -10.14 6.81 -5.55
CA PRO A 31 -10.28 8.08 -4.85
C PRO A 31 -11.34 7.95 -3.77
N ASP A 32 -11.92 6.75 -3.62
CA ASP A 32 -12.94 6.51 -2.62
C ASP A 32 -12.63 5.22 -1.88
N SER A 33 -11.34 4.98 -1.61
CA SER A 33 -10.92 3.79 -0.90
C SER A 33 -10.57 4.14 0.54
N GLY A 34 -9.85 5.25 0.72
CA GLY A 34 -9.45 5.68 2.04
C GLY A 34 -7.99 6.12 2.04
N LEU A 35 -7.16 5.43 1.26
CA LEU A 35 -5.75 5.75 1.17
C LEU A 35 -5.54 6.93 0.23
N GLU A 36 -5.97 6.79 -1.03
CA GLU A 36 -5.84 7.85 -2.00
C GLU A 36 -4.38 7.98 -2.42
N ILE A 37 -4.01 7.29 -3.51
CA ILE A 37 -2.65 7.34 -4.01
C ILE A 37 -2.52 8.42 -5.07
N ARG A 38 -1.94 9.56 -4.70
CA ARG A 38 -1.77 10.67 -5.61
C ARG A 38 -1.12 11.84 -4.88
N ASP A 39 -1.46 12.01 -3.61
CA ASP A 39 -0.92 13.09 -2.81
C ASP A 39 -0.75 12.64 -1.37
N ARG A 40 0.40 12.96 -0.77
CA ARG A 40 0.68 12.59 0.60
C ARG A 40 1.66 13.57 1.22
N MET A 41 2.03 13.34 2.48
CA MET A 41 2.95 14.20 3.18
C MET A 41 4.04 13.37 3.85
N TRP A 42 5.28 13.82 3.77
CA TRP A 42 6.40 13.13 4.37
C TRP A 42 7.58 14.07 4.55
N LEU A 43 8.19 14.03 5.74
CA LEU A 43 9.33 14.88 6.03
C LEU A 43 8.88 16.33 6.14
N LYS A 44 7.59 16.54 6.44
CA LYS A 44 7.03 17.87 6.56
C LYS A 44 6.91 18.51 5.20
N ILE A 45 6.89 17.69 4.14
CA ILE A 45 6.78 18.19 2.78
C ILE A 45 5.53 17.61 2.14
N THR A 46 5.25 18.04 0.90
CA THR A 46 4.08 17.56 0.18
C THR A 46 4.50 16.98 -1.16
N ILE A 47 4.04 15.77 -1.47
CA ILE A 47 4.36 15.11 -2.72
C ILE A 47 3.09 14.82 -3.50
N ALA A 48 3.17 14.83 -4.83
CA ALA A 48 2.03 14.57 -5.67
C ALA A 48 2.06 13.12 -6.13
N ASN A 49 2.25 12.19 -5.20
CA ASN A 49 2.30 10.78 -5.52
C ASN A 49 3.18 10.05 -4.52
N ALA A 50 2.56 9.46 -3.49
CA ALA A 50 3.28 8.73 -2.47
C ALA A 50 2.33 7.83 -1.70
N VAL A 51 2.88 6.83 -1.01
CA VAL A 51 2.08 5.90 -0.24
C VAL A 51 2.97 4.80 0.32
N ILE A 52 3.66 4.08 -0.56
CA ILE A 52 4.55 3.01 -0.15
C ILE A 52 3.79 2.03 0.72
N GLY A 53 4.43 0.90 1.06
CA GLY A 53 3.80 -0.11 1.88
C GLY A 53 3.35 0.49 3.21
N ALA A 54 4.06 1.51 3.67
CA ALA A 54 3.73 2.17 4.92
C ALA A 54 2.26 2.59 4.92
N ASP A 55 1.91 3.50 4.00
CA ASP A 55 0.54 3.98 3.89
C ASP A 55 -0.37 2.83 3.48
N VAL A 56 0.04 2.09 2.45
CA VAL A 56 -0.74 0.97 1.96
C VAL A 56 -1.19 0.09 3.12
N VAL A 57 -0.30 -0.09 4.10
CA VAL A 57 -0.60 -0.90 5.26
C VAL A 57 -1.65 -0.20 6.11
N ASP A 58 -1.30 0.96 6.66
CA ASP A 58 -2.22 1.73 7.49
C ASP A 58 -3.62 1.67 6.90
N TRP A 59 -3.71 1.51 5.58
CA TRP A 59 -4.99 1.44 4.90
C TRP A 59 -5.60 0.06 5.09
N LEU A 60 -5.04 -0.94 4.41
CA LEU A 60 -5.53 -2.30 4.52
C LEU A 60 -6.04 -2.56 5.92
N TYR A 61 -5.31 -2.07 6.92
CA TYR A 61 -5.70 -2.25 8.31
C TYR A 61 -6.87 -1.35 8.65
N THR A 62 -6.77 -0.07 8.30
CA THR A 62 -7.82 0.89 8.56
C THR A 62 -8.91 0.77 7.50
N HIS A 63 -8.86 -0.30 6.71
CA HIS A 63 -9.83 -0.52 5.66
C HIS A 63 -10.63 -1.78 5.94
N VAL A 64 -10.01 -2.94 5.71
CA VAL A 64 -10.66 -4.22 5.93
C VAL A 64 -9.88 -5.02 6.97
N GLU A 65 -10.24 -6.29 7.14
CA GLU A 65 -9.58 -7.15 8.09
C GLU A 65 -9.40 -8.54 7.51
N GLY A 66 -8.63 -9.39 8.20
CA GLY A 66 -8.39 -10.75 7.75
C GLY A 66 -6.98 -11.19 8.13
N PHE A 67 -6.13 -10.23 8.48
CA PHE A 67 -4.76 -10.52 8.87
C PHE A 67 -4.68 -10.70 10.38
N LYS A 68 -4.01 -11.77 10.81
CA LYS A 68 -3.86 -12.06 12.23
C LYS A 68 -3.64 -10.76 13.00
N GLU A 69 -2.58 -10.04 12.64
CA GLU A 69 -2.26 -8.78 13.29
C GLU A 69 -1.31 -7.97 12.42
N ARG A 70 -0.66 -6.96 13.02
CA ARG A 70 0.25 -6.11 12.29
C ARG A 70 1.19 -6.96 11.45
N ARG A 71 1.39 -8.22 11.85
CA ARG A 71 2.25 -9.13 11.13
C ARG A 71 1.62 -9.48 9.78
N GLU A 72 0.60 -10.34 9.80
CA GLU A 72 -0.07 -10.75 8.59
C GLU A 72 -0.30 -9.54 7.69
N ALA A 73 -0.68 -8.41 8.29
CA ALA A 73 -0.92 -7.19 7.54
C ALA A 73 0.33 -6.81 6.76
N ARG A 74 1.45 -6.66 7.46
CA ARG A 74 2.71 -6.29 6.84
C ARG A 74 3.11 -7.36 5.83
N LYS A 75 2.61 -8.59 6.03
CA LYS A 75 2.92 -9.69 5.14
C LYS A 75 2.28 -9.47 3.79
N TYR A 76 1.02 -9.01 3.79
CA TYR A 76 0.30 -8.76 2.56
C TYR A 76 0.91 -7.57 1.83
N ALA A 77 1.11 -6.47 2.55
CA ALA A 77 1.69 -5.27 1.97
C ALA A 77 3.02 -5.61 1.30
N SER A 78 3.88 -6.33 2.03
CA SER A 78 5.17 -6.72 1.50
C SER A 78 4.99 -7.52 0.23
N SER A 79 4.01 -8.44 0.23
CA SER A 79 3.74 -9.27 -0.93
C SER A 79 3.30 -8.39 -2.09
N MET A 80 2.63 -7.28 -1.79
CA MET A 80 2.15 -6.37 -2.81
C MET A 80 3.33 -5.63 -3.44
N LEU A 81 4.32 -5.26 -2.61
CA LEU A 81 5.49 -4.55 -3.09
C LEU A 81 6.22 -5.40 -4.11
N LYS A 82 6.46 -6.67 -3.77
CA LYS A 82 7.16 -7.58 -4.66
C LYS A 82 6.31 -7.85 -5.89
N HIS A 83 5.01 -8.07 -5.68
CA HIS A 83 4.10 -8.35 -6.78
C HIS A 83 4.43 -7.46 -7.96
N GLY A 84 4.96 -6.27 -7.70
CA GLY A 84 5.32 -5.34 -8.75
C GLY A 84 4.27 -4.25 -8.87
N PHE A 85 3.44 -4.10 -7.83
CA PHE A 85 2.39 -3.09 -7.83
C PHE A 85 2.86 -1.88 -7.05
N LEU A 86 4.15 -1.82 -6.73
CA LEU A 86 4.71 -0.70 -5.99
C LEU A 86 6.20 -0.59 -6.28
N ARG A 87 6.62 0.60 -6.73
CA ARG A 87 8.02 0.83 -7.05
C ARG A 87 8.53 2.04 -6.27
N HIS A 88 9.85 2.14 -6.11
CA HIS A 88 10.45 3.25 -5.39
C HIS A 88 11.53 3.90 -6.24
N THR A 89 12.79 3.76 -5.81
CA THR A 89 13.91 4.33 -6.52
C THR A 89 15.04 3.32 -6.62
N VAL A 90 14.77 2.08 -6.20
CA VAL A 90 15.76 1.02 -6.23
C VAL A 90 15.79 0.39 -7.61
N ASN A 91 16.79 -0.47 -7.86
CA ASN A 91 16.92 -1.13 -9.14
C ASN A 91 15.69 -2.01 -9.40
N LYS A 92 15.46 -2.99 -8.52
CA LYS A 92 14.33 -3.88 -8.67
C LYS A 92 13.13 -3.30 -7.93
N ILE A 93 13.00 -3.63 -6.63
CA ILE A 93 11.90 -3.14 -5.83
C ILE A 93 12.32 -3.08 -4.37
N THR A 94 12.53 -4.25 -3.75
CA THR A 94 12.92 -4.32 -2.36
C THR A 94 11.97 -3.50 -1.51
N PHE A 95 11.14 -4.18 -0.72
CA PHE A 95 10.19 -3.52 0.15
C PHE A 95 10.89 -3.01 1.40
N SER A 96 10.28 -2.03 2.07
CA SER A 96 10.85 -1.47 3.28
C SER A 96 9.74 -1.06 4.23
N GLU A 97 8.88 -0.14 3.79
CA GLU A 97 7.78 0.34 4.61
C GLU A 97 8.28 1.37 5.61
N GLN A 98 8.90 2.44 5.11
CA GLN A 98 9.42 3.49 5.97
C GLN A 98 9.46 4.81 5.21
N CYS A 99 9.93 4.76 3.96
CA CYS A 99 10.01 5.95 3.13
C CYS A 99 8.71 6.12 2.38
N TYR A 100 8.79 6.65 1.15
CA TYR A 100 7.62 6.86 0.33
C TYR A 100 7.84 6.27 -1.06
N TYR A 101 6.87 5.49 -1.53
CA TYR A 101 6.97 4.86 -2.84
C TYR A 101 5.85 5.36 -3.74
N VAL A 102 5.70 4.75 -4.92
CA VAL A 102 4.66 5.14 -5.85
C VAL A 102 4.11 3.91 -6.54
N PHE A 103 2.79 3.72 -6.50
CA PHE A 103 2.16 2.59 -7.12
C PHE A 103 2.81 2.30 -8.45
N GLY A 104 2.57 1.10 -9.00
CA GLY A 104 3.15 0.71 -10.27
C GLY A 104 2.22 -0.26 -11.00
N ASP A 105 2.76 -0.99 -11.97
CA ASP A 105 1.98 -1.94 -12.73
C ASP A 105 2.86 -2.61 -13.78
N GLU A 12 -13.32 -1.77 3.50
CA GLU A 12 -12.87 -3.15 3.45
C GLU A 12 -14.07 -4.09 3.44
N ALA A 13 -13.95 -5.20 2.72
CA ALA A 13 -15.02 -6.17 2.63
C ALA A 13 -14.80 -7.07 1.42
N PRO A 14 -14.59 -6.46 0.25
CA PRO A 14 -14.36 -7.17 -1.00
C PRO A 14 -12.96 -7.78 -0.99
N LEU A 15 -12.22 -7.56 0.09
CA LEU A 15 -10.88 -8.10 0.23
C LEU A 15 -10.71 -8.75 1.59
N THR A 16 -9.55 -9.35 1.83
CA THR A 16 -9.27 -10.00 3.10
C THR A 16 -7.77 -9.99 3.37
N VAL A 17 -6.98 -10.34 2.36
CA VAL A 17 -5.54 -10.37 2.50
C VAL A 17 -4.91 -11.07 1.29
N LYS A 18 -5.64 -12.05 0.73
CA LYS A 18 -5.15 -12.79 -0.41
C LYS A 18 -5.84 -12.29 -1.67
N SER A 19 -6.65 -11.23 -1.54
CA SER A 19 -7.36 -10.66 -2.66
C SER A 19 -6.36 -10.29 -3.76
N ASP A 20 -6.82 -10.37 -5.02
CA ASP A 20 -5.97 -10.05 -6.16
C ASP A 20 -5.10 -8.85 -5.82
N MET A 21 -3.79 -9.07 -5.70
CA MET A 21 -2.86 -8.00 -5.40
C MET A 21 -3.21 -6.76 -6.19
N SER A 22 -3.54 -6.94 -7.47
CA SER A 22 -3.90 -5.83 -8.33
C SER A 22 -5.20 -5.20 -7.85
N ALA A 23 -6.13 -6.03 -7.39
CA ALA A 23 -7.41 -5.55 -6.91
C ALA A 23 -7.21 -4.74 -5.64
N ILE A 24 -6.25 -5.15 -4.81
CA ILE A 24 -5.95 -4.46 -3.57
C ILE A 24 -5.39 -3.08 -3.88
N VAL A 25 -4.30 -3.02 -4.64
CA VAL A 25 -3.67 -1.77 -5.00
C VAL A 25 -4.70 -0.85 -5.65
N ARG A 26 -5.55 -1.42 -6.51
CA ARG A 26 -6.57 -0.65 -7.19
C ARG A 26 -7.44 0.06 -6.18
N VAL A 27 -7.96 -0.68 -5.20
CA VAL A 27 -8.81 -0.11 -4.17
C VAL A 27 -8.11 1.07 -3.52
N MET A 28 -6.93 0.83 -2.93
CA MET A 28 -6.18 1.87 -2.27
C MET A 28 -6.14 3.12 -3.16
N GLN A 29 -5.95 2.91 -4.46
CA GLN A 29 -5.90 4.01 -5.40
C GLN A 29 -7.20 4.80 -5.37
N LEU A 30 -8.33 4.09 -5.39
CA LEU A 30 -9.64 4.72 -5.35
C LEU A 30 -9.70 5.69 -4.18
N PRO A 31 -10.21 6.90 -4.43
CA PRO A 31 -10.36 7.94 -3.45
C PRO A 31 -11.49 7.59 -2.49
N ASP A 32 -12.07 6.40 -2.67
CA ASP A 32 -13.16 5.96 -1.83
C ASP A 32 -12.76 4.70 -1.09
N SER A 33 -11.44 4.46 -0.96
CA SER A 33 -10.93 3.29 -0.29
C SER A 33 -10.54 3.65 1.14
N GLY A 34 -9.56 4.53 1.29
CA GLY A 34 -9.10 4.94 2.60
C GLY A 34 -7.57 4.99 2.64
N LEU A 35 -6.96 5.51 1.56
CA LEU A 35 -5.52 5.61 1.47
C LEU A 35 -5.13 6.76 0.56
N GLU A 36 -5.79 6.86 -0.60
CA GLU A 36 -5.52 7.92 -1.54
C GLU A 36 -4.05 7.89 -1.94
N ILE A 37 -3.77 7.53 -3.19
CA ILE A 37 -2.42 7.47 -3.70
C ILE A 37 -2.25 8.44 -4.85
N ARG A 38 -1.59 9.58 -4.58
CA ARG A 38 -1.36 10.59 -5.59
C ARG A 38 -0.67 11.79 -4.96
N ASP A 39 -1.00 12.09 -3.71
CA ASP A 39 -0.41 13.21 -3.01
C ASP A 39 -0.19 12.85 -1.55
N ARG A 40 0.91 13.34 -0.97
CA ARG A 40 1.23 13.06 0.42
C ARG A 40 2.22 14.10 0.94
N MET A 41 2.62 13.97 2.21
CA MET A 41 3.55 14.89 2.81
C MET A 41 4.76 14.14 3.33
N TRP A 42 5.94 14.77 3.27
CA TRP A 42 7.17 14.15 3.74
C TRP A 42 8.26 15.19 3.89
N LEU A 43 8.95 15.18 5.03
CA LEU A 43 10.02 16.13 5.29
C LEU A 43 9.44 17.51 5.50
N LYS A 44 8.12 17.58 5.74
CA LYS A 44 7.45 18.85 5.96
C LYS A 44 7.15 19.50 4.63
N ILE A 45 7.17 18.72 3.54
CA ILE A 45 6.90 19.23 2.22
C ILE A 45 5.69 18.53 1.63
N THR A 46 5.32 18.88 0.40
CA THR A 46 4.18 18.27 -0.26
C THR A 46 4.63 17.58 -1.54
N ILE A 47 4.16 16.34 -1.74
CA ILE A 47 4.51 15.58 -2.92
C ILE A 47 3.24 15.18 -3.66
N ALA A 48 3.38 14.84 -4.96
CA ALA A 48 2.26 14.44 -5.77
C ALA A 48 2.39 12.98 -6.14
N ASN A 49 2.53 12.11 -5.14
CA ASN A 49 2.67 10.69 -5.36
C ASN A 49 3.48 10.06 -4.23
N ALA A 50 2.79 9.50 -3.24
CA ALA A 50 3.45 8.86 -2.11
C ALA A 50 2.44 8.06 -1.31
N VAL A 51 2.92 7.05 -0.58
CA VAL A 51 2.06 6.21 0.23
C VAL A 51 2.87 5.07 0.83
N ILE A 52 3.68 4.41 -0.01
CA ILE A 52 4.50 3.30 0.43
C ILE A 52 3.64 2.26 1.13
N GLY A 53 4.22 1.11 1.45
CA GLY A 53 3.50 0.05 2.12
C GLY A 53 2.92 0.54 3.43
N ALA A 54 3.64 1.43 4.10
CA ALA A 54 3.20 1.99 5.37
C ALA A 54 1.74 2.38 5.28
N ASP A 55 1.43 3.31 4.37
CA ASP A 55 0.07 3.77 4.18
C ASP A 55 -0.81 2.62 3.70
N VAL A 56 -0.31 1.87 2.71
CA VAL A 56 -1.05 0.75 2.16
C VAL A 56 -1.47 -0.19 3.28
N VAL A 57 -0.71 -0.17 4.38
CA VAL A 57 -1.01 -1.03 5.51
C VAL A 57 -2.13 -0.40 6.35
N ASP A 58 -1.85 0.77 6.93
CA ASP A 58 -2.83 1.47 7.74
C ASP A 58 -4.19 1.42 7.07
N TRP A 59 -4.20 1.31 5.74
CA TRP A 59 -5.43 1.25 4.99
C TRP A 59 -6.02 -0.15 5.05
N LEU A 60 -5.32 -1.11 4.43
CA LEU A 60 -5.77 -2.49 4.42
C LEU A 60 -6.50 -2.81 5.72
N TYR A 61 -6.00 -2.27 6.84
CA TYR A 61 -6.61 -2.50 8.14
C TYR A 61 -7.79 -1.55 8.32
N THR A 62 -7.54 -0.25 8.21
CA THR A 62 -8.58 0.75 8.37
C THR A 62 -9.71 0.48 7.39
N HIS A 63 -9.45 -0.36 6.39
CA HIS A 63 -10.43 -0.70 5.38
C HIS A 63 -11.07 -2.05 5.70
N VAL A 64 -10.33 -3.13 5.44
CA VAL A 64 -10.82 -4.47 5.70
C VAL A 64 -9.97 -5.13 6.78
N GLU A 65 -10.12 -6.44 6.94
CA GLU A 65 -9.37 -7.18 7.93
C GLU A 65 -9.15 -8.61 7.47
N GLY A 66 -8.40 -9.39 8.26
CA GLY A 66 -8.13 -10.77 7.91
C GLY A 66 -6.73 -11.16 8.38
N PHE A 67 -5.90 -10.15 8.69
CA PHE A 67 -4.55 -10.39 9.14
C PHE A 67 -4.51 -10.44 10.66
N LYS A 68 -3.79 -11.43 11.21
CA LYS A 68 -3.68 -11.57 12.65
C LYS A 68 -3.55 -10.21 13.30
N GLU A 69 -2.43 -9.52 13.04
CA GLU A 69 -2.20 -8.21 13.60
C GLU A 69 -1.30 -7.40 12.68
N ARG A 70 -0.83 -6.25 13.17
CA ARG A 70 0.04 -5.39 12.39
C ARG A 70 1.04 -6.23 11.62
N ARG A 71 1.46 -7.36 12.20
CA ARG A 71 2.41 -8.24 11.56
C ARG A 71 1.83 -8.77 10.26
N GLU A 72 0.87 -9.69 10.34
CA GLU A 72 0.25 -10.26 9.17
C GLU A 72 -0.04 -9.17 8.15
N ALA A 73 -0.50 -8.01 8.63
CA ALA A 73 -0.82 -6.89 7.77
C ALA A 73 0.38 -6.55 6.90
N ARG A 74 1.53 -6.34 7.54
CA ARG A 74 2.75 -6.01 6.84
C ARG A 74 3.14 -7.15 5.91
N LYS A 75 2.82 -8.39 6.31
CA LYS A 75 3.13 -9.55 5.50
C LYS A 75 2.43 -9.45 4.16
N TYR A 76 1.17 -9.02 4.17
CA TYR A 76 0.40 -8.89 2.95
C TYR A 76 0.96 -7.76 2.10
N ALA A 77 1.09 -6.57 2.71
CA ALA A 77 1.61 -5.41 2.01
C ALA A 77 2.85 -5.80 1.22
N SER A 78 3.75 -6.57 1.85
CA SER A 78 4.96 -7.02 1.21
C SER A 78 4.64 -7.83 -0.03
N SER A 79 3.60 -8.66 0.06
CA SER A 79 3.18 -9.49 -1.06
C SER A 79 2.69 -8.62 -2.19
N MET A 80 2.05 -7.49 -1.86
CA MET A 80 1.55 -6.58 -2.86
C MET A 80 2.70 -5.88 -3.57
N LEU A 81 3.74 -5.53 -2.81
CA LEU A 81 4.90 -4.86 -3.37
C LEU A 81 5.57 -5.78 -4.39
N LYS A 82 5.83 -7.02 -4.00
CA LYS A 82 6.48 -7.98 -4.87
C LYS A 82 5.69 -8.10 -6.17
N HIS A 83 4.38 -8.32 -6.06
CA HIS A 83 3.53 -8.46 -7.22
C HIS A 83 3.94 -7.46 -8.29
N GLY A 84 4.47 -6.31 -7.86
CA GLY A 84 4.91 -5.29 -8.78
C GLY A 84 3.81 -4.25 -8.97
N PHE A 85 2.91 -4.15 -7.99
CA PHE A 85 1.81 -3.20 -8.05
C PHE A 85 2.22 -1.90 -7.37
N LEU A 86 3.49 -1.79 -7.00
CA LEU A 86 4.00 -0.61 -6.33
C LEU A 86 5.28 -0.13 -7.03
N ARG A 87 5.77 1.03 -6.62
CA ARG A 87 6.99 1.59 -7.20
C ARG A 87 7.87 2.15 -6.11
N HIS A 88 9.04 1.54 -5.92
CA HIS A 88 9.98 1.98 -4.89
C HIS A 88 11.18 2.65 -5.55
N THR A 89 12.22 2.93 -4.75
CA THR A 89 13.42 3.57 -5.26
C THR A 89 14.61 2.65 -5.06
N VAL A 90 14.45 1.37 -5.41
CA VAL A 90 15.52 0.40 -5.27
C VAL A 90 15.79 -0.27 -6.61
N ASN A 91 16.72 -1.23 -6.63
CA ASN A 91 17.06 -1.94 -7.84
C ASN A 91 15.79 -2.37 -8.57
N LYS A 92 14.83 -2.90 -7.81
CA LYS A 92 13.58 -3.36 -8.38
C LYS A 92 12.41 -2.83 -7.56
N ILE A 93 12.28 -3.31 -6.32
CA ILE A 93 11.22 -2.89 -5.43
C ILE A 93 11.56 -3.27 -4.00
N THR A 94 11.61 -4.57 -3.71
CA THR A 94 11.94 -5.05 -2.38
C THR A 94 11.24 -4.19 -1.34
N PHE A 95 10.05 -4.62 -0.90
CA PHE A 95 9.28 -3.89 0.09
C PHE A 95 10.20 -3.44 1.22
N SER A 96 9.69 -2.58 2.09
CA SER A 96 10.46 -2.08 3.21
C SER A 96 9.57 -1.25 4.13
N GLU A 97 8.79 -0.35 3.54
CA GLU A 97 7.89 0.50 4.31
C GLU A 97 8.69 1.56 5.06
N GLN A 98 9.66 2.17 4.38
CA GLN A 98 10.49 3.19 4.98
C GLN A 98 10.69 4.34 4.00
N CYS A 99 10.97 4.01 2.74
CA CYS A 99 11.17 5.01 1.70
C CYS A 99 9.87 5.26 0.97
N TYR A 100 9.17 6.34 1.32
CA TYR A 100 7.91 6.67 0.69
C TYR A 100 7.94 6.27 -0.77
N TYR A 101 6.99 5.43 -1.18
CA TYR A 101 6.91 4.96 -2.54
C TYR A 101 5.55 5.30 -3.14
N VAL A 102 5.31 4.86 -4.37
CA VAL A 102 4.04 5.13 -5.03
C VAL A 102 3.66 3.93 -5.90
N PHE A 103 2.35 3.66 -6.00
CA PHE A 103 1.87 2.56 -6.80
C PHE A 103 2.60 2.51 -8.13
N GLY A 104 2.40 1.44 -8.89
CA GLY A 104 3.04 1.28 -10.19
C GLY A 104 2.05 0.73 -11.21
N ASP A 105 2.57 0.04 -12.22
CA ASP A 105 1.74 -0.53 -13.26
C ASP A 105 2.60 -1.33 -14.23
N GLU A 12 -16.67 -4.07 6.72
CA GLU A 12 -15.29 -4.22 6.34
C GLU A 12 -15.14 -4.09 4.84
N ALA A 13 -14.00 -3.56 4.38
CA ALA A 13 -13.74 -3.39 2.96
C ALA A 13 -14.16 -4.64 2.21
N PRO A 14 -14.20 -4.56 0.88
CA PRO A 14 -14.58 -5.64 0.00
C PRO A 14 -13.45 -6.67 -0.04
N LEU A 15 -12.41 -6.46 0.78
CA LEU A 15 -11.28 -7.36 0.83
C LEU A 15 -11.23 -8.03 2.19
N THR A 16 -10.14 -8.76 2.46
CA THR A 16 -9.97 -9.46 3.72
C THR A 16 -8.49 -9.57 4.05
N VAL A 17 -7.70 -10.06 3.10
CA VAL A 17 -6.27 -10.22 3.30
C VAL A 17 -5.68 -11.03 2.16
N LYS A 18 -6.46 -11.97 1.62
CA LYS A 18 -6.02 -12.81 0.53
C LYS A 18 -6.53 -12.26 -0.80
N SER A 19 -7.23 -11.12 -0.74
CA SER A 19 -7.77 -10.50 -1.93
C SER A 19 -6.67 -10.32 -2.97
N ASP A 20 -7.00 -10.55 -4.23
CA ASP A 20 -6.04 -10.41 -5.31
C ASP A 20 -5.14 -9.20 -5.05
N MET A 21 -3.86 -9.45 -4.81
CA MET A 21 -2.91 -8.38 -4.56
C MET A 21 -3.18 -7.21 -5.49
N SER A 22 -3.32 -7.50 -6.79
CA SER A 22 -3.58 -6.48 -7.78
C SER A 22 -4.87 -5.73 -7.43
N ALA A 23 -5.86 -6.47 -6.92
CA ALA A 23 -7.13 -5.88 -6.54
C ALA A 23 -6.95 -5.01 -5.31
N ILE A 24 -6.03 -5.40 -4.42
CA ILE A 24 -5.77 -4.66 -3.22
C ILE A 24 -5.19 -3.30 -3.57
N VAL A 25 -4.06 -3.29 -4.29
CA VAL A 25 -3.41 -2.05 -4.69
C VAL A 25 -4.38 -1.19 -5.47
N ARG A 26 -5.15 -1.81 -6.37
CA ARG A 26 -6.12 -1.09 -7.18
C ARG A 26 -7.06 -0.30 -6.28
N VAL A 27 -7.56 -0.95 -5.23
CA VAL A 27 -8.47 -0.31 -4.29
C VAL A 27 -7.80 0.91 -3.69
N MET A 28 -6.66 0.70 -3.01
CA MET A 28 -5.94 1.79 -2.39
C MET A 28 -5.85 2.97 -3.34
N GLN A 29 -5.67 2.69 -4.63
CA GLN A 29 -5.58 3.72 -5.64
C GLN A 29 -6.92 4.44 -5.77
N LEU A 30 -8.01 3.67 -5.83
CA LEU A 30 -9.33 4.25 -5.95
C LEU A 30 -9.46 5.47 -5.05
N PRO A 31 -10.05 6.54 -5.58
CA PRO A 31 -10.26 7.79 -4.88
C PRO A 31 -11.36 7.60 -3.83
N ASP A 32 -11.90 6.39 -3.74
CA ASP A 32 -12.96 6.09 -2.80
C ASP A 32 -12.55 4.92 -1.92
N SER A 33 -11.23 4.78 -1.68
CA SER A 33 -10.72 3.71 -0.85
C SER A 33 -10.39 4.24 0.53
N GLY A 34 -9.85 5.46 0.59
CA GLY A 34 -9.50 6.08 1.86
C GLY A 34 -8.02 6.43 1.87
N LEU A 35 -7.20 5.63 1.17
CA LEU A 35 -5.77 5.87 1.11
C LEU A 35 -5.47 6.99 0.13
N GLU A 36 -5.95 6.84 -1.11
CA GLU A 36 -5.73 7.85 -2.13
C GLU A 36 -4.25 7.94 -2.46
N ILE A 37 -3.84 7.36 -3.60
CA ILE A 37 -2.46 7.38 -4.03
C ILE A 37 -2.28 8.42 -5.12
N ARG A 38 -1.86 9.63 -4.74
CA ARG A 38 -1.65 10.70 -5.68
C ARG A 38 -1.06 11.91 -4.97
N ASP A 39 -1.53 12.16 -3.74
CA ASP A 39 -1.05 13.28 -2.95
C ASP A 39 -0.94 12.88 -1.49
N ARG A 40 0.22 13.14 -0.88
CA ARG A 40 0.44 12.80 0.51
C ARG A 40 1.42 13.78 1.14
N MET A 41 1.73 13.60 2.42
CA MET A 41 2.66 14.47 3.12
C MET A 41 3.78 13.65 3.72
N TRP A 42 4.99 14.23 3.75
CA TRP A 42 6.14 13.55 4.32
C TRP A 42 7.26 14.55 4.57
N LEU A 43 7.86 14.49 5.76
CA LEU A 43 8.94 15.38 6.12
C LEU A 43 8.40 16.79 6.29
N LYS A 44 7.10 16.91 6.55
CA LYS A 44 6.47 18.21 6.72
C LYS A 44 6.32 18.91 5.37
N ILE A 45 6.40 18.13 4.29
CA ILE A 45 6.28 18.68 2.96
C ILE A 45 5.10 18.04 2.25
N THR A 46 4.85 18.43 1.00
CA THR A 46 3.75 17.91 0.23
C THR A 46 4.28 17.28 -1.07
N ILE A 47 3.72 16.13 -1.44
CA ILE A 47 4.13 15.43 -2.65
C ILE A 47 2.90 15.07 -3.47
N ALA A 48 3.08 14.97 -4.79
CA ALA A 48 1.99 14.64 -5.68
C ALA A 48 2.08 13.17 -6.08
N ASN A 49 2.24 12.29 -5.09
CA ASN A 49 2.34 10.87 -5.34
C ASN A 49 3.17 10.21 -4.25
N ALA A 50 2.51 9.78 -3.18
CA ALA A 50 3.20 9.14 -2.07
C ALA A 50 2.23 8.20 -1.35
N VAL A 51 2.79 7.19 -0.67
CA VAL A 51 1.98 6.23 0.05
C VAL A 51 2.87 5.12 0.60
N ILE A 52 3.66 4.50 -0.28
CA ILE A 52 4.56 3.43 0.12
C ILE A 52 3.76 2.34 0.83
N GLY A 53 4.42 1.21 1.11
CA GLY A 53 3.77 0.10 1.78
C GLY A 53 3.25 0.54 3.14
N ALA A 54 3.94 1.51 3.76
CA ALA A 54 3.55 2.02 5.06
C ALA A 54 2.08 2.41 5.04
N ASP A 55 1.72 3.33 4.13
CA ASP A 55 0.35 3.79 4.01
C ASP A 55 -0.53 2.66 3.52
N VAL A 56 -0.07 1.96 2.47
CA VAL A 56 -0.82 0.85 1.90
C VAL A 56 -1.22 -0.11 3.01
N VAL A 57 -0.39 -0.22 4.04
CA VAL A 57 -0.67 -1.11 5.16
C VAL A 57 -1.65 -0.45 6.11
N ASP A 58 -1.24 0.62 6.78
CA ASP A 58 -2.09 1.33 7.71
C ASP A 58 -3.50 1.40 7.16
N TRP A 59 -3.63 1.44 5.83
CA TRP A 59 -4.93 1.51 5.20
C TRP A 59 -5.59 0.14 5.20
N LEU A 60 -4.93 -0.84 4.56
CA LEU A 60 -5.46 -2.19 4.50
C LEU A 60 -6.14 -2.54 5.81
N TYR A 61 -5.61 -2.01 6.92
CA TYR A 61 -6.17 -2.27 8.24
C TYR A 61 -7.30 -1.29 8.52
N THR A 62 -7.05 0.00 8.27
CA THR A 62 -8.05 1.02 8.50
C THR A 62 -9.17 0.90 7.47
N HIS A 63 -9.02 -0.04 6.55
CA HIS A 63 -10.02 -0.26 5.51
C HIS A 63 -10.76 -1.56 5.76
N VAL A 64 -10.04 -2.69 5.63
CA VAL A 64 -10.63 -3.99 5.84
C VAL A 64 -9.86 -4.74 6.91
N GLU A 65 -10.18 -6.02 7.11
CA GLU A 65 -9.51 -6.84 8.10
C GLU A 65 -9.61 -8.31 7.71
N GLY A 66 -8.94 -9.17 8.47
CA GLY A 66 -8.95 -10.59 8.20
C GLY A 66 -7.59 -11.20 8.50
N PHE A 67 -6.58 -10.35 8.64
CA PHE A 67 -5.22 -10.81 8.91
C PHE A 67 -5.08 -11.10 10.40
N LYS A 68 -3.95 -11.70 10.79
CA LYS A 68 -3.69 -12.02 12.18
C LYS A 68 -3.43 -10.75 12.97
N GLU A 69 -2.42 -9.97 12.54
CA GLU A 69 -2.07 -8.74 13.20
C GLU A 69 -1.13 -7.92 12.33
N ARG A 70 -0.59 -6.83 12.88
CA ARG A 70 0.32 -5.98 12.15
C ARG A 70 1.24 -6.82 11.29
N ARG A 71 1.57 -8.03 11.76
CA ARG A 71 2.44 -8.92 11.02
C ARG A 71 1.82 -9.27 9.68
N GLU A 72 0.79 -10.13 9.71
CA GLU A 72 0.11 -10.55 8.50
C GLU A 72 -0.10 -9.34 7.59
N ALA A 73 -0.47 -8.19 8.18
CA ALA A 73 -0.70 -6.99 7.43
C ALA A 73 0.53 -6.66 6.58
N ARG A 74 1.68 -6.55 7.23
CA ARG A 74 2.93 -6.24 6.55
C ARG A 74 3.26 -7.36 5.56
N LYS A 75 2.81 -8.58 5.86
CA LYS A 75 3.06 -9.72 4.99
C LYS A 75 2.36 -9.52 3.66
N TYR A 76 1.13 -9.02 3.70
CA TYR A 76 0.35 -8.79 2.50
C TYR A 76 0.96 -7.64 1.71
N ALA A 77 1.13 -6.49 2.36
CA ALA A 77 1.71 -5.33 1.71
C ALA A 77 2.96 -5.72 0.95
N SER A 78 3.87 -6.43 1.61
CA SER A 78 5.11 -6.87 1.00
C SER A 78 4.79 -7.71 -0.24
N SER A 79 3.73 -8.50 -0.17
CA SER A 79 3.33 -9.35 -1.27
C SER A 79 2.86 -8.48 -2.44
N MET A 80 2.30 -7.31 -2.13
CA MET A 80 1.81 -6.40 -3.15
C MET A 80 2.98 -5.73 -3.85
N LEU A 81 4.02 -5.38 -3.07
CA LEU A 81 5.19 -4.74 -3.61
C LEU A 81 5.88 -5.66 -4.62
N LYS A 82 6.09 -6.92 -4.23
CA LYS A 82 6.73 -7.89 -5.09
C LYS A 82 5.93 -8.04 -6.37
N HIS A 83 4.64 -8.37 -6.24
CA HIS A 83 3.78 -8.54 -7.40
C HIS A 83 4.10 -7.49 -8.45
N GLY A 84 4.56 -6.32 -8.00
CA GLY A 84 4.91 -5.24 -8.92
C GLY A 84 3.80 -4.19 -8.93
N PHE A 85 2.88 -4.28 -7.96
CA PHE A 85 1.78 -3.36 -7.87
C PHE A 85 2.24 -2.07 -7.20
N LEU A 86 3.53 -2.01 -6.83
CA LEU A 86 4.09 -0.84 -6.19
C LEU A 86 5.47 -0.55 -6.77
N ARG A 87 5.85 0.73 -6.79
CA ARG A 87 7.13 1.14 -7.33
C ARG A 87 7.94 1.83 -6.24
N HIS A 88 9.19 1.42 -6.06
CA HIS A 88 10.06 2.00 -5.05
C HIS A 88 11.22 2.72 -5.72
N THR A 89 12.19 3.17 -4.91
CA THR A 89 13.35 3.86 -5.43
C THR A 89 14.60 3.02 -5.21
N VAL A 90 14.43 1.70 -5.18
CA VAL A 90 15.55 0.80 -4.97
C VAL A 90 15.89 0.10 -6.27
N ASN A 91 16.69 -0.98 -6.19
CA ASN A 91 17.08 -1.72 -7.37
C ASN A 91 15.87 -1.96 -8.26
N LYS A 92 15.02 -2.92 -7.88
CA LYS A 92 13.84 -3.26 -8.64
C LYS A 92 12.59 -2.90 -7.84
N ILE A 93 12.31 -3.67 -6.79
CA ILE A 93 11.16 -3.43 -5.95
C ILE A 93 11.54 -3.61 -4.49
N THR A 94 11.82 -4.86 -4.09
CA THR A 94 12.19 -5.16 -2.72
C THR A 94 11.42 -4.25 -1.77
N PHE A 95 10.29 -4.74 -1.26
CA PHE A 95 9.49 -3.98 -0.33
C PHE A 95 10.37 -3.32 0.72
N SER A 96 9.79 -2.43 1.52
CA SER A 96 10.53 -1.73 2.56
C SER A 96 9.56 -1.13 3.57
N GLU A 97 8.87 -0.06 3.16
CA GLU A 97 7.92 0.59 4.04
C GLU A 97 8.62 1.66 4.86
N GLN A 98 9.68 2.25 4.30
CA GLN A 98 10.44 3.28 4.99
C GLN A 98 10.73 4.43 4.02
N CYS A 99 11.15 4.10 2.80
CA CYS A 99 11.45 5.09 1.79
C CYS A 99 10.21 5.38 0.97
N TYR A 100 9.51 6.48 1.29
CA TYR A 100 8.31 6.85 0.57
C TYR A 100 8.40 6.37 -0.88
N TYR A 101 7.38 5.65 -1.32
CA TYR A 101 7.35 5.14 -2.69
C TYR A 101 6.01 5.47 -3.33
N VAL A 102 5.80 5.00 -4.56
CA VAL A 102 4.58 5.25 -5.28
C VAL A 102 4.23 4.04 -6.15
N PHE A 103 2.93 3.78 -6.33
CA PHE A 103 2.48 2.67 -7.13
C PHE A 103 3.36 2.53 -8.37
N GLY A 104 3.28 1.37 -9.03
CA GLY A 104 4.06 1.13 -10.22
C GLY A 104 3.21 0.46 -11.29
N ASP A 105 3.85 -0.01 -12.37
CA ASP A 105 3.15 -0.67 -13.45
C ASP A 105 4.16 -1.30 -14.40
N GLU A 12 -16.72 -4.57 6.80
CA GLU A 12 -15.33 -4.68 6.40
C GLU A 12 -15.21 -4.52 4.88
N ALA A 13 -14.10 -3.94 4.43
CA ALA A 13 -13.86 -3.73 3.02
C ALA A 13 -14.27 -4.98 2.24
N PRO A 14 -14.36 -4.85 0.91
CA PRO A 14 -14.73 -5.92 0.01
C PRO A 14 -13.58 -6.92 -0.09
N LEU A 15 -12.50 -6.67 0.66
CA LEU A 15 -11.34 -7.53 0.65
C LEU A 15 -11.21 -8.24 1.98
N THR A 16 -10.06 -8.88 2.22
CA THR A 16 -9.82 -9.58 3.46
C THR A 16 -8.32 -9.61 3.77
N VAL A 17 -7.52 -10.01 2.78
CA VAL A 17 -6.09 -10.08 2.94
C VAL A 17 -5.47 -10.86 1.79
N LYS A 18 -6.22 -11.84 1.27
CA LYS A 18 -5.75 -12.66 0.17
C LYS A 18 -6.24 -12.09 -1.16
N SER A 19 -7.20 -11.16 -1.08
CA SER A 19 -7.75 -10.54 -2.27
C SER A 19 -6.65 -10.29 -3.29
N ASP A 20 -6.95 -10.53 -4.56
CA ASP A 20 -5.99 -10.32 -5.63
C ASP A 20 -5.16 -9.07 -5.34
N MET A 21 -3.86 -9.25 -5.11
CA MET A 21 -2.98 -8.13 -4.83
C MET A 21 -3.26 -7.00 -5.80
N SER A 22 -3.62 -7.34 -7.04
CA SER A 22 -3.91 -6.35 -8.05
C SER A 22 -5.17 -5.58 -7.67
N ALA A 23 -6.16 -6.29 -7.12
CA ALA A 23 -7.41 -5.68 -6.72
C ALA A 23 -7.19 -4.82 -5.48
N ILE A 24 -6.23 -5.23 -4.64
CA ILE A 24 -5.92 -4.50 -3.42
C ILE A 24 -5.32 -3.15 -3.77
N VAL A 25 -4.22 -3.15 -4.53
CA VAL A 25 -3.56 -1.94 -4.93
C VAL A 25 -4.54 -1.03 -5.67
N ARG A 26 -5.33 -1.63 -6.57
CA ARG A 26 -6.31 -0.88 -7.34
C ARG A 26 -7.23 -0.11 -6.41
N VAL A 27 -7.71 -0.80 -5.36
CA VAL A 27 -8.60 -0.17 -4.40
C VAL A 27 -7.93 1.04 -3.79
N MET A 28 -6.83 0.82 -3.07
CA MET A 28 -6.09 1.90 -2.43
C MET A 28 -6.01 3.09 -3.37
N GLN A 29 -5.75 2.82 -4.66
CA GLN A 29 -5.65 3.88 -5.65
C GLN A 29 -6.96 4.63 -5.74
N LEU A 30 -8.07 3.90 -5.83
CA LEU A 30 -9.39 4.51 -5.93
C LEU A 30 -9.46 5.71 -5.00
N PRO A 31 -10.02 6.82 -5.50
CA PRO A 31 -10.18 8.06 -4.78
C PRO A 31 -11.27 7.89 -3.73
N ASP A 32 -11.86 6.70 -3.66
CA ASP A 32 -12.93 6.41 -2.71
C ASP A 32 -12.58 5.17 -1.92
N SER A 33 -11.29 4.96 -1.66
CA SER A 33 -10.84 3.81 -0.89
C SER A 33 -10.54 4.22 0.54
N GLY A 34 -9.64 5.19 0.71
CA GLY A 34 -9.27 5.66 2.03
C GLY A 34 -7.80 6.08 2.05
N LEU A 35 -6.96 5.35 1.32
CA LEU A 35 -5.54 5.63 1.25
C LEU A 35 -5.30 6.78 0.29
N GLU A 36 -5.76 6.63 -0.96
CA GLU A 36 -5.59 7.66 -1.96
C GLU A 36 -4.11 7.78 -2.34
N ILE A 37 -3.76 7.31 -3.54
CA ILE A 37 -2.40 7.36 -4.01
C ILE A 37 -2.25 8.45 -5.06
N ARG A 38 -1.70 9.60 -4.66
CA ARG A 38 -1.51 10.72 -5.57
C ARG A 38 -0.87 11.88 -4.83
N ASP A 39 -1.23 12.05 -3.56
CA ASP A 39 -0.69 13.13 -2.76
C ASP A 39 -0.55 12.67 -1.31
N ARG A 40 0.54 13.09 -0.66
CA ARG A 40 0.79 12.71 0.72
C ARG A 40 1.75 13.71 1.35
N MET A 41 2.10 13.48 2.63
CA MET A 41 3.00 14.35 3.34
C MET A 41 4.09 13.53 4.01
N TRP A 42 5.33 14.05 3.98
CA TRP A 42 6.44 13.37 4.59
C TRP A 42 7.61 14.33 4.78
N LEU A 43 8.25 14.28 5.95
CA LEU A 43 9.37 15.15 6.26
C LEU A 43 8.88 16.59 6.36
N LYS A 44 7.59 16.77 6.66
CA LYS A 44 7.01 18.10 6.79
C LYS A 44 6.91 18.75 5.42
N ILE A 45 6.92 17.93 4.37
CA ILE A 45 6.82 18.43 3.01
C ILE A 45 5.58 17.85 2.34
N THR A 46 5.36 18.21 1.08
CA THR A 46 4.22 17.73 0.34
C THR A 46 4.67 17.10 -0.97
N ILE A 47 4.14 15.91 -1.27
CA ILE A 47 4.49 15.20 -2.49
C ILE A 47 3.24 14.94 -3.32
N ALA A 48 3.41 14.88 -4.64
CA ALA A 48 2.29 14.64 -5.53
C ALA A 48 2.32 13.20 -6.02
N ASN A 49 2.50 12.26 -5.08
CA ASN A 49 2.54 10.85 -5.42
C ASN A 49 3.39 10.10 -4.41
N ALA A 50 2.75 9.54 -3.38
CA ALA A 50 3.44 8.79 -2.34
C ALA A 50 2.46 7.92 -1.58
N VAL A 51 2.97 6.90 -0.90
CA VAL A 51 2.13 6.00 -0.13
C VAL A 51 2.98 4.85 0.43
N ILE A 52 3.73 4.19 -0.46
CA ILE A 52 4.58 3.09 -0.05
C ILE A 52 3.76 2.06 0.72
N GLY A 53 4.38 0.93 1.06
CA GLY A 53 3.70 -0.12 1.80
C GLY A 53 3.20 0.43 3.13
N ALA A 54 3.93 1.36 3.72
CA ALA A 54 3.56 1.96 4.99
C ALA A 54 2.09 2.35 4.95
N ASP A 55 1.74 3.25 4.03
CA ASP A 55 0.36 3.71 3.90
C ASP A 55 -0.52 2.57 3.44
N VAL A 56 -0.08 1.85 2.41
CA VAL A 56 -0.84 0.73 1.86
C VAL A 56 -1.29 -0.18 3.00
N VAL A 57 -0.51 -0.23 4.08
CA VAL A 57 -0.83 -1.05 5.22
C VAL A 57 -1.88 -0.35 6.08
N ASP A 58 -1.51 0.82 6.63
CA ASP A 58 -2.41 1.59 7.46
C ASP A 58 -3.81 1.58 6.86
N TRP A 59 -3.88 1.45 5.53
CA TRP A 59 -5.16 1.44 4.84
C TRP A 59 -5.76 0.04 4.90
N LEU A 60 -5.03 -0.95 4.39
CA LEU A 60 -5.49 -2.32 4.39
C LEU A 60 -6.21 -2.63 5.69
N TYR A 61 -5.72 -2.06 6.80
CA TYR A 61 -6.32 -2.27 8.09
C TYR A 61 -7.41 -1.24 8.34
N THR A 62 -7.18 -0.01 7.88
CA THR A 62 -8.14 1.06 8.05
C THR A 62 -9.22 0.96 6.98
N HIS A 63 -9.22 -0.14 6.23
CA HIS A 63 -10.19 -0.35 5.18
C HIS A 63 -10.87 -1.71 5.37
N VAL A 64 -10.08 -2.78 5.33
CA VAL A 64 -10.59 -4.12 5.48
C VAL A 64 -9.81 -4.85 6.57
N GLU A 65 -10.16 -6.11 6.81
CA GLU A 65 -9.49 -6.91 7.82
C GLU A 65 -9.38 -8.35 7.35
N GLY A 66 -8.61 -9.17 8.09
CA GLY A 66 -8.44 -10.56 7.75
C GLY A 66 -7.06 -11.04 8.18
N PHE A 67 -6.15 -10.10 8.43
CA PHE A 67 -4.80 -10.43 8.84
C PHE A 67 -4.75 -10.57 10.36
N LYS A 68 -3.99 -11.55 10.84
CA LYS A 68 -3.86 -11.79 12.26
C LYS A 68 -3.70 -10.47 13.00
N GLU A 69 -2.60 -9.77 12.72
CA GLU A 69 -2.33 -8.49 13.37
C GLU A 69 -1.48 -7.63 12.46
N ARG A 70 -0.94 -6.54 13.01
CA ARG A 70 -0.09 -5.63 12.25
C ARG A 70 0.98 -6.42 11.51
N ARG A 71 1.39 -7.55 12.09
CA ARG A 71 2.41 -8.39 11.48
C ARG A 71 1.91 -8.93 10.15
N GLU A 72 0.94 -9.84 10.20
CA GLU A 72 0.38 -10.42 8.99
C GLU A 72 0.10 -9.33 7.97
N ALA A 73 -0.41 -8.19 8.44
CA ALA A 73 -0.72 -7.08 7.57
C ALA A 73 0.52 -6.68 6.77
N ARG A 74 1.62 -6.42 7.48
CA ARG A 74 2.86 -6.03 6.83
C ARG A 74 3.31 -7.13 5.88
N LYS A 75 2.98 -8.38 6.21
CA LYS A 75 3.34 -9.51 5.37
C LYS A 75 2.63 -9.42 4.03
N TYR A 76 1.35 -9.01 4.06
CA TYR A 76 0.56 -8.89 2.85
C TYR A 76 1.12 -7.77 1.98
N ALA A 77 1.26 -6.58 2.56
CA ALA A 77 1.77 -5.43 1.83
C ALA A 77 3.07 -5.81 1.14
N SER A 78 3.99 -6.42 1.88
CA SER A 78 5.27 -6.84 1.33
C SER A 78 5.05 -7.66 0.07
N SER A 79 4.10 -8.59 0.13
CA SER A 79 3.79 -9.44 -1.00
C SER A 79 3.17 -8.61 -2.12
N MET A 80 2.54 -7.49 -1.75
CA MET A 80 1.90 -6.62 -2.72
C MET A 80 2.95 -5.87 -3.51
N LEU A 81 4.06 -5.52 -2.85
CA LEU A 81 5.14 -4.80 -3.49
C LEU A 81 5.86 -5.71 -4.48
N LYS A 82 6.34 -6.86 -4.00
CA LYS A 82 7.04 -7.81 -4.84
C LYS A 82 6.20 -8.12 -6.07
N HIS A 83 4.87 -8.12 -5.91
CA HIS A 83 3.98 -8.41 -7.02
C HIS A 83 4.21 -7.41 -8.14
N GLY A 84 4.62 -6.18 -7.79
CA GLY A 84 4.88 -5.15 -8.77
C GLY A 84 3.83 -4.05 -8.65
N PHE A 85 2.89 -4.20 -7.71
CA PHE A 85 1.84 -3.23 -7.51
C PHE A 85 2.40 -2.04 -6.74
N LEU A 86 3.71 -2.03 -6.49
CA LEU A 86 4.35 -0.95 -5.78
C LEU A 86 5.81 -0.85 -6.21
N ARG A 87 6.17 0.31 -6.79
CA ARG A 87 7.54 0.53 -7.25
C ARG A 87 8.09 1.79 -6.60
N HIS A 88 9.39 1.79 -6.28
CA HIS A 88 10.03 2.92 -5.66
C HIS A 88 11.05 3.53 -6.62
N THR A 89 12.33 3.42 -6.28
CA THR A 89 13.39 3.95 -7.11
C THR A 89 14.69 3.19 -6.86
N VAL A 90 14.56 1.96 -6.34
CA VAL A 90 15.72 1.15 -6.06
C VAL A 90 16.09 0.33 -7.29
N ASN A 91 17.06 -0.57 -7.15
CA ASN A 91 17.50 -1.40 -8.25
C ASN A 91 16.29 -2.08 -8.90
N LYS A 92 15.37 -2.56 -8.07
CA LYS A 92 14.18 -3.23 -8.57
C LYS A 92 12.95 -2.74 -7.80
N ILE A 93 12.91 -3.05 -6.51
CA ILE A 93 11.80 -2.64 -5.66
C ILE A 93 12.13 -2.91 -4.20
N THR A 94 12.37 -4.18 -3.87
CA THR A 94 12.70 -4.56 -2.51
C THR A 94 11.84 -3.77 -1.53
N PHE A 95 10.73 -4.38 -1.09
CA PHE A 95 9.83 -3.74 -0.15
C PHE A 95 10.63 -3.11 0.98
N SER A 96 9.98 -2.24 1.76
CA SER A 96 10.63 -1.57 2.86
C SER A 96 9.59 -1.16 3.90
N GLU A 97 8.68 -0.28 3.51
CA GLU A 97 7.64 0.18 4.41
C GLU A 97 8.22 1.16 5.43
N GLN A 98 8.70 2.31 4.95
CA GLN A 98 9.28 3.31 5.82
C GLN A 98 9.39 4.64 5.08
N CYS A 99 9.79 4.58 3.81
CA CYS A 99 9.93 5.77 2.99
C CYS A 99 8.63 6.04 2.26
N TYR A 100 8.73 6.57 1.04
CA TYR A 100 7.54 6.87 0.24
C TYR A 100 7.73 6.35 -1.18
N TYR A 101 6.86 5.42 -1.59
CA TYR A 101 6.94 4.85 -2.92
C TYR A 101 5.70 5.25 -3.72
N VAL A 102 5.57 4.68 -4.93
CA VAL A 102 4.44 4.98 -5.78
C VAL A 102 3.89 3.68 -6.38
N PHE A 103 2.56 3.54 -6.39
CA PHE A 103 1.93 2.36 -6.92
C PHE A 103 2.59 1.97 -8.24
N GLY A 104 2.24 0.79 -8.76
CA GLY A 104 2.80 0.31 -10.00
C GLY A 104 1.72 -0.32 -10.86
N ASP A 105 2.13 -0.90 -12.00
CA ASP A 105 1.19 -1.53 -12.91
C ASP A 105 1.94 -2.31 -13.97
N GLU A 12 -16.53 -4.09 6.84
CA GLU A 12 -15.16 -4.24 6.40
C GLU A 12 -15.07 -4.06 4.89
N ALA A 13 -13.95 -3.50 4.42
CA ALA A 13 -13.74 -3.28 3.00
C ALA A 13 -14.14 -4.52 2.22
N PRO A 14 -14.13 -4.42 0.89
CA PRO A 14 -14.48 -5.49 -0.01
C PRO A 14 -13.37 -6.53 -0.03
N LEU A 15 -12.34 -6.32 0.82
CA LEU A 15 -11.23 -7.24 0.90
C LEU A 15 -11.20 -7.89 2.28
N THR A 16 -10.12 -8.62 2.57
CA THR A 16 -9.97 -9.29 3.84
C THR A 16 -8.49 -9.40 4.21
N VAL A 17 -7.68 -9.88 3.27
CA VAL A 17 -6.26 -10.04 3.49
C VAL A 17 -5.65 -10.89 2.39
N LYS A 18 -6.43 -11.83 1.85
CA LYS A 18 -5.96 -12.70 0.80
C LYS A 18 -6.35 -12.12 -0.56
N SER A 19 -7.19 -11.08 -0.54
CA SER A 19 -7.63 -10.44 -1.77
C SER A 19 -6.46 -10.31 -2.73
N ASP A 20 -6.71 -10.59 -4.01
CA ASP A 20 -5.68 -10.51 -5.03
C ASP A 20 -4.79 -9.29 -4.77
N MET A 21 -3.49 -9.53 -4.61
CA MET A 21 -2.55 -8.46 -4.36
C MET A 21 -2.82 -7.29 -5.30
N SER A 22 -3.12 -7.62 -6.56
CA SER A 22 -3.40 -6.60 -7.56
C SER A 22 -4.70 -5.89 -7.23
N ALA A 23 -5.64 -6.61 -6.60
CA ALA A 23 -6.92 -6.04 -6.23
C ALA A 23 -6.74 -5.10 -5.06
N ILE A 24 -5.79 -5.41 -4.17
CA ILE A 24 -5.52 -4.59 -3.01
C ILE A 24 -4.93 -3.26 -3.45
N VAL A 25 -3.80 -3.31 -4.16
CA VAL A 25 -3.13 -2.12 -4.64
C VAL A 25 -4.09 -1.29 -5.48
N ARG A 26 -4.85 -1.97 -6.34
CA ARG A 26 -5.80 -1.30 -7.21
C ARG A 26 -6.78 -0.48 -6.37
N VAL A 27 -7.33 -1.10 -5.32
CA VAL A 27 -8.27 -0.43 -4.44
C VAL A 27 -7.64 0.84 -3.88
N MET A 28 -6.59 0.69 -3.08
CA MET A 28 -5.91 1.82 -2.49
C MET A 28 -5.77 2.93 -3.53
N GLN A 29 -5.45 2.56 -4.77
CA GLN A 29 -5.28 3.53 -5.84
C GLN A 29 -6.59 4.29 -6.04
N LEU A 30 -7.70 3.56 -6.13
CA LEU A 30 -9.00 4.17 -6.33
C LEU A 30 -9.08 5.48 -5.55
N PRO A 31 -9.69 6.50 -6.15
CA PRO A 31 -9.86 7.81 -5.55
C PRO A 31 -10.92 7.73 -4.45
N ASP A 32 -11.47 6.54 -4.23
CA ASP A 32 -12.49 6.34 -3.22
C ASP A 32 -12.27 5.01 -2.53
N SER A 33 -11.02 4.72 -2.15
CA SER A 33 -10.69 3.48 -1.47
C SER A 33 -10.47 3.74 0.01
N GLY A 34 -9.67 4.76 0.32
CA GLY A 34 -9.37 5.10 1.70
C GLY A 34 -7.97 5.66 1.82
N LEU A 35 -7.01 5.05 1.10
CA LEU A 35 -5.64 5.49 1.14
C LEU A 35 -5.43 6.60 0.14
N GLU A 36 -5.79 6.36 -1.13
CA GLU A 36 -5.64 7.36 -2.16
C GLU A 36 -4.16 7.60 -2.46
N ILE A 37 -3.69 7.08 -3.59
CA ILE A 37 -2.30 7.24 -3.98
C ILE A 37 -2.19 8.30 -5.06
N ARG A 38 -1.68 9.48 -4.69
CA ARG A 38 -1.52 10.57 -5.64
C ARG A 38 -1.04 11.81 -4.91
N ASP A 39 -1.49 11.98 -3.66
CA ASP A 39 -1.11 13.13 -2.87
C ASP A 39 -1.11 12.75 -1.39
N ARG A 40 -0.06 13.16 -0.67
CA ARG A 40 0.07 12.86 0.74
C ARG A 40 1.11 13.79 1.37
N MET A 41 1.33 13.62 2.68
CA MET A 41 2.29 14.44 3.39
C MET A 41 3.37 13.56 3.99
N TRP A 42 4.62 14.01 3.92
CA TRP A 42 5.74 13.25 4.46
C TRP A 42 6.94 14.18 4.67
N LEU A 43 7.69 13.94 5.74
CA LEU A 43 8.86 14.75 6.05
C LEU A 43 8.43 16.17 6.35
N LYS A 44 7.13 16.37 6.59
CA LYS A 44 6.61 17.68 6.88
C LYS A 44 6.27 18.43 5.60
N ILE A 45 6.45 17.74 4.46
CA ILE A 45 6.16 18.33 3.17
C ILE A 45 5.06 17.55 2.47
N THR A 46 4.53 18.10 1.37
CA THR A 46 3.46 17.46 0.63
C THR A 46 3.94 17.15 -0.78
N ILE A 47 3.71 15.91 -1.23
CA ILE A 47 4.11 15.51 -2.56
C ILE A 47 2.88 15.08 -3.36
N ALA A 48 3.00 15.04 -4.69
CA ALA A 48 1.91 14.66 -5.55
C ALA A 48 2.04 13.19 -5.92
N ASN A 49 2.27 12.34 -4.93
CA ASN A 49 2.41 10.91 -5.15
C ASN A 49 3.26 10.30 -4.05
N ALA A 50 2.61 9.73 -3.03
CA ALA A 50 3.31 9.11 -1.92
C ALA A 50 2.36 8.18 -1.18
N VAL A 51 2.92 7.13 -0.57
CA VAL A 51 2.13 6.16 0.17
C VAL A 51 3.02 5.03 0.65
N ILE A 52 3.73 4.39 -0.28
CA ILE A 52 4.62 3.29 0.04
C ILE A 52 3.85 2.23 0.82
N GLY A 53 4.49 1.09 1.08
CA GLY A 53 3.88 0.01 1.81
C GLY A 53 3.36 0.52 3.16
N ALA A 54 4.09 1.45 3.78
CA ALA A 54 3.71 2.00 5.05
C ALA A 54 2.25 2.41 5.03
N ASP A 55 1.92 3.41 4.18
CA ASP A 55 0.56 3.88 4.06
C ASP A 55 -0.34 2.76 3.59
N VAL A 56 0.07 2.06 2.53
CA VAL A 56 -0.69 0.96 1.98
C VAL A 56 -1.15 0.04 3.11
N VAL A 57 -0.32 -0.08 4.14
CA VAL A 57 -0.64 -0.93 5.28
C VAL A 57 -1.62 -0.22 6.20
N ASP A 58 -1.19 0.91 6.76
CA ASP A 58 -2.04 1.69 7.65
C ASP A 58 -3.46 1.71 7.11
N TRP A 59 -3.61 1.62 5.80
CA TRP A 59 -4.92 1.64 5.17
C TRP A 59 -5.56 0.26 5.27
N LEU A 60 -4.94 -0.74 4.64
CA LEU A 60 -5.46 -2.09 4.67
C LEU A 60 -6.03 -2.40 6.04
N TYR A 61 -5.41 -1.86 7.09
CA TYR A 61 -5.87 -2.08 8.45
C TYR A 61 -7.00 -1.14 8.77
N THR A 62 -6.85 0.14 8.39
CA THR A 62 -7.87 1.14 8.65
C THR A 62 -8.93 1.08 7.55
N HIS A 63 -8.92 0.01 6.76
CA HIS A 63 -9.87 -0.15 5.68
C HIS A 63 -10.67 -1.44 5.89
N VAL A 64 -9.98 -2.58 5.80
CA VAL A 64 -10.63 -3.87 5.98
C VAL A 64 -9.91 -4.66 7.07
N GLU A 65 -10.37 -5.88 7.31
CA GLU A 65 -9.77 -6.73 8.33
C GLU A 65 -9.72 -8.17 7.84
N GLY A 66 -8.98 -9.02 8.56
CA GLY A 66 -8.85 -10.42 8.19
C GLY A 66 -7.43 -10.89 8.43
N PHE A 67 -6.50 -9.95 8.64
CA PHE A 67 -5.12 -10.28 8.89
C PHE A 67 -4.90 -10.56 10.38
N LYS A 68 -4.21 -11.65 10.69
CA LYS A 68 -3.94 -12.02 12.07
C LYS A 68 -3.63 -10.77 12.88
N GLU A 69 -2.60 -10.03 12.48
CA GLU A 69 -2.21 -8.83 13.18
C GLU A 69 -1.33 -7.97 12.27
N ARG A 70 -0.73 -6.92 12.85
CA ARG A 70 0.14 -6.03 12.10
C ARG A 70 1.07 -6.84 11.22
N ARG A 71 1.44 -8.04 11.67
CA ARG A 71 2.33 -8.91 10.93
C ARG A 71 1.70 -9.27 9.60
N GLU A 72 0.63 -10.07 9.64
CA GLU A 72 -0.06 -10.48 8.44
C GLU A 72 -0.29 -9.28 7.52
N ALA A 73 -0.64 -8.15 8.12
CA ALA A 73 -0.87 -6.93 7.36
C ALA A 73 0.36 -6.59 6.53
N ARG A 74 1.51 -6.52 7.18
CA ARG A 74 2.76 -6.20 6.50
C ARG A 74 3.07 -7.28 5.48
N LYS A 75 2.56 -8.49 5.70
CA LYS A 75 2.80 -9.60 4.81
C LYS A 75 2.08 -9.37 3.50
N TYR A 76 0.83 -8.87 3.57
CA TYR A 76 0.04 -8.60 2.39
C TYR A 76 0.65 -7.44 1.61
N ALA A 77 0.90 -6.32 2.29
CA ALA A 77 1.49 -5.16 1.67
C ALA A 77 2.76 -5.54 0.93
N SER A 78 3.69 -6.18 1.65
CA SER A 78 4.96 -6.61 1.07
C SER A 78 4.70 -7.40 -0.20
N SER A 79 3.73 -8.33 -0.14
CA SER A 79 3.40 -9.16 -1.28
C SER A 79 2.87 -8.28 -2.41
N MET A 80 2.17 -7.20 -2.06
CA MET A 80 1.62 -6.28 -3.03
C MET A 80 2.74 -5.60 -3.79
N LEU A 81 3.80 -5.23 -3.08
CA LEU A 81 4.94 -4.56 -3.70
C LEU A 81 5.77 -5.57 -4.46
N LYS A 82 6.01 -6.74 -3.86
CA LYS A 82 6.80 -7.78 -4.49
C LYS A 82 6.25 -8.07 -5.89
N HIS A 83 4.92 -8.03 -6.03
CA HIS A 83 4.29 -8.27 -7.31
C HIS A 83 4.75 -7.26 -8.33
N GLY A 84 5.35 -6.16 -7.86
CA GLY A 84 5.83 -5.12 -8.74
C GLY A 84 4.73 -4.12 -9.04
N PHE A 85 3.65 -4.17 -8.25
CA PHE A 85 2.53 -3.27 -8.43
C PHE A 85 2.82 -1.93 -7.80
N LEU A 86 4.04 -1.78 -7.26
CA LEU A 86 4.46 -0.54 -6.63
C LEU A 86 5.73 -0.02 -7.28
N ARG A 87 6.02 1.27 -7.08
CA ARG A 87 7.20 1.88 -7.65
C ARG A 87 8.05 2.49 -6.55
N HIS A 88 9.36 2.21 -6.58
CA HIS A 88 10.27 2.73 -5.58
C HIS A 88 11.54 3.25 -6.25
N THR A 89 12.56 3.53 -5.43
CA THR A 89 13.83 4.01 -5.95
C THR A 89 14.78 2.85 -6.19
N VAL A 90 14.34 1.65 -5.85
CA VAL A 90 15.16 0.46 -6.04
C VAL A 90 14.92 -0.13 -7.42
N ASN A 91 15.81 -1.03 -7.85
CA ASN A 91 15.69 -1.66 -9.14
C ASN A 91 14.57 -2.70 -9.12
N LYS A 92 14.79 -3.81 -8.42
CA LYS A 92 13.80 -4.86 -8.31
C LYS A 92 12.58 -4.35 -7.56
N ILE A 93 12.24 -5.04 -6.46
CA ILE A 93 11.08 -4.66 -5.66
C ILE A 93 11.51 -4.48 -4.20
N THR A 94 12.32 -5.42 -3.70
CA THR A 94 12.79 -5.37 -2.34
C THR A 94 11.86 -4.49 -1.50
N PHE A 95 10.90 -5.14 -0.82
CA PHE A 95 9.96 -4.42 0.01
C PHE A 95 10.70 -3.60 1.06
N SER A 96 10.07 -2.53 1.53
CA SER A 96 10.68 -1.67 2.53
C SER A 96 9.61 -1.15 3.49
N GLU A 97 8.71 -0.29 2.99
CA GLU A 97 7.65 0.26 3.80
C GLU A 97 8.24 1.15 4.89
N GLN A 98 9.05 2.13 4.49
CA GLN A 98 9.67 3.05 5.42
C GLN A 98 9.83 4.41 4.78
N CYS A 99 10.35 4.43 3.54
CA CYS A 99 10.55 5.67 2.82
C CYS A 99 9.23 6.14 2.23
N TYR A 100 9.28 6.72 1.02
CA TYR A 100 8.09 7.21 0.37
C TYR A 100 8.07 6.76 -1.09
N TYR A 101 7.15 5.87 -1.44
CA TYR A 101 7.05 5.36 -2.79
C TYR A 101 5.69 5.74 -3.38
N VAL A 102 5.41 5.27 -4.59
CA VAL A 102 4.16 5.55 -5.26
C VAL A 102 3.79 4.40 -6.18
N PHE A 103 2.51 4.01 -6.17
CA PHE A 103 2.04 2.93 -7.01
C PHE A 103 2.76 2.97 -8.35
N GLY A 104 2.78 1.82 -9.04
CA GLY A 104 3.44 1.72 -10.33
C GLY A 104 2.50 1.13 -11.36
N ASP A 105 3.06 0.64 -12.47
CA ASP A 105 2.27 0.05 -13.54
C ASP A 105 3.13 -0.89 -14.35
N GLU A 12 -13.54 -1.15 4.73
CA GLU A 12 -13.13 -2.52 4.47
C GLU A 12 -14.35 -3.43 4.44
N ALA A 13 -14.26 -4.52 3.67
CA ALA A 13 -15.36 -5.46 3.55
C ALA A 13 -15.16 -6.32 2.32
N PRO A 14 -14.94 -5.69 1.17
CA PRO A 14 -14.73 -6.35 -0.10
C PRO A 14 -13.36 -7.01 -0.12
N LEU A 15 -12.58 -6.79 0.95
CA LEU A 15 -11.25 -7.37 1.06
C LEU A 15 -11.09 -8.07 2.40
N THR A 16 -10.05 -8.89 2.52
CA THR A 16 -9.80 -9.62 3.76
C THR A 16 -8.30 -9.76 3.97
N VAL A 17 -7.57 -10.13 2.91
CA VAL A 17 -6.15 -10.32 2.98
C VAL A 17 -5.65 -11.10 1.78
N LYS A 18 -6.47 -12.06 1.31
CA LYS A 18 -6.11 -12.87 0.17
C LYS A 18 -6.67 -12.24 -1.11
N SER A 19 -7.39 -11.13 -0.95
CA SER A 19 -7.97 -10.43 -2.09
C SER A 19 -6.90 -10.20 -3.14
N ASP A 20 -7.26 -10.37 -4.42
CA ASP A 20 -6.33 -10.17 -5.51
C ASP A 20 -5.45 -8.97 -5.21
N MET A 21 -4.14 -9.22 -5.06
CA MET A 21 -3.19 -8.15 -4.77
C MET A 21 -3.50 -6.94 -5.63
N SER A 22 -3.71 -7.15 -6.92
CA SER A 22 -4.03 -6.08 -7.84
C SER A 22 -5.31 -5.38 -7.41
N ALA A 23 -6.27 -6.16 -6.90
CA ALA A 23 -7.53 -5.61 -6.46
C ALA A 23 -7.31 -4.73 -5.24
N ILE A 24 -6.37 -5.12 -4.38
CA ILE A 24 -6.06 -4.36 -3.18
C ILE A 24 -5.41 -3.05 -3.56
N VAL A 25 -4.31 -3.12 -4.32
CA VAL A 25 -3.60 -1.92 -4.74
C VAL A 25 -4.55 -0.98 -5.45
N ARG A 26 -5.43 -1.54 -6.29
CA ARG A 26 -6.39 -0.75 -7.03
C ARG A 26 -7.25 0.05 -6.07
N VAL A 27 -7.79 -0.62 -5.05
CA VAL A 27 -8.63 0.01 -4.06
C VAL A 27 -7.90 1.21 -3.46
N MET A 28 -6.76 0.95 -2.82
CA MET A 28 -5.97 2.00 -2.21
C MET A 28 -5.88 3.19 -3.14
N GLN A 29 -5.66 2.93 -4.43
CA GLN A 29 -5.54 3.98 -5.42
C GLN A 29 -6.82 4.80 -5.44
N LEU A 30 -7.97 4.13 -5.44
CA LEU A 30 -9.25 4.80 -5.46
C LEU A 30 -9.27 5.92 -4.43
N PRO A 31 -9.76 7.10 -4.83
CA PRO A 31 -9.85 8.28 -3.99
C PRO A 31 -10.95 8.09 -2.95
N ASP A 32 -11.59 6.92 -2.98
CA ASP A 32 -12.66 6.62 -2.04
C ASP A 32 -12.32 5.37 -1.25
N SER A 33 -11.01 5.11 -1.08
CA SER A 33 -10.55 3.95 -0.34
C SER A 33 -10.07 4.37 1.04
N GLY A 34 -9.70 5.65 1.18
CA GLY A 34 -9.23 6.17 2.44
C GLY A 34 -7.71 6.31 2.42
N LEU A 35 -7.10 5.95 1.29
CA LEU A 35 -5.66 6.03 1.15
C LEU A 35 -5.31 7.04 0.07
N GLU A 36 -5.82 6.83 -1.15
CA GLU A 36 -5.56 7.73 -2.25
C GLU A 36 -4.06 7.80 -2.52
N ILE A 37 -3.61 7.22 -3.64
CA ILE A 37 -2.21 7.22 -4.01
C ILE A 37 -2.00 8.13 -5.21
N ARG A 38 -1.39 9.30 -4.96
CA ARG A 38 -1.13 10.26 -6.02
C ARG A 38 -0.61 11.56 -5.41
N ASP A 39 -1.08 11.89 -4.21
CA ASP A 39 -0.66 13.10 -3.53
C ASP A 39 -0.67 12.88 -2.03
N ARG A 40 0.43 13.25 -1.36
CA ARG A 40 0.54 13.09 0.07
C ARG A 40 1.34 14.24 0.66
N MET A 41 1.53 14.23 1.98
CA MET A 41 2.28 15.28 2.66
C MET A 41 3.40 14.66 3.49
N TRP A 42 4.55 15.32 3.53
CA TRP A 42 5.69 14.83 4.28
C TRP A 42 6.72 15.93 4.43
N LEU A 43 7.28 16.07 5.64
CA LEU A 43 8.29 17.08 5.90
C LEU A 43 7.67 18.46 5.78
N LYS A 44 6.35 18.55 5.99
CA LYS A 44 5.65 19.81 5.91
C LYS A 44 5.57 20.27 4.46
N ILE A 45 5.77 19.33 3.52
CA ILE A 45 5.72 19.64 2.10
C ILE A 45 4.63 18.82 1.44
N THR A 46 4.46 19.00 0.12
CA THR A 46 3.46 18.27 -0.62
C THR A 46 4.09 17.59 -1.82
N ILE A 47 3.71 16.32 -2.06
CA ILE A 47 4.23 15.56 -3.17
C ILE A 47 3.10 15.13 -4.08
N ALA A 48 3.43 14.68 -5.29
CA ALA A 48 2.44 14.24 -6.25
C ALA A 48 2.57 12.73 -6.46
N ASN A 49 2.66 11.98 -5.36
CA ASN A 49 2.79 10.54 -5.44
C ASN A 49 3.58 10.03 -4.25
N ALA A 50 2.88 9.46 -3.27
CA ALA A 50 3.52 8.93 -2.07
C ALA A 50 2.56 8.02 -1.33
N VAL A 51 3.09 7.00 -0.65
CA VAL A 51 2.28 6.07 0.09
C VAL A 51 3.15 4.96 0.65
N ILE A 52 3.91 4.29 -0.23
CA ILE A 52 4.79 3.21 0.17
C ILE A 52 3.99 2.13 0.89
N GLY A 53 4.63 1.00 1.18
CA GLY A 53 3.97 -0.09 1.87
C GLY A 53 3.46 0.35 3.23
N ALA A 54 4.16 1.34 3.83
CA ALA A 54 3.78 1.86 5.13
C ALA A 54 2.31 2.28 5.10
N ASP A 55 1.97 3.18 4.17
CA ASP A 55 0.61 3.66 4.05
C ASP A 55 -0.30 2.54 3.58
N VAL A 56 0.14 1.82 2.55
CA VAL A 56 -0.64 0.72 2.00
C VAL A 56 -1.07 -0.21 3.12
N VAL A 57 -0.22 -0.37 4.14
CA VAL A 57 -0.51 -1.22 5.26
C VAL A 57 -1.55 -0.56 6.15
N ASP A 58 -1.18 0.57 6.76
CA ASP A 58 -2.07 1.29 7.64
C ASP A 58 -3.47 1.32 7.04
N TRP A 59 -3.56 1.25 5.70
CA TRP A 59 -4.83 1.28 5.02
C TRP A 59 -5.51 -0.08 5.15
N LEU A 60 -4.96 -1.09 4.46
CA LEU A 60 -5.50 -2.42 4.50
C LEU A 60 -6.04 -2.72 5.89
N TYR A 61 -5.31 -2.30 6.92
CA TYR A 61 -5.71 -2.53 8.29
C TYR A 61 -6.91 -1.67 8.62
N THR A 62 -6.83 -0.37 8.31
CA THR A 62 -7.92 0.55 8.57
C THR A 62 -8.97 0.45 7.48
N HIS A 63 -8.84 -0.57 6.62
CA HIS A 63 -9.78 -0.78 5.53
C HIS A 63 -10.63 -2.01 5.81
N VAL A 64 -10.04 -3.19 5.62
CA VAL A 64 -10.73 -4.44 5.85
C VAL A 64 -9.99 -5.26 6.89
N GLU A 65 -10.39 -6.52 7.07
CA GLU A 65 -9.77 -7.41 8.03
C GLU A 65 -9.56 -8.78 7.43
N GLY A 66 -8.80 -9.64 8.12
CA GLY A 66 -8.54 -10.98 7.63
C GLY A 66 -7.11 -11.38 7.96
N PHE A 67 -6.29 -10.40 8.35
CA PHE A 67 -4.90 -10.65 8.68
C PHE A 67 -4.77 -10.96 10.17
N LYS A 68 -4.07 -12.05 10.49
CA LYS A 68 -3.88 -12.45 11.88
C LYS A 68 -3.61 -11.23 12.74
N GLU A 69 -2.58 -10.45 12.37
CA GLU A 69 -2.23 -9.26 13.11
C GLU A 69 -1.33 -8.37 12.28
N ARG A 70 -0.85 -7.27 12.86
CA ARG A 70 0.02 -6.34 12.17
C ARG A 70 1.04 -7.12 11.34
N ARG A 71 1.41 -8.31 11.83
CA ARG A 71 2.38 -9.14 11.14
C ARG A 71 1.84 -9.54 9.77
N GLU A 72 0.80 -10.39 9.78
CA GLU A 72 0.20 -10.85 8.53
C GLU A 72 -0.08 -9.66 7.63
N ALA A 73 -0.50 -8.55 8.21
CA ALA A 73 -0.81 -7.35 7.46
C ALA A 73 0.40 -6.93 6.64
N ARG A 74 1.56 -6.79 7.31
CA ARG A 74 2.78 -6.39 6.65
C ARG A 74 3.17 -7.44 5.61
N LYS A 75 2.79 -8.69 5.87
CA LYS A 75 3.09 -9.78 4.96
C LYS A 75 2.34 -9.59 3.65
N TYR A 76 1.08 -9.18 3.75
CA TYR A 76 0.26 -8.97 2.57
C TYR A 76 0.80 -7.80 1.76
N ALA A 77 1.01 -6.66 2.44
CA ALA A 77 1.52 -5.47 1.78
C ALA A 77 2.79 -5.81 1.01
N SER A 78 3.72 -6.51 1.66
CA SER A 78 4.96 -6.90 1.04
C SER A 78 4.68 -7.73 -0.20
N SER A 79 3.83 -8.76 -0.05
CA SER A 79 3.48 -9.62 -1.17
C SER A 79 2.81 -8.80 -2.26
N MET A 80 2.17 -7.70 -1.89
CA MET A 80 1.49 -6.84 -2.84
C MET A 80 2.51 -6.10 -3.68
N LEU A 81 3.56 -5.59 -3.04
CA LEU A 81 4.61 -4.86 -3.72
C LEU A 81 5.32 -5.77 -4.71
N LYS A 82 5.77 -6.93 -4.23
CA LYS A 82 6.46 -7.89 -5.06
C LYS A 82 5.71 -8.08 -6.37
N HIS A 83 4.43 -8.45 -6.27
CA HIS A 83 3.60 -8.67 -7.45
C HIS A 83 3.90 -7.60 -8.49
N GLY A 84 4.30 -6.40 -8.04
CA GLY A 84 4.61 -5.31 -8.94
C GLY A 84 3.52 -4.25 -8.87
N PHE A 85 2.75 -4.25 -7.77
CA PHE A 85 1.68 -3.30 -7.60
C PHE A 85 2.21 -2.04 -6.92
N LEU A 86 3.52 -2.01 -6.67
CA LEU A 86 4.15 -0.88 -6.02
C LEU A 86 5.51 -0.62 -6.64
N ARG A 87 5.92 0.65 -6.72
CA ARG A 87 7.20 1.02 -7.28
C ARG A 87 8.04 1.73 -6.23
N HIS A 88 9.29 1.28 -6.05
CA HIS A 88 10.18 1.87 -5.09
C HIS A 88 11.32 2.59 -5.79
N THR A 89 12.38 2.92 -5.05
CA THR A 89 13.52 3.60 -5.62
C THR A 89 14.78 2.74 -5.44
N VAL A 90 14.58 1.44 -5.23
CA VAL A 90 15.69 0.53 -5.05
C VAL A 90 16.04 -0.13 -6.38
N ASN A 91 17.05 -1.00 -6.37
CA ASN A 91 17.48 -1.68 -7.57
C ASN A 91 16.26 -2.17 -8.35
N LYS A 92 15.33 -2.80 -7.65
CA LYS A 92 14.12 -3.30 -8.28
C LYS A 92 12.90 -2.84 -7.52
N ILE A 93 12.54 -3.56 -6.45
CA ILE A 93 11.40 -3.21 -5.63
C ILE A 93 11.66 -3.60 -4.18
N THR A 94 11.94 -4.88 -3.95
CA THR A 94 12.20 -5.37 -2.60
C THR A 94 11.46 -4.52 -1.59
N PHE A 95 10.22 -4.91 -1.27
CA PHE A 95 9.41 -4.19 -0.32
C PHE A 95 10.27 -3.73 0.85
N SER A 96 9.82 -2.70 1.56
CA SER A 96 10.55 -2.17 2.70
C SER A 96 9.58 -1.61 3.72
N GLU A 97 8.95 -0.47 3.40
CA GLU A 97 8.00 0.15 4.29
C GLU A 97 8.73 1.07 5.26
N GLN A 98 9.70 1.83 4.74
CA GLN A 98 10.47 2.75 5.57
C GLN A 98 10.49 4.12 4.91
N CYS A 99 11.20 4.24 3.79
CA CYS A 99 11.30 5.51 3.08
C CYS A 99 9.93 5.90 2.54
N TYR A 100 9.87 6.27 1.26
CA TYR A 100 8.61 6.66 0.64
C TYR A 100 8.59 6.19 -0.81
N TYR A 101 7.51 5.51 -1.19
CA TYR A 101 7.36 5.01 -2.54
C TYR A 101 6.01 5.41 -3.10
N VAL A 102 5.69 4.93 -4.31
CA VAL A 102 4.42 5.25 -4.95
C VAL A 102 4.02 4.10 -5.86
N PHE A 103 2.71 3.87 -5.99
CA PHE A 103 2.20 2.81 -6.83
C PHE A 103 3.07 2.67 -8.08
N GLY A 104 3.06 1.48 -8.68
CA GLY A 104 3.85 1.23 -9.88
C GLY A 104 2.96 0.74 -11.00
N ASP A 105 3.54 0.53 -12.19
CA ASP A 105 2.81 0.05 -13.33
C ASP A 105 3.76 -0.22 -14.49
N GLU A 12 -13.13 -1.01 4.13
CA GLU A 12 -12.86 -2.41 3.89
C GLU A 12 -14.16 -3.19 3.81
N ALA A 13 -14.16 -4.27 3.02
CA ALA A 13 -15.35 -5.10 2.87
C ALA A 13 -15.17 -6.03 1.68
N PRO A 14 -14.82 -5.46 0.52
CA PRO A 14 -14.60 -6.20 -0.71
C PRO A 14 -13.30 -6.98 -0.63
N LEU A 15 -12.52 -6.71 0.42
CA LEU A 15 -11.25 -7.39 0.63
C LEU A 15 -11.18 -7.96 2.03
N THR A 16 -10.21 -8.84 2.28
CA THR A 16 -10.04 -9.45 3.58
C THR A 16 -8.56 -9.63 3.88
N VAL A 17 -7.80 -10.11 2.89
CA VAL A 17 -6.38 -10.32 3.05
C VAL A 17 -5.85 -11.13 1.88
N LYS A 18 -6.68 -12.02 1.34
CA LYS A 18 -6.29 -12.85 0.21
C LYS A 18 -6.68 -12.16 -1.10
N SER A 19 -7.54 -11.15 -1.01
CA SER A 19 -7.97 -10.42 -2.18
C SER A 19 -6.82 -10.23 -3.15
N ASP A 20 -7.06 -10.49 -4.43
CA ASP A 20 -6.03 -10.35 -5.45
C ASP A 20 -5.17 -9.14 -5.14
N MET A 21 -3.89 -9.37 -4.85
CA MET A 21 -2.97 -8.29 -4.54
C MET A 21 -3.17 -7.14 -5.52
N SER A 22 -3.52 -7.47 -6.76
CA SER A 22 -3.75 -6.46 -7.78
C SER A 22 -5.01 -5.66 -7.45
N ALA A 23 -6.03 -6.35 -6.93
CA ALA A 23 -7.27 -5.70 -6.58
C ALA A 23 -7.08 -4.85 -5.34
N ILE A 24 -6.17 -5.27 -4.46
CA ILE A 24 -5.89 -4.54 -3.23
C ILE A 24 -5.28 -3.19 -3.57
N VAL A 25 -4.16 -3.21 -4.30
CA VAL A 25 -3.48 -1.99 -4.69
C VAL A 25 -4.43 -1.10 -5.47
N ARG A 26 -5.21 -1.70 -6.39
CA ARG A 26 -6.15 -0.96 -7.20
C ARG A 26 -7.09 -0.16 -6.30
N VAL A 27 -7.61 -0.82 -5.25
CA VAL A 27 -8.52 -0.18 -4.32
C VAL A 27 -7.86 1.05 -3.71
N MET A 28 -6.74 0.84 -3.04
CA MET A 28 -6.01 1.93 -2.41
C MET A 28 -5.90 3.10 -3.37
N GLN A 29 -5.65 2.80 -4.65
CA GLN A 29 -5.52 3.82 -5.67
C GLN A 29 -6.83 4.58 -5.81
N LEU A 30 -7.94 3.84 -5.91
CA LEU A 30 -9.24 4.45 -6.05
C LEU A 30 -9.35 5.68 -5.16
N PRO A 31 -9.92 6.76 -5.69
CA PRO A 31 -10.10 8.01 -5.00
C PRO A 31 -11.20 7.86 -3.96
N ASP A 32 -11.77 6.67 -3.86
CA ASP A 32 -12.84 6.40 -2.90
C ASP A 32 -12.51 5.13 -2.11
N SER A 33 -11.23 4.92 -1.82
CA SER A 33 -10.79 3.76 -1.07
C SER A 33 -10.51 4.15 0.37
N GLY A 34 -9.70 5.20 0.56
CA GLY A 34 -9.36 5.67 1.89
C GLY A 34 -7.90 6.13 1.92
N LEU A 35 -7.03 5.38 1.24
CA LEU A 35 -5.61 5.70 1.21
C LEU A 35 -5.38 6.87 0.26
N GLU A 36 -5.79 6.71 -1.01
CA GLU A 36 -5.63 7.75 -2.00
C GLU A 36 -4.16 7.89 -2.36
N ILE A 37 -3.77 7.34 -3.51
CA ILE A 37 -2.40 7.41 -3.97
C ILE A 37 -2.27 8.48 -5.05
N ARG A 38 -1.80 9.67 -4.67
CA ARG A 38 -1.63 10.77 -5.59
C ARG A 38 -1.04 11.98 -4.87
N ASP A 39 -1.45 12.18 -3.61
CA ASP A 39 -0.95 13.28 -2.82
C ASP A 39 -0.82 12.86 -1.36
N ARG A 40 0.32 13.14 -0.76
CA ARG A 40 0.57 12.79 0.62
C ARG A 40 1.47 13.83 1.27
N MET A 41 1.80 13.63 2.55
CA MET A 41 2.65 14.55 3.27
C MET A 41 3.82 13.80 3.89
N TRP A 42 5.04 14.25 3.61
CA TRP A 42 6.23 13.62 4.14
C TRP A 42 7.29 14.67 4.44
N LEU A 43 7.97 14.53 5.59
CA LEU A 43 9.00 15.47 5.98
C LEU A 43 8.37 16.81 6.33
N LYS A 44 7.05 16.82 6.54
CA LYS A 44 6.34 18.03 6.88
C LYS A 44 6.09 18.85 5.62
N ILE A 45 6.19 18.21 4.45
CA ILE A 45 5.97 18.88 3.19
C ILE A 45 4.80 18.23 2.46
N THR A 46 4.53 18.69 1.24
CA THR A 46 3.44 18.14 0.45
C THR A 46 3.99 17.51 -0.82
N ILE A 47 3.48 16.33 -1.16
CA ILE A 47 3.92 15.62 -2.35
C ILE A 47 2.74 15.40 -3.29
N ALA A 48 3.02 14.95 -4.51
CA ALA A 48 1.98 14.72 -5.48
C ALA A 48 2.04 13.26 -5.95
N ASN A 49 2.23 12.34 -5.01
CA ASN A 49 2.30 10.93 -5.32
C ASN A 49 3.15 10.21 -4.29
N ALA A 50 2.54 9.77 -3.20
CA ALA A 50 3.25 9.07 -2.15
C ALA A 50 2.30 8.16 -1.40
N VAL A 51 2.84 7.16 -0.70
CA VAL A 51 2.03 6.22 0.06
C VAL A 51 2.92 5.13 0.63
N ILE A 52 3.73 4.49 -0.21
CA ILE A 52 4.62 3.44 0.21
C ILE A 52 3.83 2.37 0.96
N GLY A 53 4.49 1.23 1.26
CA GLY A 53 3.84 0.15 1.97
C GLY A 53 3.33 0.63 3.31
N ALA A 54 4.00 1.62 3.88
CA ALA A 54 3.62 2.17 5.18
C ALA A 54 2.14 2.52 5.16
N ASP A 55 1.73 3.42 4.26
CA ASP A 55 0.35 3.84 4.15
C ASP A 55 -0.49 2.67 3.67
N VAL A 56 -0.04 1.99 2.62
CA VAL A 56 -0.77 0.85 2.07
C VAL A 56 -1.15 -0.09 3.19
N VAL A 57 -0.31 -0.19 4.22
CA VAL A 57 -0.58 -1.06 5.34
C VAL A 57 -1.58 -0.40 6.28
N ASP A 58 -1.19 0.71 6.90
CA ASP A 58 -2.05 1.43 7.80
C ASP A 58 -3.48 1.46 7.24
N TRP A 59 -3.60 1.43 5.93
CA TRP A 59 -4.90 1.45 5.28
C TRP A 59 -5.54 0.07 5.36
N LEU A 60 -4.97 -0.89 4.61
CA LEU A 60 -5.49 -2.24 4.59
C LEU A 60 -6.07 -2.59 5.95
N TYR A 61 -5.40 -2.14 7.02
CA TYR A 61 -5.86 -2.42 8.36
C TYR A 61 -7.05 -1.55 8.69
N THR A 62 -6.90 -0.23 8.53
CA THR A 62 -7.97 0.70 8.82
C THR A 62 -9.05 0.59 7.74
N HIS A 63 -8.84 -0.30 6.78
CA HIS A 63 -9.80 -0.50 5.71
C HIS A 63 -10.65 -1.73 5.99
N VAL A 64 -10.07 -2.92 5.80
CA VAL A 64 -10.78 -4.16 6.02
C VAL A 64 -10.10 -4.93 7.15
N GLU A 65 -10.55 -6.17 7.37
CA GLU A 65 -9.99 -7.01 8.42
C GLU A 65 -9.64 -8.37 7.86
N GLY A 66 -8.88 -9.16 8.62
CA GLY A 66 -8.48 -10.49 8.20
C GLY A 66 -7.01 -10.73 8.50
N PHE A 67 -6.30 -9.67 8.90
CA PHE A 67 -4.89 -9.76 9.21
C PHE A 67 -4.72 -10.20 10.66
N LYS A 68 -4.03 -11.33 10.86
CA LYS A 68 -3.79 -11.85 12.20
C LYS A 68 -3.25 -10.74 13.10
N GLU A 69 -2.23 -10.04 12.62
CA GLU A 69 -1.63 -8.96 13.40
C GLU A 69 -0.79 -8.08 12.48
N ARG A 70 -0.15 -7.06 13.05
CA ARG A 70 0.68 -6.15 12.30
C ARG A 70 1.55 -6.93 11.32
N ARG A 71 1.90 -8.17 11.70
CA ARG A 71 2.72 -9.02 10.86
C ARG A 71 1.97 -9.35 9.57
N GLU A 72 0.93 -10.18 9.69
CA GLU A 72 0.13 -10.57 8.54
C GLU A 72 -0.13 -9.36 7.65
N ALA A 73 -0.43 -8.21 8.27
CA ALA A 73 -0.70 -6.99 7.54
C ALA A 73 0.49 -6.65 6.65
N ARG A 74 1.68 -6.56 7.25
CA ARG A 74 2.88 -6.23 6.53
C ARG A 74 3.17 -7.31 5.50
N LYS A 75 2.65 -8.52 5.74
CA LYS A 75 2.86 -9.63 4.84
C LYS A 75 2.08 -9.41 3.55
N TYR A 76 0.85 -8.90 3.67
CA TYR A 76 0.03 -8.65 2.51
C TYR A 76 0.60 -7.47 1.72
N ALA A 77 0.94 -6.39 2.41
CA ALA A 77 1.50 -5.22 1.77
C ALA A 77 2.79 -5.58 1.04
N SER A 78 3.69 -6.27 1.74
CA SER A 78 4.96 -6.67 1.16
C SER A 78 4.71 -7.54 -0.07
N SER A 79 3.88 -8.57 0.09
CA SER A 79 3.56 -9.46 -1.01
C SER A 79 2.95 -8.66 -2.16
N MET A 80 2.28 -7.56 -1.84
CA MET A 80 1.65 -6.73 -2.84
C MET A 80 2.73 -6.04 -3.68
N LEU A 81 3.76 -5.51 -3.02
CA LEU A 81 4.84 -4.83 -3.69
C LEU A 81 5.56 -5.79 -4.62
N LYS A 82 6.00 -6.93 -4.08
CA LYS A 82 6.69 -7.93 -4.86
C LYS A 82 5.92 -8.23 -6.13
N HIS A 83 4.62 -8.51 -5.99
CA HIS A 83 3.78 -8.80 -7.14
C HIS A 83 4.00 -7.76 -8.23
N GLY A 84 4.44 -6.57 -7.83
CA GLY A 84 4.68 -5.50 -8.78
C GLY A 84 3.54 -4.50 -8.75
N PHE A 85 2.76 -4.50 -7.67
CA PHE A 85 1.64 -3.60 -7.53
C PHE A 85 2.11 -2.29 -6.93
N LEU A 86 3.41 -2.20 -6.62
CA LEU A 86 3.98 -1.00 -6.04
C LEU A 86 5.33 -0.71 -6.68
N ARG A 87 5.69 0.57 -6.73
CA ARG A 87 6.96 0.98 -7.31
C ARG A 87 7.81 1.68 -6.27
N HIS A 88 9.09 1.29 -6.18
CA HIS A 88 10.00 1.89 -5.22
C HIS A 88 11.09 2.66 -5.95
N THR A 89 12.11 3.09 -5.21
CA THR A 89 13.21 3.83 -5.78
C THR A 89 14.50 3.01 -5.70
N VAL A 90 14.36 1.68 -5.78
CA VAL A 90 15.49 0.78 -5.72
C VAL A 90 15.69 0.11 -7.07
N ASN A 91 16.86 -0.51 -7.27
CA ASN A 91 17.16 -1.19 -8.51
C ASN A 91 15.95 -2.01 -8.96
N LYS A 92 15.16 -2.48 -8.00
CA LYS A 92 13.99 -3.28 -8.31
C LYS A 92 12.81 -2.79 -7.49
N ILE A 93 12.37 -3.60 -6.51
CA ILE A 93 11.26 -3.24 -5.66
C ILE A 93 11.62 -3.50 -4.20
N THR A 94 11.79 -4.77 -3.84
CA THR A 94 12.15 -5.13 -2.49
C THR A 94 11.40 -4.24 -1.50
N PHE A 95 10.23 -4.68 -1.04
CA PHE A 95 9.44 -3.93 -0.11
C PHE A 95 10.33 -3.32 0.96
N SER A 96 9.81 -2.34 1.70
CA SER A 96 10.57 -1.68 2.74
C SER A 96 9.62 -1.04 3.75
N GLU A 97 8.88 -0.03 3.31
CA GLU A 97 7.94 0.66 4.17
C GLU A 97 8.64 1.77 4.93
N GLN A 98 9.67 2.37 4.31
CA GLN A 98 10.42 3.43 4.93
C GLN A 98 10.71 4.52 3.90
N CYS A 99 11.14 4.10 2.71
CA CYS A 99 11.46 5.04 1.64
C CYS A 99 10.20 5.32 0.82
N TYR A 100 9.53 6.44 1.11
CA TYR A 100 8.33 6.82 0.40
C TYR A 100 8.38 6.29 -1.02
N TYR A 101 7.36 5.53 -1.41
CA TYR A 101 7.30 4.96 -2.75
C TYR A 101 5.96 5.32 -3.39
N VAL A 102 5.72 4.80 -4.60
CA VAL A 102 4.49 5.06 -5.31
C VAL A 102 4.12 3.85 -6.16
N PHE A 103 2.82 3.58 -6.28
CA PHE A 103 2.34 2.45 -7.05
C PHE A 103 3.20 2.26 -8.28
N GLY A 104 3.17 1.06 -8.86
CA GLY A 104 3.96 0.76 -10.04
C GLY A 104 3.14 -0.04 -11.04
N ASP A 105 3.80 -0.58 -12.07
CA ASP A 105 3.12 -1.36 -13.09
C ASP A 105 4.15 -2.02 -13.99
N GLU A 12 -13.29 -1.24 4.36
CA GLU A 12 -12.90 -2.64 4.25
C GLU A 12 -14.14 -3.53 4.30
N ALA A 13 -14.10 -4.65 3.57
CA ALA A 13 -15.21 -5.58 3.53
C ALA A 13 -15.06 -6.52 2.34
N PRO A 14 -14.86 -5.95 1.15
CA PRO A 14 -14.69 -6.69 -0.08
C PRO A 14 -13.32 -7.36 -0.09
N LEU A 15 -12.53 -7.10 0.95
CA LEU A 15 -11.20 -7.68 1.05
C LEU A 15 -11.03 -8.37 2.40
N THR A 16 -9.85 -8.93 2.64
CA THR A 16 -9.58 -9.61 3.89
C THR A 16 -8.08 -9.59 4.18
N VAL A 17 -7.28 -9.98 3.19
CA VAL A 17 -5.83 -10.01 3.33
C VAL A 17 -5.21 -10.78 2.17
N LYS A 18 -5.94 -11.76 1.65
CA LYS A 18 -5.45 -12.56 0.54
C LYS A 18 -6.15 -12.13 -0.74
N SER A 19 -7.05 -11.16 -0.65
CA SER A 19 -7.77 -10.66 -1.80
C SER A 19 -6.79 -10.33 -2.92
N ASP A 20 -7.23 -10.53 -4.17
CA ASP A 20 -6.39 -10.26 -5.32
C ASP A 20 -5.57 -9.00 -5.07
N MET A 21 -4.25 -9.16 -4.91
CA MET A 21 -3.37 -8.03 -4.66
C MET A 21 -3.74 -6.87 -5.56
N SER A 22 -3.98 -7.17 -6.85
CA SER A 22 -4.34 -6.15 -7.81
C SER A 22 -5.60 -5.44 -7.36
N ALA A 23 -6.54 -6.18 -6.75
CA ALA A 23 -7.78 -5.62 -6.27
C ALA A 23 -7.52 -4.78 -5.02
N ILE A 24 -6.52 -5.18 -4.24
CA ILE A 24 -6.17 -4.47 -3.02
C ILE A 24 -5.58 -3.11 -3.38
N VAL A 25 -4.50 -3.11 -4.17
CA VAL A 25 -3.85 -1.87 -4.57
C VAL A 25 -4.86 -0.97 -5.27
N ARG A 26 -5.68 -1.56 -6.14
CA ARG A 26 -6.67 -0.80 -6.88
C ARG A 26 -7.56 -0.04 -5.91
N VAL A 27 -8.08 -0.74 -4.89
CA VAL A 27 -8.94 -0.12 -3.89
C VAL A 27 -8.23 1.10 -3.30
N MET A 28 -7.08 0.87 -2.67
CA MET A 28 -6.33 1.94 -2.05
C MET A 28 -6.24 3.13 -3.01
N GLN A 29 -6.07 2.84 -4.30
CA GLN A 29 -5.98 3.88 -5.30
C GLN A 29 -7.26 4.71 -5.31
N LEU A 30 -8.40 4.04 -5.37
CA LEU A 30 -9.68 4.72 -5.37
C LEU A 30 -9.64 5.92 -4.44
N PRO A 31 -10.13 7.07 -4.92
CA PRO A 31 -10.18 8.31 -4.17
C PRO A 31 -11.25 8.22 -3.08
N ASP A 32 -11.91 7.07 -3.00
CA ASP A 32 -12.95 6.85 -2.02
C ASP A 32 -12.62 5.63 -1.18
N SER A 33 -11.33 5.32 -1.04
CA SER A 33 -10.90 4.18 -0.27
C SER A 33 -10.55 4.62 1.15
N GLY A 34 -9.66 5.61 1.27
CA GLY A 34 -9.25 6.11 2.57
C GLY A 34 -7.75 6.35 2.58
N LEU A 35 -7.06 5.88 1.54
CA LEU A 35 -5.63 6.04 1.44
C LEU A 35 -5.29 7.01 0.32
N GLU A 36 -5.88 6.77 -0.86
CA GLU A 36 -5.64 7.63 -2.01
C GLU A 36 -4.15 7.64 -2.34
N ILE A 37 -3.80 7.17 -3.55
CA ILE A 37 -2.42 7.12 -3.98
C ILE A 37 -2.23 8.07 -5.17
N ARG A 38 -1.63 9.24 -4.91
CA ARG A 38 -1.40 10.22 -5.95
C ARG A 38 -0.79 11.47 -5.34
N ASP A 39 -1.19 11.80 -4.12
CA ASP A 39 -0.70 12.97 -3.43
C ASP A 39 -0.65 12.72 -1.94
N ARG A 40 0.45 13.11 -1.29
CA ARG A 40 0.62 12.92 0.14
C ARG A 40 1.47 14.04 0.71
N MET A 41 1.73 13.98 2.02
CA MET A 41 2.54 14.99 2.69
C MET A 41 3.58 14.32 3.56
N TRP A 42 4.81 14.87 3.56
CA TRP A 42 5.89 14.32 4.36
C TRP A 42 7.02 15.32 4.44
N LEU A 43 7.65 15.42 5.63
CA LEU A 43 8.75 16.34 5.84
C LEU A 43 8.24 17.77 5.74
N LYS A 44 6.93 17.96 5.93
CA LYS A 44 6.34 19.28 5.86
C LYS A 44 6.26 19.74 4.41
N ILE A 45 6.36 18.79 3.48
CA ILE A 45 6.30 19.10 2.06
C ILE A 45 5.12 18.37 1.42
N THR A 46 4.94 18.56 0.12
CA THR A 46 3.85 17.91 -0.60
C THR A 46 4.40 17.21 -1.84
N ILE A 47 3.95 15.97 -2.07
CA ILE A 47 4.38 15.19 -3.21
C ILE A 47 3.18 14.84 -4.07
N ALA A 48 3.44 14.47 -5.33
CA ALA A 48 2.38 14.11 -6.25
C ALA A 48 2.44 12.61 -6.53
N ASN A 49 2.57 11.80 -5.48
CA ASN A 49 2.63 10.37 -5.62
C ASN A 49 3.45 9.76 -4.49
N ALA A 50 2.77 9.23 -3.47
CA ALA A 50 3.44 8.63 -2.33
C ALA A 50 2.45 7.80 -1.53
N VAL A 51 2.95 6.75 -0.87
CA VAL A 51 2.11 5.88 -0.07
C VAL A 51 2.94 4.72 0.48
N ILE A 52 3.70 4.07 -0.41
CA ILE A 52 4.53 2.95 -0.01
C ILE A 52 3.69 1.92 0.74
N GLY A 53 4.28 0.77 1.05
CA GLY A 53 3.59 -0.29 1.76
C GLY A 53 3.12 0.22 3.11
N ALA A 54 3.86 1.18 3.68
CA ALA A 54 3.52 1.74 4.97
C ALA A 54 2.07 2.21 4.96
N ASP A 55 1.75 3.16 4.09
CA ASP A 55 0.41 3.69 3.98
C ASP A 55 -0.54 2.60 3.50
N VAL A 56 -0.14 1.87 2.46
CA VAL A 56 -0.95 0.81 1.91
C VAL A 56 -1.42 -0.11 3.02
N VAL A 57 -0.56 -0.29 4.04
CA VAL A 57 -0.89 -1.15 5.16
C VAL A 57 -1.90 -0.46 6.06
N ASP A 58 -1.52 0.66 6.67
CA ASP A 58 -2.40 1.40 7.54
C ASP A 58 -3.80 1.42 6.96
N TRP A 59 -3.90 1.36 5.63
CA TRP A 59 -5.19 1.38 4.96
C TRP A 59 -5.78 -0.02 4.95
N LEU A 60 -5.04 -0.98 4.39
CA LEU A 60 -5.49 -2.35 4.31
C LEU A 60 -6.24 -2.73 5.59
N TYR A 61 -5.70 -2.30 6.74
CA TYR A 61 -6.32 -2.59 8.02
C TYR A 61 -7.43 -1.59 8.29
N THR A 62 -7.08 -0.29 8.29
CA THR A 62 -8.06 0.75 8.53
C THR A 62 -9.24 0.60 7.59
N HIS A 63 -9.08 -0.21 6.54
CA HIS A 63 -10.12 -0.44 5.57
C HIS A 63 -10.80 -1.78 5.84
N VAL A 64 -10.10 -2.87 5.53
CA VAL A 64 -10.62 -4.20 5.73
C VAL A 64 -9.81 -4.93 6.79
N GLU A 65 -10.12 -6.20 7.03
CA GLU A 65 -9.41 -6.99 8.02
C GLU A 65 -9.31 -8.44 7.55
N GLY A 66 -8.56 -9.26 8.28
CA GLY A 66 -8.39 -10.66 7.94
C GLY A 66 -6.99 -11.12 8.30
N PHE A 67 -6.09 -10.17 8.54
CA PHE A 67 -4.71 -10.49 8.90
C PHE A 67 -4.60 -10.69 10.40
N LYS A 68 -3.98 -11.78 10.82
CA LYS A 68 -3.80 -12.07 12.23
C LYS A 68 -3.51 -10.79 12.99
N GLU A 69 -2.40 -10.13 12.65
CA GLU A 69 -2.02 -8.89 13.30
C GLU A 69 -1.12 -8.08 12.39
N ARG A 70 -0.50 -7.03 12.93
CA ARG A 70 0.39 -6.17 12.16
C ARG A 70 1.31 -7.03 11.31
N ARG A 71 1.56 -8.27 11.75
CA ARG A 71 2.43 -9.18 11.02
C ARG A 71 1.77 -9.56 9.70
N GLU A 72 0.72 -10.39 9.77
CA GLU A 72 0.03 -10.82 8.58
C GLU A 72 -0.20 -9.64 7.65
N ALA A 73 -0.57 -8.49 8.22
CA ALA A 73 -0.81 -7.30 7.44
C ALA A 73 0.41 -6.95 6.62
N ARG A 74 1.56 -6.78 7.30
CA ARG A 74 2.80 -6.45 6.64
C ARG A 74 3.17 -7.55 5.64
N LYS A 75 2.71 -8.77 5.91
CA LYS A 75 3.00 -9.90 5.05
C LYS A 75 2.34 -9.69 3.70
N TYR A 76 1.08 -9.23 3.70
CA TYR A 76 0.35 -8.99 2.47
C TYR A 76 0.98 -7.83 1.71
N ALA A 77 1.19 -6.71 2.40
CA ALA A 77 1.78 -5.54 1.80
C ALA A 77 3.06 -5.92 1.07
N SER A 78 3.93 -6.67 1.74
CA SER A 78 5.19 -7.10 1.15
C SER A 78 4.91 -7.85 -0.15
N SER A 79 3.87 -8.70 -0.14
CA SER A 79 3.51 -9.47 -1.32
C SER A 79 3.07 -8.53 -2.43
N MET A 80 2.49 -7.40 -2.07
CA MET A 80 2.03 -6.42 -3.05
C MET A 80 3.23 -5.76 -3.72
N LEU A 81 4.24 -5.42 -2.93
CA LEU A 81 5.44 -4.78 -3.45
C LEU A 81 6.06 -5.66 -4.51
N LYS A 82 6.23 -6.95 -4.21
CA LYS A 82 6.82 -7.89 -5.15
C LYS A 82 5.98 -7.95 -6.41
N HIS A 83 4.70 -8.32 -6.26
CA HIS A 83 3.80 -8.42 -7.39
C HIS A 83 4.07 -7.29 -8.38
N GLY A 84 4.38 -6.10 -7.85
CA GLY A 84 4.66 -4.95 -8.69
C GLY A 84 3.60 -3.88 -8.48
N PHE A 85 2.76 -4.06 -7.46
CA PHE A 85 1.72 -3.10 -7.16
C PHE A 85 2.31 -1.90 -6.43
N LEU A 86 3.63 -1.89 -6.28
CA LEU A 86 4.31 -0.80 -5.61
C LEU A 86 5.70 -0.61 -6.20
N ARG A 87 6.12 0.66 -6.33
CA ARG A 87 7.42 0.97 -6.88
C ARG A 87 8.27 1.70 -5.85
N HIS A 88 9.52 1.26 -5.68
CA HIS A 88 10.41 1.87 -4.73
C HIS A 88 11.58 2.52 -5.45
N THR A 89 12.61 2.93 -4.70
CA THR A 89 13.78 3.56 -5.27
C THR A 89 15.00 2.67 -5.07
N VAL A 90 14.84 1.37 -5.36
CA VAL A 90 15.91 0.42 -5.21
C VAL A 90 16.23 -0.21 -6.57
N ASN A 91 17.07 -1.24 -6.56
CA ASN A 91 17.45 -1.92 -7.79
C ASN A 91 16.20 -2.30 -8.58
N LYS A 92 15.19 -2.82 -7.88
CA LYS A 92 13.94 -3.22 -8.51
C LYS A 92 12.77 -2.75 -7.67
N ILE A 93 12.54 -3.42 -6.53
CA ILE A 93 11.45 -3.07 -5.64
C ILE A 93 11.84 -3.37 -4.20
N THR A 94 11.97 -4.66 -3.88
CA THR A 94 12.34 -5.07 -2.53
C THR A 94 11.52 -4.31 -1.52
N PHE A 95 10.47 -4.96 -0.99
CA PHE A 95 9.60 -4.34 -0.01
C PHE A 95 10.44 -3.71 1.09
N SER A 96 9.80 -2.87 1.92
CA SER A 96 10.49 -2.21 3.01
C SER A 96 9.48 -1.61 3.98
N GLU A 97 8.56 -0.79 3.46
CA GLU A 97 7.55 -0.17 4.28
C GLU A 97 8.20 0.68 5.35
N GLN A 98 9.11 1.57 4.95
CA GLN A 98 9.80 2.44 5.88
C GLN A 98 9.70 3.89 5.41
N CYS A 99 10.02 4.12 4.14
CA CYS A 99 9.95 5.45 3.56
C CYS A 99 8.67 5.61 2.77
N TYR A 100 8.72 6.40 1.70
CA TYR A 100 7.55 6.64 0.87
C TYR A 100 7.84 6.17 -0.56
N TYR A 101 6.81 5.70 -1.25
CA TYR A 101 6.95 5.23 -2.61
C TYR A 101 5.61 5.30 -3.34
N VAL A 102 5.56 4.78 -4.57
CA VAL A 102 4.35 4.79 -5.35
C VAL A 102 4.49 3.83 -6.53
N PHE A 103 3.37 3.26 -6.97
CA PHE A 103 3.38 2.32 -8.08
C PHE A 103 3.93 3.02 -9.32
N GLY A 104 3.92 2.30 -10.45
CA GLY A 104 4.44 2.84 -11.70
C GLY A 104 3.72 2.21 -12.88
N ASP A 105 4.42 2.11 -14.01
CA ASP A 105 3.84 1.52 -15.21
C ASP A 105 4.89 1.49 -16.31
N GLU A 12 -16.83 -4.17 6.82
CA GLU A 12 -15.44 -4.26 6.43
C GLU A 12 -15.31 -4.14 4.92
N ALA A 13 -14.22 -3.54 4.45
CA ALA A 13 -13.98 -3.36 3.04
C ALA A 13 -14.31 -4.65 2.30
N PRO A 14 -14.34 -4.58 0.96
CA PRO A 14 -14.64 -5.70 0.10
C PRO A 14 -13.46 -6.66 0.09
N LEU A 15 -12.43 -6.36 0.88
CA LEU A 15 -11.25 -7.19 0.95
C LEU A 15 -11.06 -7.69 2.38
N THR A 16 -10.25 -8.74 2.55
CA THR A 16 -9.99 -9.30 3.86
C THR A 16 -8.49 -9.35 4.11
N VAL A 17 -7.74 -9.86 3.13
CA VAL A 17 -6.31 -9.97 3.25
C VAL A 17 -5.75 -10.83 2.11
N LYS A 18 -6.53 -11.83 1.68
CA LYS A 18 -6.13 -12.70 0.61
C LYS A 18 -6.73 -12.23 -0.71
N SER A 19 -7.26 -11.01 -0.71
CA SER A 19 -7.85 -10.43 -1.90
C SER A 19 -6.79 -10.23 -2.97
N ASP A 20 -7.16 -10.41 -4.24
CA ASP A 20 -6.24 -10.25 -5.34
C ASP A 20 -5.33 -9.05 -5.08
N MET A 21 -4.02 -9.30 -4.99
CA MET A 21 -3.06 -8.24 -4.74
C MET A 21 -3.36 -7.04 -5.63
N SER A 22 -3.69 -7.31 -6.90
CA SER A 22 -4.00 -6.25 -7.84
C SER A 22 -5.29 -5.56 -7.43
N ALA A 23 -6.20 -6.31 -6.80
CA ALA A 23 -7.47 -5.76 -6.36
C ALA A 23 -7.25 -4.84 -5.17
N ILE A 24 -6.29 -5.19 -4.30
CA ILE A 24 -5.98 -4.40 -3.13
C ILE A 24 -5.39 -3.06 -3.55
N VAL A 25 -4.27 -3.10 -4.27
CA VAL A 25 -3.62 -1.89 -4.74
C VAL A 25 -4.59 -1.06 -5.55
N ARG A 26 -5.41 -1.73 -6.38
CA ARG A 26 -6.39 -1.05 -7.21
C ARG A 26 -7.29 -0.18 -6.34
N VAL A 27 -7.84 -0.77 -5.27
CA VAL A 27 -8.71 -0.05 -4.37
C VAL A 27 -7.99 1.15 -3.79
N MET A 28 -6.94 0.89 -3.00
CA MET A 28 -6.17 1.96 -2.39
C MET A 28 -5.98 3.10 -3.39
N GLN A 29 -5.78 2.75 -4.66
CA GLN A 29 -5.58 3.74 -5.70
C GLN A 29 -6.87 4.53 -5.91
N LEU A 30 -7.99 3.82 -6.00
CA LEU A 30 -9.28 4.46 -6.20
C LEU A 30 -9.36 5.73 -5.36
N PRO A 31 -9.92 6.80 -5.94
CA PRO A 31 -10.08 8.09 -5.31
C PRO A 31 -11.19 8.00 -4.25
N ASP A 32 -11.76 6.80 -4.10
CA ASP A 32 -12.83 6.59 -3.13
C ASP A 32 -12.55 5.33 -2.34
N SER A 33 -11.28 5.07 -2.02
CA SER A 33 -10.90 3.89 -1.27
C SER A 33 -10.60 4.27 0.17
N GLY A 34 -9.69 5.24 0.36
CA GLY A 34 -9.32 5.68 1.69
C GLY A 34 -7.86 6.11 1.72
N LEU A 35 -7.03 5.42 0.95
CA LEU A 35 -5.61 5.73 0.88
C LEU A 35 -5.38 6.91 -0.05
N GLU A 36 -5.92 6.82 -1.27
CA GLU A 36 -5.78 7.87 -2.26
C GLU A 36 -4.32 8.00 -2.67
N ILE A 37 -3.91 7.21 -3.68
CA ILE A 37 -2.55 7.24 -4.17
C ILE A 37 -2.39 8.34 -5.21
N ARG A 38 -1.77 9.45 -4.82
CA ARG A 38 -1.56 10.56 -5.72
C ARG A 38 -0.96 11.73 -4.96
N ASP A 39 -1.37 11.91 -3.70
CA ASP A 39 -0.87 12.99 -2.88
C ASP A 39 -0.80 12.54 -1.42
N ARG A 40 0.34 12.78 -0.77
CA ARG A 40 0.53 12.40 0.61
C ARG A 40 1.43 13.41 1.30
N MET A 41 1.70 13.19 2.60
CA MET A 41 2.55 14.08 3.36
C MET A 41 3.57 13.27 4.15
N TRP A 42 4.82 13.73 4.16
CA TRP A 42 5.88 13.05 4.88
C TRP A 42 7.02 14.01 5.15
N LEU A 43 7.60 13.94 6.36
CA LEU A 43 8.70 14.80 6.74
C LEU A 43 8.22 16.24 6.85
N LYS A 44 6.89 16.42 6.99
CA LYS A 44 6.31 17.74 7.10
C LYS A 44 6.27 18.40 5.73
N ILE A 45 6.37 17.59 4.68
CA ILE A 45 6.34 18.11 3.32
C ILE A 45 5.17 17.52 2.57
N THR A 46 4.95 17.97 1.33
CA THR A 46 3.85 17.47 0.51
C THR A 46 4.39 16.96 -0.81
N ILE A 47 3.88 15.80 -1.25
CA ILE A 47 4.30 15.21 -2.50
C ILE A 47 3.08 14.92 -3.37
N ALA A 48 3.30 14.75 -4.68
CA ALA A 48 2.23 14.47 -5.61
C ALA A 48 2.31 13.03 -6.06
N ASN A 49 2.47 12.10 -5.11
CA ASN A 49 2.55 10.70 -5.42
C ASN A 49 3.38 9.98 -4.36
N ALA A 50 2.72 9.40 -3.37
CA ALA A 50 3.41 8.70 -2.31
C ALA A 50 2.43 7.79 -1.57
N VAL A 51 2.94 6.76 -0.91
CA VAL A 51 2.11 5.83 -0.17
C VAL A 51 2.96 4.70 0.38
N ILE A 52 3.67 4.00 -0.52
CA ILE A 52 4.53 2.90 -0.12
C ILE A 52 3.73 1.89 0.69
N GLY A 53 4.34 0.75 1.00
CA GLY A 53 3.68 -0.28 1.77
C GLY A 53 3.20 0.29 3.11
N ALA A 54 3.93 1.26 3.64
CA ALA A 54 3.57 1.88 4.90
C ALA A 54 2.11 2.30 4.87
N ASP A 55 1.77 3.25 4.00
CA ASP A 55 0.41 3.73 3.89
C ASP A 55 -0.49 2.60 3.42
N VAL A 56 -0.08 1.89 2.38
CA VAL A 56 -0.85 0.79 1.84
C VAL A 56 -1.32 -0.12 2.97
N VAL A 57 -0.50 -0.21 4.02
CA VAL A 57 -0.82 -1.05 5.17
C VAL A 57 -1.85 -0.34 6.05
N ASP A 58 -1.44 0.78 6.64
CA ASP A 58 -2.31 1.55 7.51
C ASP A 58 -3.71 1.62 6.90
N TRP A 59 -3.78 1.55 5.57
CA TRP A 59 -5.05 1.60 4.87
C TRP A 59 -5.68 0.22 4.84
N LEU A 60 -4.92 -0.78 4.39
CA LEU A 60 -5.40 -2.14 4.31
C LEU A 60 -6.18 -2.49 5.57
N TYR A 61 -5.68 -2.04 6.73
CA TYR A 61 -6.33 -2.31 8.00
C TYR A 61 -7.43 -1.29 8.24
N THR A 62 -7.06 0.00 8.27
CA THR A 62 -8.02 1.06 8.50
C THR A 62 -9.20 0.90 7.55
N HIS A 63 -9.00 0.15 6.46
CA HIS A 63 -10.04 -0.07 5.49
C HIS A 63 -10.74 -1.40 5.77
N VAL A 64 -10.02 -2.51 5.55
CA VAL A 64 -10.57 -3.83 5.77
C VAL A 64 -9.75 -4.56 6.83
N GLU A 65 -10.03 -5.83 7.03
CA GLU A 65 -9.31 -6.64 8.01
C GLU A 65 -9.33 -8.10 7.60
N GLY A 66 -8.62 -8.94 8.36
CA GLY A 66 -8.56 -10.36 8.06
C GLY A 66 -7.20 -10.92 8.44
N PHE A 67 -6.21 -10.04 8.59
CA PHE A 67 -4.87 -10.45 8.95
C PHE A 67 -4.77 -10.64 10.45
N LYS A 68 -3.97 -11.61 10.89
CA LYS A 68 -3.79 -11.88 12.30
C LYS A 68 -3.58 -10.59 13.05
N GLU A 69 -2.53 -9.84 12.68
CA GLU A 69 -2.23 -8.58 13.33
C GLU A 69 -1.29 -7.76 12.45
N ARG A 70 -0.75 -6.68 13.01
CA ARG A 70 0.16 -5.81 12.27
C ARG A 70 1.15 -6.65 11.49
N ARG A 71 1.48 -7.84 12.02
CA ARG A 71 2.41 -8.73 11.37
C ARG A 71 1.86 -9.17 10.02
N GLU A 72 0.86 -10.05 10.03
CA GLU A 72 0.26 -10.53 8.81
C GLU A 72 0.02 -9.37 7.85
N ALA A 73 -0.41 -8.23 8.38
CA ALA A 73 -0.66 -7.06 7.57
C ALA A 73 0.58 -6.70 6.78
N ARG A 74 1.72 -6.56 7.46
CA ARG A 74 2.97 -6.22 6.83
C ARG A 74 3.36 -7.32 5.84
N LYS A 75 2.93 -8.54 6.11
CA LYS A 75 3.22 -9.67 5.24
C LYS A 75 2.50 -9.50 3.91
N TYR A 76 1.25 -9.06 3.96
CA TYR A 76 0.46 -8.86 2.76
C TYR A 76 1.05 -7.74 1.93
N ALA A 77 1.28 -6.58 2.55
CA ALA A 77 1.84 -5.44 1.86
C ALA A 77 3.13 -5.84 1.16
N SER A 78 4.04 -6.47 1.90
CA SER A 78 5.31 -6.91 1.34
C SER A 78 5.06 -7.71 0.08
N SER A 79 4.04 -8.58 0.10
CA SER A 79 3.72 -9.40 -1.05
C SER A 79 3.29 -8.52 -2.21
N MET A 80 2.59 -7.41 -1.90
CA MET A 80 2.13 -6.50 -2.91
C MET A 80 3.31 -5.74 -3.50
N LEU A 81 4.31 -5.45 -2.67
CA LEU A 81 5.49 -4.73 -3.11
C LEU A 81 6.22 -5.54 -4.17
N LYS A 82 6.43 -6.83 -3.89
CA LYS A 82 7.11 -7.71 -4.82
C LYS A 82 6.24 -7.96 -6.04
N HIS A 83 4.94 -8.17 -5.82
CA HIS A 83 4.01 -8.42 -6.89
C HIS A 83 4.31 -7.49 -8.06
N GLY A 84 4.86 -6.32 -7.78
CA GLY A 84 5.20 -5.36 -8.81
C GLY A 84 4.16 -4.24 -8.84
N PHE A 85 3.27 -4.21 -7.84
CA PHE A 85 2.24 -3.21 -7.77
C PHE A 85 2.76 -1.99 -7.00
N LEU A 86 4.06 -1.97 -6.72
CA LEU A 86 4.68 -0.88 -6.01
C LEU A 86 6.16 -0.78 -6.35
N ARG A 87 6.61 0.41 -6.77
CA ARG A 87 7.99 0.61 -7.13
C ARG A 87 8.51 1.89 -6.48
N HIS A 88 9.80 1.91 -6.14
CA HIS A 88 10.40 3.07 -5.51
C HIS A 88 11.42 3.70 -6.45
N THR A 89 12.70 3.63 -6.09
CA THR A 89 13.75 4.20 -6.90
C THR A 89 14.85 3.16 -7.14
N VAL A 90 14.64 1.95 -6.62
CA VAL A 90 15.60 0.88 -6.77
C VAL A 90 15.33 0.12 -8.06
N ASN A 91 16.41 -0.23 -8.79
CA ASN A 91 16.28 -0.95 -10.04
C ASN A 91 15.18 -1.99 -9.93
N LYS A 92 15.35 -2.96 -9.03
CA LYS A 92 14.37 -4.00 -8.82
C LYS A 92 13.14 -3.44 -8.14
N ILE A 93 13.13 -3.46 -6.81
CA ILE A 93 12.02 -2.94 -6.03
C ILE A 93 12.37 -2.94 -4.55
N THR A 94 12.53 -4.13 -3.97
CA THR A 94 12.88 -4.25 -2.57
C THR A 94 11.87 -3.49 -1.72
N PHE A 95 11.13 -4.20 -0.87
CA PHE A 95 10.15 -3.59 -0.01
C PHE A 95 10.79 -3.16 1.30
N SER A 96 10.20 -2.16 1.96
CA SER A 96 10.71 -1.67 3.22
C SER A 96 9.56 -1.32 4.16
N GLU A 97 8.75 -0.35 3.77
CA GLU A 97 7.61 0.07 4.56
C GLU A 97 8.06 1.09 5.60
N GLN A 98 8.64 2.20 5.15
CA GLN A 98 9.11 3.24 6.03
C GLN A 98 9.24 4.56 5.26
N CYS A 99 9.81 4.49 4.06
CA CYS A 99 10.00 5.66 3.23
C CYS A 99 8.72 5.95 2.47
N TYR A 100 8.87 6.45 1.24
CA TYR A 100 7.71 6.77 0.41
C TYR A 100 7.92 6.20 -0.99
N TYR A 101 6.97 5.38 -1.44
CA TYR A 101 7.05 4.77 -2.76
C TYR A 101 5.89 5.25 -3.61
N VAL A 102 5.75 4.66 -4.80
CA VAL A 102 4.67 5.03 -5.70
C VAL A 102 4.22 3.80 -6.49
N PHE A 103 2.91 3.55 -6.50
CA PHE A 103 2.37 2.41 -7.21
C PHE A 103 3.09 2.22 -8.53
N GLY A 104 2.98 1.03 -9.11
CA GLY A 104 3.63 0.73 -10.38
C GLY A 104 2.61 0.25 -11.40
N ASP A 105 3.09 -0.19 -12.56
CA ASP A 105 2.23 -0.67 -13.62
C ASP A 105 3.02 -1.55 -14.58
N GLU A 12 -13.55 -1.35 4.06
CA GLU A 12 -13.14 -2.73 3.87
C GLU A 12 -14.37 -3.63 3.83
N ALA A 13 -14.29 -4.73 3.08
CA ALA A 13 -15.38 -5.66 2.95
C ALA A 13 -15.15 -6.59 1.78
N PRO A 14 -14.90 -6.01 0.60
CA PRO A 14 -14.64 -6.72 -0.63
C PRO A 14 -13.26 -7.37 -0.57
N LEU A 15 -12.55 -7.16 0.55
CA LEU A 15 -11.22 -7.71 0.72
C LEU A 15 -11.12 -8.39 2.07
N THR A 16 -10.08 -9.20 2.27
CA THR A 16 -9.87 -9.90 3.52
C THR A 16 -8.38 -9.98 3.83
N VAL A 17 -7.59 -10.36 2.82
CA VAL A 17 -6.15 -10.47 2.99
C VAL A 17 -5.57 -11.30 1.86
N LYS A 18 -6.32 -12.29 1.38
CA LYS A 18 -5.87 -13.14 0.30
C LYS A 18 -6.43 -12.63 -1.03
N SER A 19 -6.93 -11.40 -1.03
CA SER A 19 -7.48 -10.79 -2.23
C SER A 19 -6.37 -10.49 -3.21
N ASP A 20 -6.65 -10.64 -4.51
CA ASP A 20 -5.67 -10.37 -5.54
C ASP A 20 -4.84 -9.15 -5.18
N MET A 21 -3.54 -9.34 -5.00
CA MET A 21 -2.66 -8.24 -4.65
C MET A 21 -2.95 -7.03 -5.53
N SER A 22 -3.19 -7.28 -6.82
CA SER A 22 -3.49 -6.22 -7.76
C SER A 22 -4.82 -5.58 -7.42
N ALA A 23 -5.75 -6.38 -6.87
CA ALA A 23 -7.05 -5.90 -6.50
C ALA A 23 -6.95 -4.99 -5.29
N ILE A 24 -6.03 -5.32 -4.37
CA ILE A 24 -5.84 -4.54 -3.17
C ILE A 24 -5.26 -3.17 -3.53
N VAL A 25 -4.12 -3.17 -4.21
CA VAL A 25 -3.47 -1.93 -4.62
C VAL A 25 -4.46 -1.08 -5.41
N ARG A 26 -5.25 -1.72 -6.26
CA ARG A 26 -6.23 -1.01 -7.08
C ARG A 26 -7.19 -0.24 -6.18
N VAL A 27 -7.76 -0.94 -5.20
CA VAL A 27 -8.70 -0.31 -4.28
C VAL A 27 -8.06 0.93 -3.65
N MET A 28 -6.94 0.74 -2.96
CA MET A 28 -6.25 1.84 -2.32
C MET A 28 -6.11 3.00 -3.30
N GLN A 29 -5.84 2.69 -4.57
CA GLN A 29 -5.68 3.69 -5.60
C GLN A 29 -6.97 4.50 -5.72
N LEU A 30 -8.11 3.80 -5.78
CA LEU A 30 -9.39 4.45 -5.90
C LEU A 30 -9.49 5.60 -4.91
N PRO A 31 -9.97 6.76 -5.37
CA PRO A 31 -10.14 7.96 -4.57
C PRO A 31 -11.31 7.76 -3.61
N ASP A 32 -11.93 6.59 -3.66
CA ASP A 32 -13.06 6.29 -2.79
C ASP A 32 -12.74 5.09 -1.92
N SER A 33 -11.45 4.85 -1.67
CA SER A 33 -11.02 3.74 -0.86
C SER A 33 -10.68 4.22 0.55
N GLY A 34 -9.73 5.17 0.65
CA GLY A 34 -9.33 5.71 1.93
C GLY A 34 -7.85 6.08 1.90
N LEU A 35 -7.01 5.11 1.51
CA LEU A 35 -5.57 5.33 1.45
C LEU A 35 -5.27 6.47 0.49
N GLU A 36 -5.74 6.34 -0.76
CA GLU A 36 -5.52 7.36 -1.76
C GLU A 36 -4.04 7.43 -2.11
N ILE A 37 -3.70 7.17 -3.38
CA ILE A 37 -2.33 7.21 -3.83
C ILE A 37 -2.19 8.22 -4.96
N ARG A 38 -1.63 9.39 -4.65
CA ARG A 38 -1.43 10.44 -5.63
C ARG A 38 -0.72 11.62 -5.00
N ASP A 39 -1.07 11.93 -3.75
CA ASP A 39 -0.46 13.04 -3.04
C ASP A 39 -0.29 12.67 -1.57
N ARG A 40 0.89 12.98 -1.02
CA ARG A 40 1.17 12.68 0.37
C ARG A 40 2.14 13.72 0.92
N MET A 41 2.52 13.57 2.20
CA MET A 41 3.44 14.48 2.84
C MET A 41 4.62 13.73 3.42
N TRP A 42 5.81 14.32 3.35
CA TRP A 42 7.02 13.71 3.87
C TRP A 42 8.13 14.73 3.97
N LEU A 43 8.78 14.78 5.14
CA LEU A 43 9.86 15.72 5.37
C LEU A 43 9.31 17.13 5.45
N LYS A 44 8.04 17.26 5.83
CA LYS A 44 7.40 18.55 5.95
C LYS A 44 7.17 19.15 4.56
N ILE A 45 7.19 18.28 3.54
CA ILE A 45 6.99 18.72 2.16
C ILE A 45 5.77 18.01 1.58
N THR A 46 5.41 18.37 0.35
CA THR A 46 4.26 17.77 -0.32
C THR A 46 4.70 17.16 -1.64
N ILE A 47 4.27 15.91 -1.89
CA ILE A 47 4.61 15.21 -3.11
C ILE A 47 3.35 14.87 -3.89
N ALA A 48 3.50 14.57 -5.18
CA ALA A 48 2.37 14.22 -6.02
C ALA A 48 2.40 12.74 -6.35
N ASN A 49 2.57 11.91 -5.32
CA ASN A 49 2.62 10.47 -5.52
C ASN A 49 3.47 9.83 -4.42
N ALA A 50 2.81 9.23 -3.43
CA ALA A 50 3.51 8.59 -2.33
C ALA A 50 2.53 7.78 -1.50
N VAL A 51 3.02 6.68 -0.90
CA VAL A 51 2.17 5.82 -0.09
C VAL A 51 3.01 4.69 0.49
N ILE A 52 3.68 3.93 -0.39
CA ILE A 52 4.51 2.82 0.02
C ILE A 52 3.69 1.84 0.83
N GLY A 53 4.29 0.70 1.20
CA GLY A 53 3.60 -0.32 1.98
C GLY A 53 3.08 0.28 3.29
N ALA A 54 3.85 1.20 3.87
CA ALA A 54 3.47 1.84 5.11
C ALA A 54 2.01 2.28 5.04
N ASP A 55 1.72 3.21 4.13
CA ASP A 55 0.38 3.72 3.96
C ASP A 55 -0.55 2.59 3.55
N VAL A 56 -0.13 1.81 2.55
CA VAL A 56 -0.93 0.69 2.06
C VAL A 56 -1.35 -0.19 3.23
N VAL A 57 -0.56 -0.20 4.30
CA VAL A 57 -0.85 -0.99 5.46
C VAL A 57 -1.90 -0.27 6.32
N ASP A 58 -1.54 0.90 6.84
CA ASP A 58 -2.43 1.68 7.67
C ASP A 58 -3.85 1.61 7.11
N TRP A 59 -3.96 1.44 5.79
CA TRP A 59 -5.25 1.36 5.14
C TRP A 59 -5.82 -0.04 5.32
N LEU A 60 -5.17 -1.04 4.71
CA LEU A 60 -5.61 -2.41 4.79
C LEU A 60 -6.21 -2.68 6.16
N TYR A 61 -5.54 -2.20 7.22
CA TYR A 61 -6.01 -2.39 8.57
C TYR A 61 -7.23 -1.51 8.83
N THR A 62 -7.14 -0.23 8.45
CA THR A 62 -8.24 0.69 8.64
C THR A 62 -9.23 0.56 7.49
N HIS A 63 -9.12 -0.54 6.73
CA HIS A 63 -10.01 -0.78 5.61
C HIS A 63 -10.87 -2.02 5.88
N VAL A 64 -10.25 -3.20 5.78
CA VAL A 64 -10.96 -4.44 6.02
C VAL A 64 -10.26 -5.23 7.12
N GLU A 65 -10.68 -6.49 7.31
CA GLU A 65 -10.09 -7.33 8.34
C GLU A 65 -9.83 -8.72 7.78
N GLY A 66 -9.08 -9.54 8.52
CA GLY A 66 -8.78 -10.89 8.09
C GLY A 66 -7.32 -11.22 8.38
N PHE A 67 -6.54 -10.20 8.75
CA PHE A 67 -5.14 -10.39 9.05
C PHE A 67 -4.95 -10.61 10.54
N LYS A 68 -4.24 -11.67 10.91
CA LYS A 68 -4.00 -11.99 12.30
C LYS A 68 -3.75 -10.71 13.09
N GLU A 69 -2.72 -9.96 12.70
CA GLU A 69 -2.39 -8.72 13.37
C GLU A 69 -1.46 -7.88 12.50
N ARG A 70 -0.75 -6.94 13.12
CA ARG A 70 0.17 -6.08 12.40
C ARG A 70 1.11 -6.92 11.55
N ARG A 71 1.29 -8.19 11.94
CA ARG A 71 2.16 -9.09 11.22
C ARG A 71 1.57 -9.40 9.85
N GLU A 72 0.47 -10.17 9.83
CA GLU A 72 -0.19 -10.52 8.59
C GLU A 72 -0.37 -9.29 7.72
N ALA A 73 -0.72 -8.16 8.35
CA ALA A 73 -0.93 -6.92 7.64
C ALA A 73 0.33 -6.55 6.86
N ARG A 74 1.47 -6.46 7.56
CA ARG A 74 2.72 -6.13 6.93
C ARG A 74 3.09 -7.18 5.90
N LYS A 75 2.63 -8.42 6.11
CA LYS A 75 2.90 -9.50 5.20
C LYS A 75 2.21 -9.25 3.87
N TYR A 76 0.97 -8.77 3.92
CA TYR A 76 0.20 -8.49 2.72
C TYR A 76 0.83 -7.33 1.96
N ALA A 77 1.11 -6.23 2.68
CA ALA A 77 1.71 -5.06 2.08
C ALA A 77 2.96 -5.45 1.31
N SER A 78 3.92 -6.08 2.00
CA SER A 78 5.15 -6.51 1.38
C SER A 78 4.85 -7.32 0.14
N SER A 79 3.96 -8.32 0.27
CA SER A 79 3.58 -9.16 -0.85
C SER A 79 3.05 -8.30 -1.99
N MET A 80 2.35 -7.21 -1.65
CA MET A 80 1.79 -6.32 -2.64
C MET A 80 2.91 -5.71 -3.47
N LEU A 81 3.94 -5.18 -2.80
CA LEU A 81 5.06 -4.56 -3.46
C LEU A 81 5.81 -5.60 -4.28
N LYS A 82 6.03 -6.78 -3.70
CA LYS A 82 6.74 -7.85 -4.38
C LYS A 82 6.01 -8.20 -5.67
N HIS A 83 4.68 -8.14 -5.65
CA HIS A 83 3.88 -8.46 -6.82
C HIS A 83 4.19 -7.47 -7.94
N GLY A 84 4.76 -6.32 -7.58
CA GLY A 84 5.10 -5.30 -8.56
C GLY A 84 4.03 -4.22 -8.59
N PHE A 85 3.16 -4.21 -7.58
CA PHE A 85 2.10 -3.22 -7.49
C PHE A 85 2.64 -1.94 -6.89
N LEU A 86 3.95 -1.89 -6.64
CA LEU A 86 4.58 -0.72 -6.07
C LEU A 86 5.98 -0.56 -6.63
N ARG A 87 6.43 0.69 -6.77
CA ARG A 87 7.75 0.97 -7.29
C ARG A 87 8.20 2.34 -6.86
N HIS A 88 9.51 2.54 -6.70
CA HIS A 88 10.06 3.81 -6.28
C HIS A 88 11.58 3.72 -6.20
N THR A 89 12.17 4.47 -5.27
CA THR A 89 13.62 4.47 -5.10
C THR A 89 14.16 3.07 -5.32
N VAL A 90 13.36 2.05 -4.97
CA VAL A 90 13.77 0.67 -5.12
C VAL A 90 14.12 0.40 -6.57
N ASN A 91 15.28 -0.22 -6.80
CA ASN A 91 15.72 -0.54 -8.14
C ASN A 91 14.57 -1.14 -8.94
N LYS A 92 13.93 -2.17 -8.37
CA LYS A 92 12.82 -2.83 -9.03
C LYS A 92 11.62 -2.86 -8.10
N ILE A 93 11.79 -3.46 -6.92
CA ILE A 93 10.72 -3.56 -5.95
C ILE A 93 11.30 -3.48 -4.54
N THR A 94 11.91 -4.58 -4.08
CA THR A 94 12.50 -4.62 -2.75
C THR A 94 11.65 -3.81 -1.79
N PHE A 95 10.70 -4.47 -1.12
CA PHE A 95 9.83 -3.81 -0.16
C PHE A 95 10.66 -3.20 0.95
N SER A 96 10.01 -2.50 1.88
CA SER A 96 10.69 -1.87 2.99
C SER A 96 9.67 -1.35 4.00
N GLU A 97 8.89 -0.33 3.60
CA GLU A 97 7.89 0.24 4.46
C GLU A 97 8.51 1.31 5.35
N GLN A 98 9.63 1.87 4.91
CA GLN A 98 10.33 2.91 5.65
C GLN A 98 10.17 4.25 4.95
N CYS A 99 10.78 4.39 3.79
CA CYS A 99 10.71 5.61 3.02
C CYS A 99 9.30 5.79 2.46
N TYR A 100 9.20 6.09 1.16
CA TYR A 100 7.92 6.27 0.53
C TYR A 100 8.00 5.84 -0.94
N TYR A 101 7.03 5.04 -1.39
CA TYR A 101 7.00 4.58 -2.76
C TYR A 101 5.74 5.08 -3.45
N VAL A 102 5.52 4.63 -4.69
CA VAL A 102 4.36 5.03 -5.45
C VAL A 102 3.89 3.87 -6.33
N PHE A 103 2.58 3.60 -6.31
CA PHE A 103 2.02 2.53 -7.09
C PHE A 103 2.72 2.43 -8.43
N GLY A 104 2.68 1.26 -9.06
CA GLY A 104 3.32 1.06 -10.35
C GLY A 104 2.75 2.02 -11.38
N ASP A 105 3.06 1.77 -12.66
CA ASP A 105 2.58 2.62 -13.73
C ASP A 105 3.11 4.03 -13.56
N GLU A 12 -13.45 -0.85 3.96
CA GLU A 12 -13.09 -2.26 3.92
C GLU A 12 -14.37 -3.10 3.91
N ALA A 13 -14.31 -4.24 3.21
CA ALA A 13 -15.46 -5.13 3.12
C ALA A 13 -15.26 -6.08 1.94
N PRO A 14 -14.97 -5.52 0.75
CA PRO A 14 -14.77 -6.26 -0.46
C PRO A 14 -13.42 -6.99 -0.40
N LEU A 15 -12.68 -6.77 0.68
CA LEU A 15 -11.38 -7.40 0.86
C LEU A 15 -11.31 -8.03 2.24
N THR A 16 -10.21 -8.73 2.51
CA THR A 16 -10.01 -9.38 3.80
C THR A 16 -8.53 -9.47 4.12
N VAL A 17 -7.73 -9.93 3.15
CA VAL A 17 -6.31 -10.06 3.33
C VAL A 17 -5.72 -10.85 2.17
N LYS A 18 -6.48 -11.80 1.64
CA LYS A 18 -6.03 -12.62 0.54
C LYS A 18 -6.56 -12.06 -0.78
N SER A 19 -7.41 -11.04 -0.69
CA SER A 19 -7.99 -10.42 -1.87
C SER A 19 -6.91 -10.25 -2.93
N ASP A 20 -7.27 -10.51 -4.19
CA ASP A 20 -6.33 -10.37 -5.30
C ASP A 20 -5.47 -9.14 -5.09
N MET A 21 -4.16 -9.36 -4.90
CA MET A 21 -3.23 -8.26 -4.68
C MET A 21 -3.54 -7.13 -5.66
N SER A 22 -4.00 -7.48 -6.86
CA SER A 22 -4.33 -6.48 -7.86
C SER A 22 -5.56 -5.70 -7.43
N ALA A 23 -6.54 -6.39 -6.85
CA ALA A 23 -7.76 -5.77 -6.39
C ALA A 23 -7.47 -4.88 -5.18
N ILE A 24 -6.48 -5.29 -4.39
CA ILE A 24 -6.10 -4.54 -3.20
C ILE A 24 -5.47 -3.22 -3.61
N VAL A 25 -4.42 -3.26 -4.43
CA VAL A 25 -3.75 -2.08 -4.89
C VAL A 25 -4.74 -1.17 -5.62
N ARG A 26 -5.56 -1.76 -6.49
CA ARG A 26 -6.54 -1.02 -7.24
C ARG A 26 -7.42 -0.20 -6.29
N VAL A 27 -7.90 -0.85 -5.23
CA VAL A 27 -8.73 -0.18 -4.25
C VAL A 27 -8.01 1.03 -3.68
N MET A 28 -6.88 0.81 -3.02
CA MET A 28 -6.10 1.88 -2.44
C MET A 28 -6.05 3.06 -3.41
N GLN A 29 -5.87 2.76 -4.70
CA GLN A 29 -5.79 3.79 -5.71
C GLN A 29 -7.11 4.55 -5.78
N LEU A 30 -8.22 3.81 -5.79
CA LEU A 30 -9.54 4.41 -5.86
C LEU A 30 -9.58 5.65 -4.98
N PRO A 31 -10.18 6.73 -5.49
CA PRO A 31 -10.32 7.99 -4.80
C PRO A 31 -11.36 7.86 -3.70
N ASP A 32 -11.93 6.66 -3.55
CA ASP A 32 -12.93 6.41 -2.54
C ASP A 32 -12.57 5.16 -1.76
N SER A 33 -11.27 4.94 -1.53
CA SER A 33 -10.82 3.77 -0.80
C SER A 33 -10.49 4.16 0.64
N GLY A 34 -9.62 5.16 0.81
CA GLY A 34 -9.23 5.62 2.13
C GLY A 34 -7.78 6.07 2.13
N LEU A 35 -6.92 5.31 1.44
CA LEU A 35 -5.52 5.63 1.36
C LEU A 35 -5.29 6.72 0.32
N GLU A 36 -5.80 6.51 -0.89
CA GLU A 36 -5.66 7.47 -1.96
C GLU A 36 -4.18 7.62 -2.32
N ILE A 37 -3.84 7.26 -3.56
CA ILE A 37 -2.46 7.36 -4.03
C ILE A 37 -2.36 8.44 -5.08
N ARG A 38 -1.83 9.61 -4.70
CA ARG A 38 -1.68 10.72 -5.60
C ARG A 38 -1.08 11.92 -4.87
N ASP A 39 -1.46 12.08 -3.60
CA ASP A 39 -0.96 13.17 -2.79
C ASP A 39 -0.86 12.74 -1.34
N ARG A 40 0.26 13.08 -0.68
CA ARG A 40 0.48 12.72 0.70
C ARG A 40 1.39 13.74 1.36
N MET A 41 1.68 13.55 2.64
CA MET A 41 2.55 14.45 3.39
C MET A 41 3.70 13.68 4.00
N TRP A 42 4.87 14.31 4.07
CA TRP A 42 6.05 13.69 4.64
C TRP A 42 7.12 14.74 4.91
N LEU A 43 7.77 14.63 6.08
CA LEU A 43 8.81 15.57 6.45
C LEU A 43 8.21 16.94 6.70
N LYS A 44 6.88 17.00 6.78
CA LYS A 44 6.18 18.25 7.02
C LYS A 44 5.96 18.98 5.70
N ILE A 45 6.09 18.24 4.58
CA ILE A 45 5.90 18.82 3.26
C ILE A 45 4.75 18.12 2.56
N THR A 46 4.41 18.59 1.35
CA THR A 46 3.33 18.01 0.59
C THR A 46 3.86 17.48 -0.74
N ILE A 47 3.44 16.26 -1.10
CA ILE A 47 3.87 15.65 -2.34
C ILE A 47 2.66 15.36 -3.23
N ALA A 48 2.91 15.09 -4.51
CA ALA A 48 1.84 14.81 -5.45
C ALA A 48 1.97 13.38 -5.95
N ASN A 49 2.17 12.44 -5.04
CA ASN A 49 2.31 11.04 -5.39
C ASN A 49 3.18 10.32 -4.38
N ALA A 50 2.55 9.68 -3.38
CA ALA A 50 3.26 8.97 -2.35
C ALA A 50 2.30 8.05 -1.60
N VAL A 51 2.85 7.07 -0.89
CA VAL A 51 2.05 6.13 -0.14
C VAL A 51 2.94 5.05 0.47
N ILE A 52 3.72 4.38 -0.40
CA ILE A 52 4.61 3.32 0.05
C ILE A 52 3.83 2.27 0.81
N GLY A 53 4.48 1.14 1.11
CA GLY A 53 3.83 0.06 1.83
C GLY A 53 3.32 0.56 3.18
N ALA A 54 4.00 1.56 3.75
CA ALA A 54 3.61 2.12 5.03
C ALA A 54 2.13 2.48 5.01
N ASP A 55 1.75 3.37 4.09
CA ASP A 55 0.37 3.79 3.98
C ASP A 55 -0.49 2.63 3.51
N VAL A 56 -0.04 1.93 2.45
CA VAL A 56 -0.77 0.80 1.92
C VAL A 56 -1.18 -0.13 3.05
N VAL A 57 -0.34 -0.22 4.08
CA VAL A 57 -0.62 -1.08 5.22
C VAL A 57 -1.63 -0.40 6.14
N ASP A 58 -1.23 0.71 6.76
CA ASP A 58 -2.10 1.45 7.65
C ASP A 58 -3.51 1.48 7.08
N TRP A 59 -3.62 1.45 5.76
CA TRP A 59 -4.92 1.48 5.10
C TRP A 59 -5.57 0.10 5.19
N LEU A 60 -4.98 -0.88 4.50
CA LEU A 60 -5.50 -2.23 4.51
C LEU A 60 -6.12 -2.55 5.86
N TYR A 61 -5.50 -2.03 6.93
CA TYR A 61 -5.99 -2.27 8.28
C TYR A 61 -7.13 -1.31 8.59
N THR A 62 -6.90 -0.01 8.40
CA THR A 62 -7.91 1.00 8.65
C THR A 62 -9.04 0.86 7.64
N HIS A 63 -8.89 -0.07 6.69
CA HIS A 63 -9.90 -0.29 5.68
C HIS A 63 -10.67 -1.56 5.97
N VAL A 64 -10.03 -2.72 5.76
CA VAL A 64 -10.66 -3.99 6.01
C VAL A 64 -9.87 -4.76 7.06
N GLU A 65 -10.21 -6.04 7.25
CA GLU A 65 -9.53 -6.87 8.22
C GLU A 65 -9.50 -8.31 7.74
N GLY A 66 -8.71 -9.15 8.42
CA GLY A 66 -8.59 -10.55 8.06
C GLY A 66 -7.20 -11.06 8.37
N PHE A 67 -6.25 -10.13 8.55
CA PHE A 67 -4.88 -10.50 8.85
C PHE A 67 -4.73 -10.76 10.34
N LYS A 68 -4.01 -11.84 10.69
CA LYS A 68 -3.81 -12.18 12.08
C LYS A 68 -3.56 -10.92 12.91
N GLU A 69 -2.57 -10.13 12.50
CA GLU A 69 -2.23 -8.91 13.19
C GLU A 69 -1.34 -8.04 12.32
N ARG A 70 -0.84 -6.93 12.89
CA ARG A 70 0.02 -6.03 12.16
C ARG A 70 1.02 -6.82 11.33
N ARG A 71 1.37 -8.03 11.79
CA ARG A 71 2.30 -8.88 11.08
C ARG A 71 1.71 -9.29 9.74
N GLU A 72 0.74 -10.19 9.76
CA GLU A 72 0.10 -10.65 8.54
C GLU A 72 -0.17 -9.48 7.62
N ALA A 73 -0.60 -8.35 8.19
CA ALA A 73 -0.89 -7.16 7.41
C ALA A 73 0.35 -6.76 6.61
N ARG A 74 1.48 -6.60 7.31
CA ARG A 74 2.72 -6.20 6.66
C ARG A 74 3.13 -7.27 5.65
N LYS A 75 2.68 -8.51 5.87
CA LYS A 75 3.01 -9.60 4.99
C LYS A 75 2.26 -9.44 3.66
N TYR A 76 1.01 -8.97 3.74
CA TYR A 76 0.20 -8.78 2.56
C TYR A 76 0.75 -7.62 1.75
N ALA A 77 1.07 -6.51 2.42
CA ALA A 77 1.59 -5.33 1.76
C ALA A 77 2.89 -5.69 1.03
N SER A 78 3.82 -6.31 1.74
CA SER A 78 5.09 -6.71 1.16
C SER A 78 4.84 -7.57 -0.08
N SER A 79 3.97 -8.56 0.05
CA SER A 79 3.65 -9.44 -1.06
C SER A 79 2.94 -8.66 -2.16
N MET A 80 2.30 -7.56 -1.78
CA MET A 80 1.58 -6.72 -2.74
C MET A 80 2.58 -5.98 -3.62
N LEU A 81 3.68 -5.52 -3.01
CA LEU A 81 4.70 -4.79 -3.74
C LEU A 81 5.50 -5.75 -4.61
N LYS A 82 6.05 -6.81 -4.00
CA LYS A 82 6.83 -7.78 -4.72
C LYS A 82 6.11 -8.18 -6.00
N HIS A 83 4.78 -8.23 -5.95
CA HIS A 83 3.98 -8.59 -7.11
C HIS A 83 4.30 -7.65 -8.27
N GLY A 84 4.67 -6.42 -7.95
CA GLY A 84 5.01 -5.44 -8.98
C GLY A 84 3.93 -4.35 -9.02
N PHE A 85 3.29 -4.11 -7.88
CA PHE A 85 2.25 -3.09 -7.81
C PHE A 85 2.78 -1.87 -7.07
N LEU A 86 4.07 -1.88 -6.75
CA LEU A 86 4.69 -0.77 -6.05
C LEU A 86 6.07 -0.48 -6.64
N ARG A 87 6.47 0.79 -6.65
CA ARG A 87 7.76 1.18 -7.19
C ARG A 87 8.59 1.86 -6.11
N HIS A 88 9.84 1.43 -5.95
CA HIS A 88 10.72 1.98 -4.95
C HIS A 88 11.75 2.89 -5.62
N THR A 89 13.00 2.83 -5.14
CA THR A 89 14.06 3.64 -5.69
C THR A 89 15.23 2.76 -6.10
N VAL A 90 15.09 1.44 -5.91
CA VAL A 90 16.14 0.50 -6.25
C VAL A 90 15.87 -0.09 -7.62
N ASN A 91 16.85 -0.82 -8.17
CA ASN A 91 16.71 -1.42 -9.47
C ASN A 91 15.47 -2.30 -9.51
N LYS A 92 15.37 -3.23 -8.56
CA LYS A 92 14.22 -4.13 -8.48
C LYS A 92 13.10 -3.46 -7.70
N ILE A 93 12.79 -4.02 -6.54
CA ILE A 93 11.73 -3.48 -5.69
C ILE A 93 12.16 -3.53 -4.23
N THR A 94 12.07 -4.71 -3.62
CA THR A 94 12.45 -4.86 -2.23
C THR A 94 11.62 -3.95 -1.35
N PHE A 95 10.87 -4.53 -0.41
CA PHE A 95 10.04 -3.76 0.50
C PHE A 95 10.91 -2.98 1.47
N SER A 96 10.27 -2.15 2.30
CA SER A 96 10.99 -1.36 3.27
C SER A 96 10.01 -0.66 4.20
N GLU A 97 9.14 0.18 3.63
CA GLU A 97 8.15 0.90 4.40
C GLU A 97 8.80 2.10 5.07
N GLN A 98 9.77 2.71 4.40
CA GLN A 98 10.46 3.87 4.94
C GLN A 98 10.66 4.91 3.85
N CYS A 99 11.12 4.46 2.67
CA CYS A 99 11.36 5.34 1.55
C CYS A 99 10.09 5.46 0.72
N TYR A 100 9.30 6.51 0.97
CA TYR A 100 8.06 6.72 0.24
C TYR A 100 8.21 6.21 -1.18
N TYR A 101 7.26 5.38 -1.62
CA TYR A 101 7.29 4.82 -2.96
C TYR A 101 6.03 5.21 -3.71
N VAL A 102 5.88 4.71 -4.93
CA VAL A 102 4.71 5.01 -5.75
C VAL A 102 4.32 3.77 -6.56
N PHE A 103 3.02 3.48 -6.60
CA PHE A 103 2.53 2.33 -7.34
C PHE A 103 3.27 2.22 -8.66
N GLY A 104 3.18 1.04 -9.30
CA GLY A 104 3.84 0.81 -10.56
C GLY A 104 2.98 -0.07 -11.46
N ASP A 105 3.61 -0.72 -12.45
CA ASP A 105 2.90 -1.59 -13.37
C ASP A 105 3.87 -2.14 -14.40
N GLU A 12 -13.46 -1.30 4.72
CA GLU A 12 -13.13 -2.68 4.42
C GLU A 12 -14.39 -3.50 4.26
N ALA A 13 -14.34 -4.52 3.40
CA ALA A 13 -15.49 -5.38 3.16
C ALA A 13 -15.24 -6.24 1.93
N PRO A 14 -14.89 -5.59 0.81
CA PRO A 14 -14.62 -6.25 -0.45
C PRO A 14 -13.29 -6.97 -0.38
N LEU A 15 -12.56 -6.76 0.71
CA LEU A 15 -11.27 -7.39 0.91
C LEU A 15 -11.20 -8.03 2.29
N THR A 16 -10.11 -8.75 2.56
CA THR A 16 -9.93 -9.41 3.84
C THR A 16 -8.46 -9.54 4.15
N VAL A 17 -7.67 -10.00 3.18
CA VAL A 17 -6.25 -10.16 3.35
C VAL A 17 -5.68 -10.99 2.21
N LYS A 18 -6.47 -11.94 1.70
CA LYS A 18 -6.04 -12.79 0.61
C LYS A 18 -6.53 -12.21 -0.71
N SER A 19 -7.25 -11.11 -0.64
CA SER A 19 -7.77 -10.46 -1.83
C SER A 19 -6.65 -10.28 -2.85
N ASP A 20 -6.96 -10.54 -4.13
CA ASP A 20 -5.99 -10.42 -5.19
C ASP A 20 -5.11 -9.20 -4.94
N MET A 21 -3.80 -9.43 -4.79
CA MET A 21 -2.86 -8.34 -4.54
C MET A 21 -3.16 -7.18 -5.47
N SER A 22 -3.41 -7.48 -6.75
CA SER A 22 -3.71 -6.46 -7.73
C SER A 22 -5.01 -5.75 -7.36
N ALA A 23 -5.95 -6.50 -6.76
CA ALA A 23 -7.22 -5.94 -6.36
C ALA A 23 -7.03 -5.03 -5.15
N ILE A 24 -6.08 -5.38 -4.28
CA ILE A 24 -5.80 -4.60 -3.10
C ILE A 24 -5.20 -3.26 -3.48
N VAL A 25 -4.06 -3.30 -4.19
CA VAL A 25 -3.40 -2.08 -4.62
C VAL A 25 -4.36 -1.23 -5.43
N ARG A 26 -5.13 -1.87 -6.31
CA ARG A 26 -6.09 -1.15 -7.14
C ARG A 26 -7.05 -0.38 -6.26
N VAL A 27 -7.59 -1.03 -5.23
CA VAL A 27 -8.53 -0.41 -4.32
C VAL A 27 -7.91 0.86 -3.75
N MET A 28 -6.74 0.73 -3.13
CA MET A 28 -6.06 1.87 -2.54
C MET A 28 -5.99 3.00 -3.54
N GLN A 29 -5.70 2.67 -4.80
CA GLN A 29 -5.59 3.67 -5.85
C GLN A 29 -6.92 4.42 -5.97
N LEU A 30 -8.02 3.68 -6.04
CA LEU A 30 -9.34 4.27 -6.16
C LEU A 30 -9.42 5.53 -5.31
N PRO A 31 -9.99 6.60 -5.87
CA PRO A 31 -10.15 7.88 -5.22
C PRO A 31 -11.23 7.78 -4.15
N ASP A 32 -11.86 6.60 -4.05
CA ASP A 32 -12.91 6.38 -3.08
C ASP A 32 -12.56 5.19 -2.21
N SER A 33 -11.27 4.99 -1.95
CA SER A 33 -10.81 3.88 -1.12
C SER A 33 -10.60 4.36 0.31
N GLY A 34 -9.69 5.33 0.48
CA GLY A 34 -9.40 5.87 1.80
C GLY A 34 -7.93 6.25 1.89
N LEU A 35 -7.06 5.53 1.17
CA LEU A 35 -5.65 5.81 1.17
C LEU A 35 -5.32 6.86 0.11
N GLU A 36 -5.84 6.66 -1.11
CA GLU A 36 -5.61 7.59 -2.19
C GLU A 36 -4.12 7.69 -2.47
N ILE A 37 -3.70 7.31 -3.68
CA ILE A 37 -2.30 7.36 -4.07
C ILE A 37 -2.12 8.40 -5.17
N ARG A 38 -1.62 9.58 -4.81
CA ARG A 38 -1.40 10.65 -5.76
C ARG A 38 -0.87 11.89 -5.05
N ASP A 39 -1.34 12.10 -3.81
CA ASP A 39 -0.91 13.25 -3.03
C ASP A 39 -0.89 12.88 -1.56
N ARG A 40 0.22 13.16 -0.88
CA ARG A 40 0.37 12.86 0.53
C ARG A 40 1.43 13.76 1.15
N MET A 41 1.67 13.59 2.45
CA MET A 41 2.66 14.39 3.14
C MET A 41 3.71 13.48 3.78
N TRP A 42 4.96 13.95 3.83
CA TRP A 42 6.04 13.19 4.41
C TRP A 42 7.23 14.09 4.68
N LEU A 43 7.85 13.93 5.86
CA LEU A 43 8.99 14.73 6.24
C LEU A 43 8.56 16.17 6.47
N LYS A 44 7.25 16.40 6.54
CA LYS A 44 6.72 17.73 6.77
C LYS A 44 6.60 18.46 5.44
N ILE A 45 6.64 17.72 4.34
CA ILE A 45 6.54 18.30 3.01
C ILE A 45 5.32 17.74 2.29
N THR A 46 5.11 18.17 1.06
CA THR A 46 3.99 17.69 0.27
C THR A 46 4.47 17.15 -1.07
N ILE A 47 4.02 15.95 -1.43
CA ILE A 47 4.40 15.33 -2.68
C ILE A 47 3.17 14.96 -3.49
N ALA A 48 3.29 14.95 -4.81
CA ALA A 48 2.19 14.61 -5.69
C ALA A 48 2.26 13.14 -6.06
N ASN A 49 2.44 12.26 -5.07
CA ASN A 49 2.52 10.84 -5.31
C ASN A 49 3.34 10.18 -4.21
N ALA A 50 2.68 9.76 -3.13
CA ALA A 50 3.35 9.11 -2.03
C ALA A 50 2.40 8.16 -1.32
N VAL A 51 2.95 7.15 -0.65
CA VAL A 51 2.14 6.17 0.06
C VAL A 51 3.04 5.08 0.61
N ILE A 52 3.83 4.46 -0.27
CA ILE A 52 4.73 3.40 0.14
C ILE A 52 3.96 2.32 0.89
N GLY A 53 4.63 1.21 1.20
CA GLY A 53 3.99 0.11 1.91
C GLY A 53 3.46 0.59 3.25
N ALA A 54 4.13 1.59 3.84
CA ALA A 54 3.72 2.13 5.12
C ALA A 54 2.24 2.49 5.08
N ASP A 55 1.87 3.42 4.19
CA ASP A 55 0.50 3.85 4.06
C ASP A 55 -0.36 2.69 3.58
N VAL A 56 0.09 2.00 2.53
CA VAL A 56 -0.62 0.88 1.98
C VAL A 56 -1.05 -0.06 3.09
N VAL A 57 -0.21 -0.17 4.13
CA VAL A 57 -0.49 -1.05 5.25
C VAL A 57 -1.49 -0.36 6.18
N ASP A 58 -1.08 0.77 6.76
CA ASP A 58 -1.94 1.50 7.68
C ASP A 58 -3.36 1.54 7.12
N TRP A 59 -3.49 1.48 5.79
CA TRP A 59 -4.79 1.51 5.16
C TRP A 59 -5.45 0.14 5.27
N LEU A 60 -4.87 -0.86 4.58
CA LEU A 60 -5.40 -2.21 4.60
C LEU A 60 -5.99 -2.51 5.97
N TYR A 61 -5.33 -2.03 7.03
CA TYR A 61 -5.78 -2.26 8.38
C TYR A 61 -6.94 -1.34 8.70
N THR A 62 -6.77 -0.04 8.42
CA THR A 62 -7.81 0.94 8.67
C THR A 62 -8.90 0.82 7.62
N HIS A 63 -8.77 -0.18 6.74
CA HIS A 63 -9.75 -0.39 5.69
C HIS A 63 -10.59 -1.62 5.99
N VAL A 64 -9.99 -2.80 5.82
CA VAL A 64 -10.69 -4.05 6.09
C VAL A 64 -9.95 -4.83 7.17
N GLU A 65 -10.34 -6.09 7.37
CA GLU A 65 -9.71 -6.93 8.36
C GLU A 65 -9.55 -8.35 7.82
N GLY A 66 -8.79 -9.17 8.53
CA GLY A 66 -8.56 -10.55 8.12
C GLY A 66 -7.12 -10.95 8.39
N PHE A 67 -6.27 -9.96 8.67
CA PHE A 67 -4.87 -10.22 8.93
C PHE A 67 -4.65 -10.40 10.43
N LYS A 68 -3.95 -11.47 10.80
CA LYS A 68 -3.68 -11.77 12.20
C LYS A 68 -3.35 -10.47 12.94
N GLU A 69 -2.20 -9.88 12.62
CA GLU A 69 -1.78 -8.64 13.25
C GLU A 69 -0.90 -7.84 12.30
N ARG A 70 -0.14 -6.89 12.85
CA ARG A 70 0.74 -6.06 12.05
C ARG A 70 1.59 -6.94 11.14
N ARG A 71 1.76 -8.20 11.52
CA ARG A 71 2.54 -9.13 10.74
C ARG A 71 1.83 -9.45 9.44
N GLU A 72 0.75 -10.24 9.52
CA GLU A 72 -0.02 -10.61 8.35
C GLU A 72 -0.23 -9.39 7.46
N ALA A 73 -0.51 -8.24 8.09
CA ALA A 73 -0.74 -7.01 7.36
C ALA A 73 0.48 -6.67 6.51
N ARG A 74 1.64 -6.55 7.15
CA ARG A 74 2.87 -6.23 6.45
C ARG A 74 3.18 -7.34 5.45
N LYS A 75 2.65 -8.53 5.68
CA LYS A 75 2.88 -9.66 4.78
C LYS A 75 2.15 -9.43 3.47
N TYR A 76 0.91 -8.94 3.54
CA TYR A 76 0.13 -8.68 2.36
C TYR A 76 0.73 -7.52 1.57
N ALA A 77 0.97 -6.39 2.25
CA ALA A 77 1.55 -5.24 1.62
C ALA A 77 2.82 -5.61 0.89
N SER A 78 3.72 -6.32 1.59
CA SER A 78 4.97 -6.74 1.00
C SER A 78 4.71 -7.62 -0.21
N SER A 79 3.73 -8.52 -0.09
CA SER A 79 3.40 -9.42 -1.18
C SER A 79 2.87 -8.61 -2.36
N MET A 80 2.23 -7.48 -2.08
CA MET A 80 1.69 -6.63 -3.12
C MET A 80 2.82 -5.95 -3.88
N LEU A 81 3.86 -5.52 -3.15
CA LEU A 81 4.99 -4.86 -3.75
C LEU A 81 5.69 -5.82 -4.71
N LYS A 82 6.03 -7.02 -4.23
CA LYS A 82 6.70 -8.01 -5.04
C LYS A 82 5.93 -8.22 -6.34
N HIS A 83 4.63 -8.50 -6.23
CA HIS A 83 3.79 -8.72 -7.38
C HIS A 83 4.08 -7.67 -8.46
N GLY A 84 4.55 -6.49 -8.02
CA GLY A 84 4.86 -5.41 -8.94
C GLY A 84 3.73 -4.40 -8.96
N PHE A 85 2.88 -4.41 -7.93
CA PHE A 85 1.77 -3.49 -7.83
C PHE A 85 2.22 -2.19 -7.18
N LEU A 86 3.51 -2.11 -6.85
CA LEU A 86 4.06 -0.93 -6.22
C LEU A 86 5.42 -0.60 -6.82
N ARG A 87 5.76 0.69 -6.86
CA ARG A 87 7.01 1.13 -7.43
C ARG A 87 7.83 1.86 -6.36
N HIS A 88 9.06 1.39 -6.14
CA HIS A 88 9.92 1.99 -5.14
C HIS A 88 11.10 2.68 -5.83
N THR A 89 12.09 3.09 -5.04
CA THR A 89 13.26 3.77 -5.58
C THR A 89 14.51 2.93 -5.31
N VAL A 90 14.35 1.61 -5.34
CA VAL A 90 15.46 0.70 -5.10
C VAL A 90 15.87 0.03 -6.41
N ASN A 91 16.85 -0.87 -6.34
CA ASN A 91 17.33 -1.57 -7.52
C ASN A 91 16.14 -2.03 -8.35
N LYS A 92 15.16 -2.65 -7.70
CA LYS A 92 13.98 -3.15 -8.39
C LYS A 92 12.73 -2.71 -7.65
N ILE A 93 12.50 -3.29 -6.47
CA ILE A 93 11.34 -2.95 -5.66
C ILE A 93 11.63 -3.24 -4.20
N THR A 94 11.80 -4.52 -3.86
CA THR A 94 12.08 -4.92 -2.50
C THR A 94 11.29 -4.05 -1.53
N PHE A 95 10.08 -4.49 -1.16
CA PHE A 95 9.25 -3.76 -0.25
C PHE A 95 10.09 -3.18 0.88
N SER A 96 9.58 -2.13 1.53
CA SER A 96 10.28 -1.48 2.62
C SER A 96 9.29 -0.99 3.66
N GLU A 97 8.54 0.06 3.32
CA GLU A 97 7.56 0.63 4.22
C GLU A 97 8.24 1.58 5.21
N GLN A 98 8.99 2.54 4.67
CA GLN A 98 9.69 3.51 5.50
C GLN A 98 9.86 4.81 4.73
N CYS A 99 10.50 4.75 3.56
CA CYS A 99 10.73 5.91 2.74
C CYS A 99 9.41 6.38 2.14
N TYR A 100 9.43 6.82 0.88
CA TYR A 100 8.25 7.29 0.21
C TYR A 100 8.21 6.75 -1.22
N TYR A 101 7.22 5.89 -1.50
CA TYR A 101 7.09 5.30 -2.81
C TYR A 101 5.70 5.60 -3.37
N VAL A 102 5.39 5.06 -4.55
CA VAL A 102 4.10 5.27 -5.18
C VAL A 102 3.74 4.05 -6.01
N PHE A 103 2.43 3.77 -6.12
CA PHE A 103 1.96 2.63 -6.88
C PHE A 103 2.75 2.52 -8.18
N GLY A 104 2.63 1.37 -8.85
CA GLY A 104 3.33 1.15 -10.10
C GLY A 104 2.42 0.43 -11.09
N ASP A 105 2.97 0.10 -12.26
CA ASP A 105 2.22 -0.59 -13.29
C ASP A 105 3.15 -1.10 -14.37
N GLU A 12 -16.80 -5.11 6.70
CA GLU A 12 -15.40 -5.24 6.33
C GLU A 12 -15.23 -4.95 4.85
N ALA A 13 -14.10 -4.32 4.49
CA ALA A 13 -13.82 -3.99 3.11
C ALA A 13 -14.17 -5.17 2.22
N PRO A 14 -14.19 -4.94 0.90
CA PRO A 14 -14.50 -5.94 -0.10
C PRO A 14 -13.33 -6.91 -0.22
N LEU A 15 -12.31 -6.73 0.61
CA LEU A 15 -11.14 -7.59 0.59
C LEU A 15 -11.01 -8.32 1.92
N THR A 16 -9.87 -8.98 2.14
CA THR A 16 -9.63 -9.71 3.36
C THR A 16 -8.14 -9.72 3.68
N VAL A 17 -7.32 -10.10 2.68
CA VAL A 17 -5.89 -10.16 2.85
C VAL A 17 -5.26 -10.88 1.67
N LYS A 18 -5.99 -11.84 1.10
CA LYS A 18 -5.50 -12.61 -0.03
C LYS A 18 -6.09 -12.05 -1.32
N SER A 19 -7.06 -11.15 -1.20
CA SER A 19 -7.70 -10.55 -2.34
C SER A 19 -6.66 -10.25 -3.42
N ASP A 20 -7.06 -10.41 -4.69
CA ASP A 20 -6.17 -10.15 -5.80
C ASP A 20 -5.30 -8.94 -5.50
N MET A 21 -3.99 -9.15 -5.38
CA MET A 21 -3.06 -8.08 -5.10
C MET A 21 -3.38 -6.88 -5.98
N SER A 22 -3.76 -7.14 -7.23
CA SER A 22 -4.08 -6.08 -8.16
C SER A 22 -5.35 -5.36 -7.71
N ALA A 23 -6.29 -6.11 -7.12
CA ALA A 23 -7.53 -5.56 -6.64
C ALA A 23 -7.28 -4.72 -5.39
N ILE A 24 -6.30 -5.14 -4.58
CA ILE A 24 -5.95 -4.44 -3.37
C ILE A 24 -5.35 -3.08 -3.70
N VAL A 25 -4.26 -3.08 -4.47
CA VAL A 25 -3.60 -1.86 -4.86
C VAL A 25 -4.57 -0.97 -5.64
N ARG A 26 -5.34 -1.58 -6.53
CA ARG A 26 -6.30 -0.84 -7.34
C ARG A 26 -7.24 -0.06 -6.43
N VAL A 27 -7.76 -0.73 -5.39
CA VAL A 27 -8.65 -0.08 -4.45
C VAL A 27 -7.97 1.13 -3.82
N MET A 28 -6.87 0.90 -3.11
CA MET A 28 -6.14 1.97 -2.47
C MET A 28 -5.95 3.12 -3.44
N GLN A 29 -5.77 2.80 -4.72
CA GLN A 29 -5.58 3.80 -5.75
C GLN A 29 -6.84 4.63 -5.90
N LEU A 30 -7.99 3.96 -6.00
CA LEU A 30 -9.27 4.64 -6.16
C LEU A 30 -9.28 5.90 -5.30
N PRO A 31 -9.80 6.99 -5.86
CA PRO A 31 -9.89 8.28 -5.20
C PRO A 31 -10.99 8.23 -4.14
N ASP A 32 -11.63 7.07 -4.01
CA ASP A 32 -12.71 6.88 -3.05
C ASP A 32 -12.46 5.61 -2.25
N SER A 33 -11.19 5.24 -2.06
CA SER A 33 -10.84 4.06 -1.31
C SER A 33 -10.60 4.42 0.15
N GLY A 34 -9.60 5.27 0.40
CA GLY A 34 -9.29 5.68 1.75
C GLY A 34 -7.83 6.12 1.84
N LEU A 35 -6.93 5.32 1.28
CA LEU A 35 -5.52 5.63 1.30
C LEU A 35 -5.21 6.70 0.25
N GLU A 36 -5.70 6.50 -0.96
CA GLU A 36 -5.49 7.44 -2.05
C GLU A 36 -3.99 7.56 -2.33
N ILE A 37 -3.59 7.21 -3.56
CA ILE A 37 -2.19 7.28 -3.96
C ILE A 37 -2.02 8.32 -5.04
N ARG A 38 -1.46 9.48 -4.68
CA ARG A 38 -1.25 10.55 -5.63
C ARG A 38 -0.63 11.75 -4.92
N ASP A 39 -1.02 11.97 -3.67
CA ASP A 39 -0.50 13.08 -2.90
C ASP A 39 -0.37 12.67 -1.44
N ARG A 40 0.74 13.05 -0.80
CA ARG A 40 0.99 12.72 0.59
C ARG A 40 1.85 13.80 1.24
N MET A 41 2.17 13.62 2.51
CA MET A 41 2.98 14.58 3.24
C MET A 41 4.20 13.88 3.82
N TRP A 42 5.34 14.59 3.86
CA TRP A 42 6.56 14.04 4.41
C TRP A 42 7.57 15.15 4.65
N LEU A 43 8.15 15.18 5.85
CA LEU A 43 9.12 16.20 6.20
C LEU A 43 8.45 17.55 6.34
N LYS A 44 7.13 17.53 6.56
CA LYS A 44 6.37 18.76 6.71
C LYS A 44 6.16 19.41 5.34
N ILE A 45 6.30 18.63 4.28
CA ILE A 45 6.13 19.12 2.92
C ILE A 45 5.00 18.37 2.24
N THR A 46 4.72 18.72 0.98
CA THR A 46 3.66 18.08 0.23
C THR A 46 4.22 17.49 -1.06
N ILE A 47 3.84 16.25 -1.37
CA ILE A 47 4.31 15.59 -2.57
C ILE A 47 3.11 15.22 -3.45
N ALA A 48 3.38 14.87 -4.71
CA ALA A 48 2.33 14.50 -5.63
C ALA A 48 2.45 13.02 -5.99
N ASN A 49 2.58 12.18 -4.96
CA ASN A 49 2.70 10.75 -5.17
C ASN A 49 3.50 10.13 -4.03
N ALA A 50 2.81 9.38 -3.16
CA ALA A 50 3.46 8.73 -2.03
C ALA A 50 2.44 7.87 -1.29
N VAL A 51 2.94 6.84 -0.60
CA VAL A 51 2.07 5.95 0.16
C VAL A 51 2.90 4.81 0.74
N ILE A 52 3.63 4.11 -0.12
CA ILE A 52 4.46 3.00 0.31
C ILE A 52 3.62 1.98 1.07
N GLY A 53 4.21 0.83 1.39
CA GLY A 53 3.51 -0.20 2.12
C GLY A 53 2.99 0.34 3.45
N ALA A 54 3.74 1.28 4.03
CA ALA A 54 3.36 1.87 5.31
C ALA A 54 1.89 2.29 5.26
N ASP A 55 1.56 3.19 4.32
CA ASP A 55 0.20 3.66 4.19
C ASP A 55 -0.70 2.54 3.72
N VAL A 56 -0.26 1.80 2.69
CA VAL A 56 -1.02 0.70 2.14
C VAL A 56 -1.49 -0.20 3.28
N VAL A 57 -0.69 -0.29 4.34
CA VAL A 57 -1.01 -1.12 5.47
C VAL A 57 -2.06 -0.43 6.33
N ASP A 58 -1.70 0.71 6.93
CA ASP A 58 -2.60 1.45 7.77
C ASP A 58 -3.99 1.48 7.15
N TRP A 59 -4.04 1.41 5.81
CA TRP A 59 -5.31 1.42 5.09
C TRP A 59 -5.90 0.03 5.08
N LEU A 60 -5.14 -0.95 4.57
CA LEU A 60 -5.59 -2.32 4.50
C LEU A 60 -6.36 -2.68 5.77
N TYR A 61 -5.91 -2.17 6.91
CA TYR A 61 -6.56 -2.43 8.17
C TYR A 61 -7.67 -1.42 8.41
N THR A 62 -7.35 -0.13 8.22
CA THR A 62 -8.33 0.93 8.42
C THR A 62 -9.47 0.76 7.43
N HIS A 63 -9.31 -0.14 6.47
CA HIS A 63 -10.34 -0.39 5.47
C HIS A 63 -10.96 -1.77 5.70
N VAL A 64 -10.16 -2.82 5.48
CA VAL A 64 -10.63 -4.18 5.67
C VAL A 64 -9.80 -4.87 6.75
N GLU A 65 -10.01 -6.18 6.91
CA GLU A 65 -9.28 -6.95 7.90
C GLU A 65 -9.27 -8.42 7.51
N GLY A 66 -8.54 -9.23 8.28
CA GLY A 66 -8.46 -10.66 8.01
C GLY A 66 -7.10 -11.20 8.43
N PHE A 67 -6.12 -10.30 8.58
CA PHE A 67 -4.78 -10.69 8.97
C PHE A 67 -4.71 -10.84 10.49
N LYS A 68 -3.96 -11.84 10.96
CA LYS A 68 -3.82 -12.08 12.38
C LYS A 68 -3.70 -10.76 13.12
N GLU A 69 -2.70 -9.96 12.76
CA GLU A 69 -2.49 -8.68 13.40
C GLU A 69 -1.55 -7.82 12.54
N ARG A 70 -1.17 -6.65 13.07
CA ARG A 70 -0.30 -5.75 12.34
C ARG A 70 0.80 -6.54 11.66
N ARG A 71 1.17 -7.69 12.23
CA ARG A 71 2.21 -8.54 11.68
C ARG A 71 1.77 -9.05 10.31
N GLU A 72 0.83 -10.01 10.30
CA GLU A 72 0.33 -10.57 9.06
C GLU A 72 0.02 -9.46 8.07
N ALA A 73 -0.52 -8.34 8.57
CA ALA A 73 -0.86 -7.21 7.73
C ALA A 73 0.36 -6.77 6.95
N ARG A 74 1.45 -6.47 7.66
CA ARG A 74 2.68 -6.03 7.02
C ARG A 74 3.19 -7.12 6.08
N LYS A 75 2.88 -8.37 6.40
CA LYS A 75 3.32 -9.49 5.59
C LYS A 75 2.63 -9.44 4.23
N TYR A 76 1.34 -9.07 4.23
CA TYR A 76 0.58 -8.99 3.01
C TYR A 76 1.09 -7.84 2.15
N ALA A 77 1.17 -6.64 2.74
CA ALA A 77 1.65 -5.48 2.03
C ALA A 77 2.98 -5.78 1.36
N SER A 78 3.92 -6.34 2.10
CA SER A 78 5.22 -6.69 1.58
C SER A 78 5.06 -7.51 0.32
N SER A 79 4.20 -8.53 0.36
CA SER A 79 3.96 -9.39 -0.78
C SER A 79 3.26 -8.61 -1.88
N MET A 80 2.51 -7.58 -1.50
CA MET A 80 1.80 -6.76 -2.45
C MET A 80 2.79 -5.96 -3.28
N LEU A 81 3.89 -5.53 -2.65
CA LEU A 81 4.90 -4.74 -3.33
C LEU A 81 5.65 -5.64 -4.31
N LYS A 82 6.26 -6.71 -3.80
CA LYS A 82 7.00 -7.63 -4.63
C LYS A 82 6.20 -7.98 -5.88
N HIS A 83 4.87 -8.10 -5.72
CA HIS A 83 4.01 -8.43 -6.83
C HIS A 83 4.28 -7.49 -8.00
N GLY A 84 4.71 -6.26 -7.69
CA GLY A 84 5.00 -5.28 -8.73
C GLY A 84 3.93 -4.19 -8.73
N PHE A 85 2.99 -4.28 -7.78
CA PHE A 85 1.92 -3.30 -7.70
C PHE A 85 2.44 -2.02 -7.06
N LEU A 86 3.75 -1.98 -6.77
CA LEU A 86 4.37 -0.82 -6.16
C LEU A 86 5.79 -0.65 -6.70
N ARG A 87 6.16 0.59 -6.99
CA ARG A 87 7.49 0.89 -7.51
C ARG A 87 8.13 1.99 -6.69
N HIS A 88 9.43 1.85 -6.41
CA HIS A 88 10.15 2.84 -5.63
C HIS A 88 11.16 3.57 -6.52
N THR A 89 12.45 3.29 -6.30
CA THR A 89 13.50 3.93 -7.08
C THR A 89 14.54 2.89 -7.47
N VAL A 90 14.73 1.87 -6.62
CA VAL A 90 15.69 0.82 -6.88
C VAL A 90 15.36 0.14 -8.21
N ASN A 91 16.16 -0.87 -8.57
CA ASN A 91 15.94 -1.60 -9.81
C ASN A 91 14.63 -2.38 -9.73
N LYS A 92 14.60 -3.38 -8.85
CA LYS A 92 13.41 -4.20 -8.69
C LYS A 92 12.37 -3.44 -7.89
N ILE A 93 12.55 -3.39 -6.57
CA ILE A 93 11.62 -2.70 -5.69
C ILE A 93 12.10 -2.80 -4.25
N THR A 94 12.33 -4.02 -3.78
CA THR A 94 12.79 -4.24 -2.42
C THR A 94 11.89 -3.51 -1.44
N PHE A 95 10.97 -4.25 -0.81
CA PHE A 95 10.05 -3.66 0.15
C PHE A 95 10.81 -3.22 1.38
N SER A 96 10.15 -2.47 2.27
CA SER A 96 10.77 -1.98 3.49
C SER A 96 9.72 -1.34 4.38
N GLU A 97 8.91 -0.45 3.80
CA GLU A 97 7.87 0.23 4.55
C GLU A 97 8.43 1.48 5.21
N GLN A 98 9.58 1.94 4.73
CA GLN A 98 10.22 3.13 5.26
C GLN A 98 10.32 4.20 4.18
N CYS A 99 11.06 3.90 3.12
CA CYS A 99 11.24 4.83 2.02
C CYS A 99 9.96 4.91 1.20
N TYR A 100 9.14 5.94 1.48
CA TYR A 100 7.89 6.12 0.77
C TYR A 100 8.03 5.67 -0.68
N TYR A 101 7.06 4.90 -1.17
CA TYR A 101 7.09 4.41 -2.53
C TYR A 101 5.87 4.91 -3.28
N VAL A 102 5.69 4.43 -4.52
CA VAL A 102 4.56 4.83 -5.34
C VAL A 102 4.12 3.66 -6.20
N PHE A 103 2.81 3.38 -6.20
CA PHE A 103 2.27 2.29 -6.98
C PHE A 103 2.97 2.22 -8.34
N GLY A 104 2.86 1.07 -9.02
CA GLY A 104 3.48 0.89 -10.31
C GLY A 104 2.47 0.38 -11.32
N ASP A 105 2.92 0.16 -12.56
CA ASP A 105 2.05 -0.33 -13.61
C ASP A 105 2.83 -0.48 -14.90
#